data_2Q1F
#
_entry.id   2Q1F
#
_cell.length_a   223.362
_cell.length_b   223.362
_cell.length_c   112.639
_cell.angle_alpha   90.00
_cell.angle_beta   90.00
_cell.angle_gamma   120.00
#
_symmetry.space_group_name_H-M   'P 63'
#
loop_
_entity.id
_entity.type
_entity.pdbx_description
1 polymer Chondroitinase
2 non-polymer 'CALCIUM ION'
3 non-polymer 'PHOSPHATE ION'
4 water water
#
_entity_poly.entity_id   1
_entity_poly.type   'polypeptide(L)'
_entity_poly.pdbx_seq_one_letter_code
;(MSE)LILSFLCPAFLNAQIVTDER(MSE)FSFEEPQLPACITGVQSQLGISGAHYKDGKHSLEWTFEPNGRLELRKDLK
FEKKDPTGKDLYLSAFIVWIYNEQPQDAAIEFEFLKDGRKCASFPFGINFKGWRAAWVCYERD(MSE)QGTPEEG(MSE)
NELRIVAPDAKGRLFIDHLITATKVDARQQTADLQVPFVNAGTTNHWLVLYKHSLLKPDIELTPVSDKQRQE(MSE)KLL
EKRFRD(MSE)IYTKGKVTEKEAETIRKKYDLYQITYKDGQVSGVPVF(MSE)VRASEAYER(MSE)IPDWDKD(MSE)L
TK(MSE)GIE(MSE)RAYFDL(MSE)KRIAVAYNNSEAGSPIRKE(MSE)RRKFLA(MSE)YDHITDQGVAYGSCWGNIH
HYGYSVRGLYPAYFL(MSE)KDVLREEGKLLEAERTLRWYAITNEVYPKPEGNGID(MSE)DSFNTQTTGRIASIL
(MSE)(MSE)EDTPEKLQYLKSFSRWIDYGCRPAPGLAGSFKVDGGAFHHRNNYPAYAVGGLDGATN(MSE)IYLFSRTS
LAVSELAHRTVKDVLLA(MSE)RFYCNKLNFPLS(MSE)SGRHPDGKGKLVP(MSE)HYAI(MSE)AIAGTPDGKGDFDK
E(MSE)ASAYLRLVSSDSSSAEQAPEY(MSE)PKVSNAQERKIAKRLVENGFRAEPDPQGNLSLGYGCVSVQRRENWSAV
ARGHSRYLWAAEHYLGHNLYGRYLAHGSLQILTAPPGQTVTPTTSGWQQEGFDWNRIPGVTSIHLPLDLLKANVLNVDTF
SG(MSE)EE(MSE)LYSDEAFAGGLSQGK(MSE)NGNFG(MSE)KLHEHDKYNGTHRARKSFHFIDG(MSE)IVCLGSDI
ENTN(MSE)DYPTETTIFQLAVTDKAAHDYWKNNAGEGKVW(MSE)DHLGTGYYVPVAARFEKNFPQYSR(MSE)QDTGK
ETKGDWVSLIIDHGKAPKAGSYEYAILPGTDRKT(MSE)TAFAKKPAYSVLQQDRNAHILESPSDRITSYVLFETPQSLL
PGGLLQRTDTSCLV(MSE)VRKESADKVLLTVAQPDLALYRGPSDEAFDKDGKR(MSE)ERSIYSRPWIDNESGEIPVTV
TLKGRWKVVETPYCKVVSEDKKQTVLRFLCKDGASYEVELEKLEHHHHHH
;
_entity_poly.pdbx_strand_id   A,B
#
loop_
_chem_comp.id
_chem_comp.type
_chem_comp.name
_chem_comp.formula
CA non-polymer 'CALCIUM ION' 'Ca 2'
PO4 non-polymer 'PHOSPHATE ION' 'O4 P -3'
#
# COMPACT_ATOMS: atom_id res chain seq x y z
N ALA A 14 -57.39 23.52 33.29
CA ALA A 14 -57.78 22.44 32.34
C ALA A 14 -56.67 21.39 32.20
N GLN A 15 -57.09 20.14 32.03
CA GLN A 15 -56.14 19.05 31.78
C GLN A 15 -55.74 19.01 30.31
N ILE A 16 -54.44 18.88 30.06
CA ILE A 16 -53.94 18.77 28.69
C ILE A 16 -54.12 17.35 28.19
N VAL A 17 -54.75 17.21 27.02
CA VAL A 17 -55.07 15.91 26.40
C VAL A 17 -56.22 15.19 27.12
N THR A 18 -57.34 15.03 26.40
CA THR A 18 -58.48 14.26 26.90
C THR A 18 -58.62 12.99 26.06
N ASP A 19 -58.52 11.85 26.72
CA ASP A 19 -58.54 10.56 26.05
C ASP A 19 -59.16 9.50 26.95
N GLU A 20 -59.80 8.52 26.31
CA GLU A 20 -60.42 7.39 26.99
C GLU A 20 -59.41 6.58 27.82
N ARG A 21 -58.14 6.62 27.41
CA ARG A 21 -57.05 5.90 28.07
C ARG A 21 -56.39 6.77 29.13
N MSE A 22 -56.73 8.06 29.11
CA MSE A 22 -56.12 9.04 30.00
C MSE A 22 -56.96 9.25 31.25
O MSE A 22 -58.13 9.67 31.17
CB MSE A 22 -55.90 10.36 29.23
CG MSE A 22 -55.66 11.61 30.09
SE MSE A 22 -53.78 11.99 30.45
CE MSE A 22 -53.51 10.77 31.92
N PHE A 23 -56.37 8.94 32.41
CA PHE A 23 -57.01 9.17 33.71
C PHE A 23 -56.33 10.31 34.46
N SER A 24 -57.08 11.40 34.64
CA SER A 24 -56.55 12.61 35.28
C SER A 24 -57.40 13.07 36.48
N PHE A 25 -58.55 12.41 36.67
CA PHE A 25 -59.41 12.58 37.86
C PHE A 25 -59.91 14.01 38.08
N GLU A 26 -60.30 14.68 37.00
CA GLU A 26 -60.72 16.07 37.12
C GLU A 26 -62.23 16.22 37.32
N GLU A 27 -62.92 15.09 37.44
CA GLU A 27 -64.36 15.07 37.65
C GLU A 27 -64.69 14.98 39.14
N PRO A 28 -65.85 15.55 39.55
CA PRO A 28 -66.26 15.56 40.95
C PRO A 28 -66.40 14.16 41.55
N GLN A 29 -67.00 13.24 40.80
CA GLN A 29 -67.11 11.84 41.23
C GLN A 29 -65.96 11.00 40.70
N LEU A 30 -65.60 9.96 41.46
CA LEU A 30 -64.63 8.96 41.05
C LEU A 30 -65.14 8.17 39.84
N PRO A 31 -64.22 7.74 38.94
CA PRO A 31 -64.61 6.84 37.85
C PRO A 31 -65.13 5.52 38.41
N ALA A 32 -66.27 5.07 37.88
CA ALA A 32 -66.95 3.84 38.32
C ALA A 32 -66.09 2.59 38.15
N CYS A 33 -65.18 2.62 37.16
CA CYS A 33 -64.32 1.49 36.84
C CYS A 33 -63.17 1.29 37.84
N ILE A 34 -62.98 2.24 38.74
CA ILE A 34 -61.92 2.15 39.75
C ILE A 34 -62.49 1.81 41.13
N THR A 35 -62.06 0.69 41.68
CA THR A 35 -62.52 0.23 42.99
C THR A 35 -61.33 -0.05 43.91
N GLY A 36 -61.55 0.07 45.22
CA GLY A 36 -60.49 -0.12 46.21
C GLY A 36 -60.77 -1.27 47.15
N VAL A 37 -59.76 -2.11 47.36
CA VAL A 37 -59.85 -3.26 48.26
C VAL A 37 -59.02 -3.01 49.51
N GLN A 38 -59.66 -3.12 50.68
CA GLN A 38 -59.04 -2.85 51.99
C GLN A 38 -58.29 -1.50 51.96
N SER A 39 -58.93 -0.51 51.36
CA SER A 39 -58.37 0.82 51.17
C SER A 39 -59.49 1.80 50.84
N GLN A 40 -59.21 3.10 51.00
CA GLN A 40 -60.19 4.12 50.68
C GLN A 40 -59.70 5.08 49.60
N LEU A 41 -60.61 5.45 48.70
CA LEU A 41 -60.28 6.30 47.56
C LEU A 41 -61.00 7.65 47.67
N GLY A 42 -60.39 8.68 47.09
CA GLY A 42 -60.98 10.01 47.08
C GLY A 42 -60.28 10.95 46.12
N ILE A 43 -61.02 11.95 45.64
CA ILE A 43 -60.47 13.00 44.80
C ILE A 43 -59.86 14.06 45.70
N SER A 44 -58.58 14.33 45.51
CA SER A 44 -57.85 15.30 46.32
C SER A 44 -57.29 16.45 45.49
N GLY A 45 -57.34 17.66 46.05
CA GLY A 45 -56.78 18.85 45.40
C GLY A 45 -55.47 19.28 46.02
N ALA A 46 -54.92 18.44 46.90
CA ALA A 46 -53.69 18.74 47.62
C ALA A 46 -52.45 18.56 46.76
N HIS A 47 -52.52 17.63 45.82
CA HIS A 47 -51.42 17.35 44.89
C HIS A 47 -51.97 17.04 43.51
N TYR A 48 -51.27 17.46 42.46
CA TYR A 48 -51.72 17.25 41.08
C TYR A 48 -50.58 17.43 40.07
N LYS A 49 -50.53 16.54 39.09
CA LYS A 49 -49.52 16.63 38.03
C LYS A 49 -50.12 17.16 36.71
N ASP A 50 -51.43 17.05 36.57
CA ASP A 50 -52.15 17.76 35.53
C ASP A 50 -53.58 18.07 35.98
N GLY A 51 -54.13 19.14 35.43
CA GLY A 51 -55.41 19.65 35.91
C GLY A 51 -55.19 20.27 37.27
N LYS A 52 -56.05 19.91 38.22
CA LYS A 52 -56.03 20.51 39.53
C LYS A 52 -56.33 19.48 40.62
N HIS A 53 -56.43 18.21 40.22
CA HIS A 53 -56.81 17.13 41.12
C HIS A 53 -56.00 15.84 40.91
N SER A 54 -56.01 14.98 41.92
CA SER A 54 -55.41 13.65 41.81
C SER A 54 -56.22 12.63 42.63
N LEU A 55 -55.89 11.35 42.45
CA LEU A 55 -56.54 10.28 43.16
C LEU A 55 -55.80 9.93 44.46
N GLU A 56 -56.44 10.21 45.58
CA GLU A 56 -55.89 9.87 46.89
C GLU A 56 -56.22 8.41 47.20
N TRP A 57 -55.17 7.60 47.28
CA TRP A 57 -55.32 6.19 47.59
C TRP A 57 -54.72 5.89 48.96
N THR A 58 -55.58 5.86 49.98
CA THR A 58 -55.16 5.58 51.35
C THR A 58 -55.37 4.10 51.65
N PHE A 59 -54.27 3.38 51.87
CA PHE A 59 -54.33 1.92 51.96
C PHE A 59 -53.97 1.34 53.32
N GLU A 60 -54.59 0.19 53.63
CA GLU A 60 -54.18 -0.66 54.74
C GLU A 60 -53.15 -1.65 54.18
N PRO A 61 -52.42 -2.37 55.07
CA PRO A 61 -51.39 -3.29 54.58
C PRO A 61 -51.94 -4.27 53.54
N ASN A 62 -51.26 -4.35 52.39
CA ASN A 62 -51.60 -5.27 51.30
C ASN A 62 -52.91 -4.95 50.57
N GLY A 63 -53.36 -3.69 50.67
CA GLY A 63 -54.56 -3.23 49.97
C GLY A 63 -54.34 -3.05 48.48
N ARG A 64 -55.40 -3.24 47.70
CA ARG A 64 -55.33 -3.14 46.25
C ARG A 64 -56.11 -1.94 45.72
N LEU A 65 -55.63 -1.38 44.61
CA LEU A 65 -56.42 -0.44 43.81
C LEU A 65 -56.67 -1.09 42.46
N GLU A 66 -57.95 -1.24 42.10
CA GLU A 66 -58.31 -1.95 40.89
C GLU A 66 -58.98 -1.05 39.86
N LEU A 67 -58.40 -1.00 38.67
CA LEU A 67 -58.97 -0.25 37.56
C LEU A 67 -59.46 -1.25 36.51
N ARG A 68 -60.78 -1.37 36.39
CA ARG A 68 -61.38 -2.34 35.46
C ARG A 68 -61.89 -1.68 34.17
N LYS A 69 -60.99 -1.59 33.20
CA LYS A 69 -61.28 -1.01 31.89
C LYS A 69 -60.33 -1.63 30.87
N ASP A 70 -60.80 -1.73 29.62
CA ASP A 70 -59.95 -2.17 28.51
C ASP A 70 -58.70 -1.28 28.45
N LEU A 71 -57.54 -1.88 28.72
CA LEU A 71 -56.28 -1.13 28.82
C LEU A 71 -55.79 -0.60 27.46
N LYS A 72 -56.35 -1.18 26.39
CA LYS A 72 -56.05 -0.81 25.00
C LYS A 72 -54.57 -0.89 24.64
N PHE A 73 -53.93 -1.95 25.13
CA PHE A 73 -52.56 -2.28 24.76
C PHE A 73 -52.53 -2.84 23.34
N GLU A 74 -51.57 -2.39 22.55
CA GLU A 74 -51.36 -2.95 21.22
C GLU A 74 -49.95 -3.49 21.06
N LYS A 75 -49.86 -4.69 20.50
CA LYS A 75 -48.59 -5.36 20.20
C LYS A 75 -47.75 -4.53 19.22
N LYS A 76 -46.43 -4.62 19.36
CA LYS A 76 -45.51 -3.95 18.44
C LYS A 76 -45.73 -4.37 16.98
N ASP A 77 -45.40 -3.46 16.07
CA ASP A 77 -45.55 -3.68 14.63
C ASP A 77 -44.78 -4.94 14.20
N PRO A 78 -45.51 -5.98 13.73
CA PRO A 78 -44.86 -7.23 13.34
C PRO A 78 -43.92 -7.10 12.14
N THR A 79 -44.12 -6.10 11.30
CA THR A 79 -43.28 -5.89 10.11
C THR A 79 -41.92 -5.27 10.44
N GLY A 80 -41.86 -4.54 11.55
CA GLY A 80 -40.64 -3.86 11.97
C GLY A 80 -40.49 -2.45 11.43
N LYS A 81 -41.42 -2.04 10.56
CA LYS A 81 -41.48 -0.68 10.03
C LYS A 81 -41.58 0.36 11.14
N ASP A 82 -42.50 0.14 12.07
CA ASP A 82 -42.72 1.03 13.20
C ASP A 82 -42.03 0.46 14.43
N LEU A 83 -41.15 1.25 15.03
CA LEU A 83 -40.35 0.79 16.16
C LEU A 83 -40.92 1.20 17.53
N TYR A 84 -41.99 1.99 17.52
CA TYR A 84 -42.61 2.47 18.75
C TYR A 84 -43.20 1.32 19.56
N LEU A 85 -43.00 1.37 20.87
CA LEU A 85 -43.52 0.37 21.78
C LEU A 85 -44.63 0.95 22.67
N SER A 86 -45.65 0.14 22.93
CA SER A 86 -46.75 0.53 23.81
C SER A 86 -46.28 0.64 25.26
N ALA A 87 -46.59 1.76 25.90
CA ALA A 87 -46.11 2.00 27.24
C ALA A 87 -47.21 2.41 28.23
N PHE A 88 -47.00 2.04 29.49
CA PHE A 88 -47.83 2.48 30.59
C PHE A 88 -47.13 3.67 31.25
N ILE A 89 -47.91 4.72 31.56
CA ILE A 89 -47.37 5.96 32.11
C ILE A 89 -48.15 6.42 33.34
N VAL A 90 -47.44 6.65 34.45
CA VAL A 90 -48.05 7.24 35.65
C VAL A 90 -47.15 8.24 36.36
N TRP A 91 -47.80 9.11 37.14
CA TRP A 91 -47.14 9.93 38.15
C TRP A 91 -47.67 9.55 39.52
N ILE A 92 -46.77 9.20 40.44
CA ILE A 92 -47.14 8.86 41.81
C ILE A 92 -46.62 9.93 42.77
N TYR A 93 -47.45 10.30 43.73
CA TYR A 93 -47.05 11.23 44.79
C TYR A 93 -47.04 10.55 46.14
N ASN A 94 -46.00 10.84 46.91
CA ASN A 94 -45.87 10.33 48.27
C ASN A 94 -45.55 11.47 49.24
N GLU A 95 -46.34 11.57 50.31
CA GLU A 95 -46.08 12.55 51.36
C GLU A 95 -45.10 12.01 52.39
N GLN A 96 -45.15 10.71 52.64
CA GLN A 96 -44.32 10.02 53.62
C GLN A 96 -43.50 8.90 52.98
N PRO A 97 -42.18 9.12 52.81
CA PRO A 97 -41.33 8.10 52.17
C PRO A 97 -41.31 6.79 52.95
N GLN A 98 -41.35 5.68 52.22
CA GLN A 98 -41.28 4.34 52.81
C GLN A 98 -40.22 3.49 52.12
N ASP A 99 -39.40 2.82 52.91
CA ASP A 99 -38.39 1.89 52.40
C ASP A 99 -39.06 0.61 51.88
N ALA A 100 -39.91 0.78 50.87
CA ALA A 100 -40.74 -0.30 50.33
C ALA A 100 -41.07 -0.05 48.85
N ALA A 101 -41.84 -0.96 48.26
CA ALA A 101 -42.23 -0.85 46.85
C ALA A 101 -43.67 -1.27 46.56
N ILE A 102 -44.31 -0.50 45.70
CA ILE A 102 -45.62 -0.79 45.13
C ILE A 102 -45.45 -1.80 43.99
N GLU A 103 -46.45 -2.64 43.77
CA GLU A 103 -46.43 -3.54 42.62
C GLU A 103 -47.56 -3.18 41.65
N PHE A 104 -47.18 -3.02 40.38
CA PHE A 104 -48.15 -2.77 39.31
C PHE A 104 -48.45 -4.07 38.59
N GLU A 105 -49.72 -4.45 38.55
CA GLU A 105 -50.15 -5.71 37.95
C GLU A 105 -51.16 -5.48 36.84
N PHE A 106 -50.98 -6.20 35.73
CA PHE A 106 -51.83 -6.05 34.57
C PHE A 106 -52.46 -7.39 34.23
N LEU A 107 -53.79 -7.43 34.18
CA LEU A 107 -54.50 -8.71 34.06
C LEU A 107 -55.51 -8.73 32.91
N LYS A 108 -55.63 -9.90 32.30
CA LYS A 108 -56.71 -10.16 31.34
C LYS A 108 -57.74 -11.07 32.01
N ASP A 109 -58.95 -10.52 32.17
CA ASP A 109 -60.04 -11.16 32.90
C ASP A 109 -59.66 -11.54 34.35
N GLY A 110 -58.98 -12.66 34.52
CA GLY A 110 -58.62 -13.13 35.86
C GLY A 110 -57.14 -13.11 36.17
N ARG A 111 -56.35 -13.73 35.30
CA ARG A 111 -54.93 -13.97 35.54
C ARG A 111 -54.05 -12.78 35.18
N LYS A 112 -53.00 -12.57 35.97
CA LYS A 112 -52.00 -11.54 35.68
C LYS A 112 -51.10 -12.01 34.55
N CYS A 113 -50.74 -11.07 33.68
CA CYS A 113 -49.88 -11.37 32.53
C CYS A 113 -48.54 -10.64 32.67
N ALA A 114 -48.62 -9.38 33.09
CA ALA A 114 -47.44 -8.55 33.24
C ALA A 114 -47.46 -7.78 34.56
N SER A 115 -46.28 -7.57 35.13
CA SER A 115 -46.13 -6.82 36.37
C SER A 115 -44.82 -6.04 36.41
N PHE A 116 -44.79 -4.97 37.20
CA PHE A 116 -43.54 -4.25 37.48
C PHE A 116 -43.54 -3.58 38.86
N PRO A 117 -42.40 -3.65 39.57
CA PRO A 117 -42.29 -2.99 40.87
C PRO A 117 -42.03 -1.49 40.74
N PHE A 118 -42.47 -0.72 41.74
CA PHE A 118 -42.29 0.72 41.76
C PHE A 118 -41.93 1.18 43.17
N GLY A 119 -40.68 1.61 43.36
CA GLY A 119 -40.20 2.06 44.66
C GLY A 119 -40.93 3.30 45.14
N ILE A 120 -41.19 3.38 46.44
CA ILE A 120 -41.86 4.55 47.02
C ILE A 120 -41.08 5.18 48.18
N ASN A 121 -39.76 5.14 48.08
CA ASN A 121 -38.90 5.78 49.06
C ASN A 121 -38.56 7.20 48.60
N PHE A 122 -39.60 8.02 48.47
CA PHE A 122 -39.44 9.39 48.02
C PHE A 122 -40.52 10.33 48.58
N LYS A 123 -40.24 11.63 48.51
CA LYS A 123 -41.18 12.66 48.90
C LYS A 123 -41.45 13.56 47.70
N GLY A 124 -42.69 13.61 47.26
CA GLY A 124 -43.06 14.42 46.09
C GLY A 124 -43.54 13.57 44.93
N TRP A 125 -43.48 14.15 43.73
CA TRP A 125 -43.89 13.46 42.49
C TRP A 125 -42.75 12.66 41.89
N ARG A 126 -43.05 11.43 41.45
CA ARG A 126 -42.14 10.64 40.62
C ARG A 126 -42.93 9.97 39.50
N ALA A 127 -42.29 9.83 38.34
CA ALA A 127 -42.94 9.23 37.18
C ALA A 127 -42.47 7.81 36.90
N ALA A 128 -43.20 7.12 36.03
CA ALA A 128 -42.78 5.85 35.46
C ALA A 128 -43.39 5.69 34.08
N TRP A 129 -42.53 5.63 33.07
CA TRP A 129 -42.91 5.25 31.71
C TRP A 129 -42.34 3.87 31.51
N VAL A 130 -43.20 2.86 31.40
CA VAL A 130 -42.78 1.47 31.30
C VAL A 130 -43.38 0.80 30.08
N CYS A 131 -42.52 0.27 29.21
CA CYS A 131 -42.98 -0.45 28.03
C CYS A 131 -43.38 -1.87 28.38
N TYR A 132 -44.60 -2.24 27.98
CA TYR A 132 -45.20 -3.54 28.28
C TYR A 132 -44.32 -4.73 27.89
N GLU A 133 -43.74 -4.68 26.70
CA GLU A 133 -43.03 -5.81 26.13
C GLU A 133 -41.58 -5.95 26.61
N ARG A 134 -40.91 -4.82 26.77
CA ARG A 134 -39.49 -4.80 27.09
C ARG A 134 -39.22 -4.74 28.60
N ASP A 135 -39.88 -3.81 29.28
CA ASP A 135 -39.52 -3.47 30.66
C ASP A 135 -40.30 -4.24 31.74
N MSE A 136 -41.39 -4.90 31.34
CA MSE A 136 -42.28 -5.55 32.30
C MSE A 136 -41.96 -7.02 32.50
O MSE A 136 -41.50 -7.70 31.57
CB MSE A 136 -43.75 -5.37 31.89
CG MSE A 136 -44.17 -3.91 31.75
SE MSE A 136 -46.09 -3.61 32.02
CE MSE A 136 -46.21 -4.52 33.71
N GLN A 137 -42.24 -7.51 33.71
CA GLN A 137 -42.09 -8.92 34.05
C GLN A 137 -43.25 -9.69 33.44
N GLY A 138 -42.97 -10.88 32.91
CA GLY A 138 -43.99 -11.69 32.26
C GLY A 138 -44.19 -11.36 30.80
N THR A 139 -45.41 -11.55 30.31
CA THR A 139 -45.74 -11.34 28.90
C THR A 139 -47.09 -10.63 28.73
N PRO A 140 -47.09 -9.44 28.11
CA PRO A 140 -48.35 -8.70 27.89
C PRO A 140 -49.21 -9.31 26.79
N GLU A 141 -50.53 -9.18 26.93
CA GLU A 141 -51.48 -9.75 25.99
C GLU A 141 -52.48 -8.70 25.51
N GLU A 142 -52.77 -8.72 24.22
CA GLU A 142 -53.75 -7.81 23.65
C GLU A 142 -55.15 -8.18 24.15
N GLY A 143 -55.79 -7.24 24.83
CA GLY A 143 -57.13 -7.44 25.36
C GLY A 143 -57.22 -7.54 26.87
N MSE A 144 -56.12 -7.23 27.56
CA MSE A 144 -56.13 -7.20 29.02
C MSE A 144 -56.91 -5.99 29.53
O MSE A 144 -56.77 -4.89 29.00
CB MSE A 144 -54.71 -7.31 29.62
CG MSE A 144 -53.67 -6.28 29.18
SE MSE A 144 -51.80 -6.89 29.42
CE MSE A 144 -52.00 -7.89 31.05
N ASN A 145 -57.75 -6.21 30.53
CA ASN A 145 -58.72 -5.21 30.97
C ASN A 145 -58.77 -4.89 32.46
N GLU A 146 -57.62 -5.01 33.12
CA GLU A 146 -57.54 -4.71 34.56
C GLU A 146 -56.17 -4.24 34.98
N LEU A 147 -56.16 -3.21 35.83
CA LEU A 147 -54.93 -2.73 36.43
C LEU A 147 -55.02 -2.85 37.95
N ARG A 148 -54.11 -3.64 38.53
CA ARG A 148 -54.00 -3.79 39.97
C ARG A 148 -52.77 -3.05 40.48
N ILE A 149 -52.94 -2.29 41.56
CA ILE A 149 -51.81 -1.66 42.23
C ILE A 149 -51.71 -2.22 43.65
N VAL A 150 -50.85 -3.21 43.84
CA VAL A 150 -50.73 -3.90 45.12
C VAL A 150 -49.77 -3.16 46.07
N ALA A 151 -50.31 -2.76 47.22
CA ALA A 151 -49.54 -2.10 48.28
C ALA A 151 -48.60 -3.09 48.97
N PRO A 152 -47.52 -2.58 49.60
CA PRO A 152 -46.63 -3.44 50.39
C PRO A 152 -47.26 -3.90 51.70
N ASP A 153 -46.52 -4.66 52.49
CA ASP A 153 -47.01 -5.20 53.75
C ASP A 153 -47.00 -4.16 54.89
N ALA A 154 -47.43 -2.93 54.56
CA ALA A 154 -47.48 -1.83 55.51
C ALA A 154 -48.55 -0.82 55.08
N LYS A 155 -49.03 -0.03 56.03
CA LYS A 155 -50.00 1.03 55.74
C LYS A 155 -49.31 2.29 55.19
N GLY A 156 -50.09 3.16 54.58
CA GLY A 156 -49.59 4.41 54.03
C GLY A 156 -50.53 5.03 53.01
N ARG A 157 -50.09 6.12 52.39
CA ARG A 157 -50.91 6.86 51.45
C ARG A 157 -50.11 7.28 50.22
N LEU A 158 -50.76 7.22 49.05
CA LEU A 158 -50.17 7.70 47.81
C LEU A 158 -51.22 8.44 46.98
N PHE A 159 -50.76 9.44 46.23
CA PHE A 159 -51.63 10.14 45.28
C PHE A 159 -51.25 9.77 43.86
N ILE A 160 -52.25 9.44 43.06
CA ILE A 160 -52.06 9.01 41.67
C ILE A 160 -52.64 10.03 40.69
N ASP A 161 -51.85 10.42 39.70
CA ASP A 161 -52.32 11.32 38.65
C ASP A 161 -51.59 11.03 37.33
N HIS A 162 -52.14 11.54 36.23
CA HIS A 162 -51.54 11.40 34.90
C HIS A 162 -51.33 9.93 34.55
N LEU A 163 -52.42 9.15 34.59
CA LEU A 163 -52.34 7.73 34.29
C LEU A 163 -52.81 7.45 32.85
N ILE A 164 -51.88 7.04 32.01
CA ILE A 164 -52.23 6.55 30.68
C ILE A 164 -52.05 5.03 30.67
N THR A 165 -53.14 4.31 30.39
CA THR A 165 -53.12 2.84 30.43
C THR A 165 -52.10 2.28 29.44
N ALA A 166 -52.29 2.57 28.16
CA ALA A 166 -51.37 2.12 27.11
C ALA A 166 -51.39 3.04 25.92
N THR A 167 -50.21 3.40 25.43
CA THR A 167 -50.08 4.18 24.20
C THR A 167 -48.70 3.97 23.57
N LYS A 168 -48.65 4.00 22.24
CA LYS A 168 -47.39 3.81 21.52
C LYS A 168 -46.46 5.00 21.73
N VAL A 169 -45.20 4.70 22.01
CA VAL A 169 -44.22 5.70 22.42
C VAL A 169 -42.83 5.37 21.83
N ASP A 170 -42.06 6.41 21.49
CA ASP A 170 -40.67 6.25 21.06
C ASP A 170 -39.90 5.41 22.08
N ALA A 171 -39.57 4.19 21.67
CA ALA A 171 -39.04 3.16 22.56
C ALA A 171 -37.61 3.41 23.04
N ARG A 172 -36.91 4.35 22.44
CA ARG A 172 -35.52 4.63 22.79
C ARG A 172 -35.35 5.38 24.11
N GLN A 173 -36.41 6.07 24.54
CA GLN A 173 -36.28 7.23 25.44
C GLN A 173 -36.62 7.04 26.92
N GLN A 174 -37.35 5.97 27.26
CA GLN A 174 -37.69 5.73 28.67
C GLN A 174 -36.47 5.44 29.52
N THR A 175 -36.38 6.15 30.65
CA THR A 175 -35.18 6.15 31.47
C THR A 175 -35.43 5.56 32.85
N ALA A 176 -34.41 4.85 33.36
CA ALA A 176 -34.46 4.24 34.68
C ALA A 176 -34.05 5.23 35.77
N ASP A 177 -34.59 5.04 36.97
CA ASP A 177 -34.18 5.79 38.15
C ASP A 177 -34.34 4.94 39.41
N LEU A 178 -34.32 5.58 40.57
CA LEU A 178 -34.43 4.87 41.86
C LEU A 178 -35.75 4.13 42.06
N GLN A 179 -36.81 4.63 41.42
CA GLN A 179 -38.13 4.00 41.50
C GLN A 179 -38.29 2.86 40.50
N VAL A 180 -37.70 3.00 39.33
CA VAL A 180 -37.78 1.97 38.28
C VAL A 180 -36.41 1.65 37.65
N PRO A 181 -35.53 0.96 38.40
CA PRO A 181 -34.14 0.73 37.96
C PRO A 181 -34.01 -0.24 36.77
N PHE A 182 -35.06 -1.02 36.54
CA PHE A 182 -35.07 -2.07 35.51
C PHE A 182 -35.35 -1.54 34.10
N VAL A 183 -35.92 -0.35 34.00
CA VAL A 183 -36.36 0.22 32.71
C VAL A 183 -35.20 0.41 31.73
N ASN A 184 -35.46 0.06 30.48
CA ASN A 184 -34.50 0.19 29.38
C ASN A 184 -33.10 -0.31 29.75
N ALA A 185 -33.02 -1.54 30.21
CA ALA A 185 -31.76 -2.11 30.73
C ALA A 185 -30.64 -2.15 29.68
N GLY A 186 -31.03 -2.28 28.40
CA GLY A 186 -30.06 -2.41 27.31
C GLY A 186 -29.31 -1.15 26.92
N THR A 187 -29.95 0.01 27.09
CA THR A 187 -29.45 1.28 26.55
C THR A 187 -28.07 1.72 27.06
N THR A 188 -27.31 2.35 26.18
CA THR A 188 -26.03 2.97 26.52
C THR A 188 -26.05 4.46 26.18
N ASN A 189 -27.25 4.96 25.88
CA ASN A 189 -27.49 6.36 25.56
C ASN A 189 -27.00 7.28 26.68
N HIS A 190 -26.07 8.17 26.35
CA HIS A 190 -25.44 9.05 27.34
C HIS A 190 -26.43 9.92 28.11
N TRP A 191 -27.61 10.12 27.55
CA TRP A 191 -28.64 10.94 28.18
C TRP A 191 -29.35 10.20 29.31
N LEU A 192 -29.45 8.88 29.18
CA LEU A 192 -30.38 8.08 29.99
C LEU A 192 -29.72 7.31 31.13
N VAL A 193 -28.41 7.42 31.24
CA VAL A 193 -27.65 6.59 32.18
C VAL A 193 -27.39 7.27 33.54
N LEU A 194 -28.27 8.17 33.95
CA LEU A 194 -28.12 8.87 35.24
C LEU A 194 -28.05 7.88 36.39
N TYR A 195 -28.96 6.90 36.40
CA TYR A 195 -29.01 5.91 37.47
C TYR A 195 -27.82 4.97 37.44
N LYS A 196 -27.54 4.38 36.27
CA LYS A 196 -26.46 3.41 36.11
C LYS A 196 -25.13 3.98 36.57
N HIS A 197 -24.82 5.20 36.13
CA HIS A 197 -23.55 5.85 36.44
C HIS A 197 -23.47 6.51 37.81
N SER A 198 -24.63 6.70 38.46
CA SER A 198 -24.66 7.21 39.83
C SER A 198 -24.17 6.17 40.83
N LEU A 199 -24.14 4.91 40.39
CA LEU A 199 -23.69 3.79 41.21
C LEU A 199 -22.16 3.65 41.23
N LEU A 200 -21.49 4.37 40.33
CA LEU A 200 -20.03 4.30 40.23
C LEU A 200 -19.32 4.77 41.50
N LYS A 201 -18.21 4.11 41.81
CA LYS A 201 -17.45 4.38 43.03
C LYS A 201 -16.06 4.93 42.69
N PRO A 202 -15.49 5.77 43.59
CA PRO A 202 -14.15 6.32 43.38
C PRO A 202 -13.04 5.29 43.50
N ASP A 203 -11.89 5.60 42.91
CA ASP A 203 -10.69 4.77 43.07
C ASP A 203 -9.55 5.56 43.71
N ILE A 204 -9.55 6.88 43.52
CA ILE A 204 -8.66 7.78 44.26
C ILE A 204 -8.98 7.63 45.74
N GLU A 205 -7.95 7.35 46.54
CA GLU A 205 -8.14 7.06 47.96
C GLU A 205 -8.60 8.26 48.77
N LEU A 206 -9.46 7.98 49.76
CA LEU A 206 -9.95 9.00 50.69
C LEU A 206 -8.84 9.49 51.61
N THR A 207 -8.71 10.81 51.68
CA THR A 207 -7.77 11.46 52.60
C THR A 207 -8.50 12.54 53.38
N PRO A 208 -8.04 12.86 54.60
CA PRO A 208 -8.63 14.02 55.31
C PRO A 208 -8.27 15.33 54.61
N VAL A 209 -8.94 16.41 54.98
CA VAL A 209 -8.71 17.72 54.36
C VAL A 209 -7.75 18.56 55.20
N SER A 210 -6.66 19.01 54.57
CA SER A 210 -5.68 19.86 55.22
C SER A 210 -6.08 21.33 55.14
N ASP A 211 -5.44 22.15 55.97
CA ASP A 211 -5.71 23.60 56.02
C ASP A 211 -5.52 24.26 54.65
N LYS A 212 -4.45 23.88 53.95
CA LYS A 212 -4.14 24.38 52.61
C LYS A 212 -5.22 23.95 51.62
N GLN A 213 -5.66 22.70 51.73
CA GLN A 213 -6.71 22.15 50.87
C GLN A 213 -8.07 22.79 51.13
N ARG A 214 -8.34 23.16 52.38
CA ARG A 214 -9.59 23.83 52.72
C ARG A 214 -9.63 25.25 52.15
N GLN A 215 -8.50 25.95 52.20
CA GLN A 215 -8.35 27.27 51.58
C GLN A 215 -8.44 27.22 50.05
N GLU A 216 -7.99 26.12 49.47
CA GLU A 216 -8.04 25.93 48.02
C GLU A 216 -9.47 25.71 47.52
N MSE A 217 -10.25 24.94 48.28
CA MSE A 217 -11.66 24.72 47.96
C MSE A 217 -12.44 26.03 48.07
O MSE A 217 -13.38 26.27 47.31
CB MSE A 217 -12.28 23.65 48.87
CG MSE A 217 -11.67 22.26 48.67
SE MSE A 217 -12.46 20.87 49.78
CE MSE A 217 -12.08 21.59 51.54
N LYS A 218 -12.04 26.87 49.02
CA LYS A 218 -12.61 28.20 49.18
C LYS A 218 -12.31 29.05 47.95
N LEU A 219 -11.10 28.88 47.40
CA LEU A 219 -10.64 29.61 46.23
C LEU A 219 -11.35 29.20 44.94
N LEU A 220 -11.61 27.89 44.78
CA LEU A 220 -12.32 27.40 43.59
C LEU A 220 -13.74 27.95 43.54
N GLU A 221 -14.36 28.06 44.72
CA GLU A 221 -15.72 28.62 44.83
C GLU A 221 -15.76 30.09 44.43
N LYS A 222 -14.80 30.88 44.90
CA LYS A 222 -14.72 32.29 44.52
C LYS A 222 -14.50 32.42 43.01
N ARG A 223 -13.55 31.64 42.50
CA ARG A 223 -13.25 31.63 41.07
C ARG A 223 -14.47 31.24 40.24
N PHE A 224 -15.22 30.24 40.70
CA PHE A 224 -16.42 29.80 39.99
C PHE A 224 -17.56 30.82 40.06
N ARG A 225 -17.77 31.40 41.23
CA ARG A 225 -18.81 32.41 41.40
C ARG A 225 -18.54 33.62 40.51
N ASP A 226 -17.28 34.07 40.48
CA ASP A 226 -16.87 35.21 39.65
C ASP A 226 -17.00 34.89 38.16
N MSE A 227 -16.97 33.60 37.84
CA MSE A 227 -17.02 33.13 36.47
C MSE A 227 -18.43 33.15 35.89
O MSE A 227 -18.61 33.45 34.71
CB MSE A 227 -16.47 31.72 36.40
CG MSE A 227 -16.06 31.30 35.04
SE MSE A 227 -15.30 29.57 35.25
CE MSE A 227 -16.92 28.52 34.93
N ILE A 228 -19.40 32.81 36.73
CA ILE A 228 -20.80 32.71 36.30
C ILE A 228 -21.61 33.95 36.67
N TYR A 229 -21.00 34.82 37.48
CA TYR A 229 -21.71 35.99 38.03
C TYR A 229 -20.80 37.19 38.31
N THR A 230 -21.30 38.38 37.99
CA THR A 230 -20.61 39.63 38.29
C THR A 230 -21.63 40.62 38.86
N LYS A 231 -21.26 41.28 39.97
CA LYS A 231 -22.18 42.19 40.65
C LYS A 231 -22.72 43.27 39.71
N GLY A 232 -24.03 43.43 39.72
CA GLY A 232 -24.71 44.41 38.89
C GLY A 232 -25.86 45.09 39.62
N LYS A 233 -26.71 45.75 38.87
CA LYS A 233 -27.83 46.51 39.43
C LYS A 233 -29.16 45.86 39.04
N VAL A 234 -30.11 45.85 39.96
CA VAL A 234 -31.44 45.34 39.67
C VAL A 234 -32.40 46.48 39.33
N THR A 235 -32.71 46.61 38.05
CA THR A 235 -33.59 47.67 37.55
C THR A 235 -35.05 47.41 37.89
N GLU A 236 -35.84 48.49 37.96
CA GLU A 236 -37.28 48.40 38.19
C GLU A 236 -37.97 47.55 37.12
N LYS A 237 -37.45 47.63 35.90
CA LYS A 237 -37.94 46.85 34.75
C LYS A 237 -37.66 45.37 34.95
N GLU A 238 -36.43 45.06 35.34
CA GLU A 238 -36.02 43.69 35.64
C GLU A 238 -36.87 43.06 36.76
N ALA A 239 -37.15 43.84 37.79
CA ALA A 239 -37.95 43.39 38.93
C ALA A 239 -39.41 43.14 38.54
N GLU A 240 -39.96 44.01 37.69
CA GLU A 240 -41.34 43.84 37.22
C GLU A 240 -41.50 42.60 36.33
N THR A 241 -40.52 42.35 35.46
CA THR A 241 -40.52 41.15 34.61
C THR A 241 -40.50 39.89 35.46
N ILE A 242 -39.67 39.88 36.50
CA ILE A 242 -39.54 38.74 37.42
C ILE A 242 -40.89 38.42 38.08
N ARG A 243 -41.56 39.44 38.58
CA ARG A 243 -42.84 39.25 39.27
C ARG A 243 -43.92 38.71 38.33
N LYS A 244 -43.94 39.22 37.10
CA LYS A 244 -44.90 38.79 36.09
C LYS A 244 -44.71 37.33 35.71
N LYS A 245 -43.46 36.93 35.48
CA LYS A 245 -43.12 35.55 35.14
C LYS A 245 -43.36 34.57 36.30
N TYR A 246 -43.07 35.00 37.51
CA TYR A 246 -43.21 34.16 38.70
C TYR A 246 -44.67 33.89 39.07
N ASP A 247 -45.53 34.90 38.89
CA ASP A 247 -46.94 34.77 39.25
C ASP A 247 -47.70 33.74 38.43
N LEU A 248 -47.25 33.52 37.19
CA LEU A 248 -47.94 32.60 36.28
C LEU A 248 -47.79 31.14 36.71
N TYR A 249 -46.80 30.88 37.57
CA TYR A 249 -46.58 29.53 38.09
C TYR A 249 -47.52 29.20 39.23
N GLN A 250 -48.15 30.22 39.80
CA GLN A 250 -49.19 30.06 40.84
C GLN A 250 -48.74 29.21 42.02
N ILE A 251 -47.50 29.40 42.46
CA ILE A 251 -46.96 28.63 43.58
C ILE A 251 -47.64 29.05 44.88
N THR A 252 -48.26 28.08 45.55
CA THR A 252 -49.01 28.33 46.79
C THR A 252 -48.82 27.19 47.81
N TYR A 253 -49.17 27.49 49.07
CA TYR A 253 -49.04 26.53 50.17
C TYR A 253 -50.37 26.20 50.84
N LYS A 254 -50.60 24.91 51.06
CA LYS A 254 -51.79 24.42 51.74
C LYS A 254 -51.41 23.38 52.79
N ASP A 255 -51.67 23.70 54.06
CA ASP A 255 -51.37 22.81 55.19
C ASP A 255 -49.93 22.33 55.18
N GLY A 256 -49.00 23.21 54.82
CA GLY A 256 -47.59 22.85 54.74
C GLY A 256 -47.17 22.31 53.38
N GLN A 257 -48.13 21.89 52.57
CA GLN A 257 -47.88 21.30 51.26
C GLN A 257 -47.69 22.36 50.18
N VAL A 258 -46.75 22.12 49.26
CA VAL A 258 -46.48 23.02 48.14
C VAL A 258 -47.18 22.54 46.89
N SER A 259 -47.80 23.48 46.18
CA SER A 259 -48.43 23.16 44.90
C SER A 259 -48.28 24.35 43.94
N GLY A 260 -48.56 24.10 42.67
CA GLY A 260 -48.51 25.13 41.64
C GLY A 260 -48.64 24.52 40.26
N VAL A 261 -48.46 25.35 39.23
CA VAL A 261 -48.55 24.88 37.85
C VAL A 261 -47.48 23.82 37.62
N PRO A 262 -47.90 22.61 37.20
CA PRO A 262 -46.96 21.52 36.93
C PRO A 262 -45.99 21.87 35.80
N VAL A 263 -44.72 21.53 35.99
CA VAL A 263 -43.68 21.82 35.01
C VAL A 263 -43.05 20.53 34.51
N PHE A 264 -42.98 20.40 33.19
CA PHE A 264 -42.40 19.23 32.53
C PHE A 264 -41.17 19.66 31.73
N MSE A 265 -40.30 18.71 31.41
CA MSE A 265 -39.25 18.99 30.45
C MSE A 265 -39.79 18.61 29.07
O MSE A 265 -40.56 17.68 28.93
CB MSE A 265 -37.93 18.31 30.82
CG MSE A 265 -37.64 17.03 30.12
SE MSE A 265 -36.60 17.36 28.51
CE MSE A 265 -35.85 15.57 28.36
N VAL A 266 -39.37 19.37 28.05
CA VAL A 266 -40.02 19.38 26.73
C VAL A 266 -40.44 18.01 26.18
N ARG A 267 -39.57 17.00 26.32
CA ARG A 267 -39.78 15.69 25.72
C ARG A 267 -40.90 14.88 26.34
N ALA A 268 -41.43 15.35 27.47
CA ALA A 268 -42.57 14.70 28.12
C ALA A 268 -43.80 14.68 27.21
N SER A 269 -43.74 15.49 26.15
CA SER A 269 -44.82 15.57 25.16
C SER A 269 -44.92 14.31 24.31
N GLU A 270 -43.85 13.52 24.32
CA GLU A 270 -43.79 12.30 23.52
C GLU A 270 -44.79 11.24 23.98
N ALA A 271 -45.36 11.47 25.17
CA ALA A 271 -46.43 10.64 25.70
C ALA A 271 -47.70 10.77 24.87
N TYR A 272 -47.99 11.99 24.41
CA TYR A 272 -49.21 12.27 23.66
C TYR A 272 -49.02 12.17 22.15
N GLU A 273 -47.83 11.73 21.72
CA GLU A 273 -47.47 11.69 20.31
C GLU A 273 -48.44 10.91 19.44
N ARG A 274 -48.81 9.71 19.89
CA ARG A 274 -49.77 8.86 19.17
C ARG A 274 -51.20 9.03 19.71
N MSE A 275 -51.43 10.14 20.41
CA MSE A 275 -52.73 10.39 21.05
C MSE A 275 -53.48 11.57 20.44
O MSE A 275 -54.71 11.52 20.31
CB MSE A 275 -52.54 10.61 22.56
CG MSE A 275 -52.22 9.36 23.34
SE MSE A 275 -51.93 9.70 25.25
CE MSE A 275 -53.75 10.08 25.81
N ILE A 276 -52.77 12.63 20.06
CA ILE A 276 -53.41 13.78 19.45
C ILE A 276 -53.03 13.98 17.97
N PRO A 277 -54.05 14.21 17.12
CA PRO A 277 -53.89 14.25 15.65
C PRO A 277 -52.98 15.38 15.16
N ASP A 278 -52.94 16.47 15.92
CA ASP A 278 -52.21 17.68 15.59
C ASP A 278 -50.98 17.85 16.49
N TRP A 279 -50.27 16.76 16.75
CA TRP A 279 -49.24 16.75 17.77
C TRP A 279 -48.07 17.67 17.44
N ASP A 280 -47.63 18.41 18.45
CA ASP A 280 -46.51 19.32 18.36
C ASP A 280 -45.46 18.93 19.40
N LYS A 281 -44.25 18.62 18.95
CA LYS A 281 -43.18 18.20 19.86
C LYS A 281 -42.84 19.27 20.90
N ASP A 282 -43.15 20.52 20.60
CA ASP A 282 -42.78 21.65 21.45
C ASP A 282 -43.97 22.28 22.17
N MSE A 283 -45.08 21.54 22.21
CA MSE A 283 -46.32 22.03 22.81
C MSE A 283 -46.19 22.50 24.25
O MSE A 283 -46.82 23.49 24.64
CB MSE A 283 -47.42 20.97 22.71
CG MSE A 283 -47.03 19.63 23.33
SE MSE A 283 -48.53 18.39 23.38
CE MSE A 283 -49.12 18.55 21.52
N LEU A 284 -45.37 21.82 25.03
CA LEU A 284 -45.18 22.19 26.44
C LEU A 284 -44.41 23.49 26.58
N THR A 285 -43.49 23.76 25.66
CA THR A 285 -42.76 25.02 25.66
C THR A 285 -43.70 26.16 25.27
N LYS A 286 -44.59 25.89 24.33
CA LYS A 286 -45.55 26.91 23.86
C LYS A 286 -46.59 27.25 24.93
N MSE A 287 -46.73 26.37 25.92
CA MSE A 287 -47.69 26.58 27.00
C MSE A 287 -47.07 27.30 28.20
O MSE A 287 -47.78 27.61 29.16
CB MSE A 287 -48.33 25.27 27.42
CG MSE A 287 -49.33 24.70 26.42
SE MSE A 287 -49.89 22.89 26.87
CE MSE A 287 -51.15 22.57 25.39
N GLY A 288 -45.76 27.54 28.15
CA GLY A 288 -45.04 28.17 29.26
C GLY A 288 -44.89 27.25 30.46
N ILE A 289 -44.91 25.95 30.17
CA ILE A 289 -44.95 24.89 31.16
C ILE A 289 -43.65 24.08 31.21
N GLU A 290 -42.69 24.44 30.37
CA GLU A 290 -41.44 23.70 30.21
C GLU A 290 -40.37 24.13 31.22
N MSE A 291 -39.32 23.32 31.38
CA MSE A 291 -38.31 23.54 32.41
C MSE A 291 -37.29 24.64 32.13
O MSE A 291 -36.83 25.29 33.07
CB MSE A 291 -37.57 22.24 32.71
CG MSE A 291 -38.36 21.27 33.51
SE MSE A 291 -37.22 19.79 33.98
CE MSE A 291 -38.57 18.58 34.71
N ARG A 292 -36.93 24.85 30.86
CA ARG A 292 -35.94 25.86 30.52
C ARG A 292 -36.31 27.22 31.09
N ALA A 293 -37.53 27.67 30.78
CA ALA A 293 -38.07 28.93 31.29
C ALA A 293 -38.03 29.00 32.81
N TYR A 294 -38.35 27.87 33.46
CA TYR A 294 -38.42 27.78 34.91
C TYR A 294 -37.05 27.99 35.54
N PHE A 295 -36.07 27.21 35.11
CA PHE A 295 -34.71 27.31 35.64
C PHE A 295 -34.02 28.61 35.22
N ASP A 296 -34.44 29.18 34.09
CA ASP A 296 -33.94 30.48 33.64
C ASP A 296 -34.39 31.58 34.62
N LEU A 297 -35.64 31.48 35.07
CA LEU A 297 -36.20 32.43 36.02
C LEU A 297 -35.52 32.32 37.37
N MSE A 298 -35.18 31.09 37.77
CA MSE A 298 -34.53 30.87 39.05
C MSE A 298 -33.13 31.48 39.07
O MSE A 298 -32.74 32.09 40.07
CB MSE A 298 -34.48 29.38 39.39
CG MSE A 298 -35.84 28.77 39.69
SE MSE A 298 -35.70 27.13 40.75
CE MSE A 298 -34.43 26.19 39.66
N LYS A 299 -32.39 31.31 37.98
CA LYS A 299 -31.09 31.99 37.79
C LYS A 299 -31.29 33.50 37.88
N ARG A 300 -32.27 33.99 37.12
CA ARG A 300 -32.64 35.41 37.07
C ARG A 300 -32.87 35.96 38.48
N ILE A 301 -33.65 35.22 39.26
CA ILE A 301 -33.96 35.58 40.64
C ILE A 301 -32.74 35.47 41.55
N ALA A 302 -31.96 34.39 41.38
CA ALA A 302 -30.74 34.20 42.15
C ALA A 302 -29.74 35.35 41.92
N VAL A 303 -29.65 35.80 40.67
CA VAL A 303 -28.80 36.94 40.31
C VAL A 303 -29.32 38.23 40.96
N ALA A 304 -30.63 38.42 40.94
CA ALA A 304 -31.26 39.60 41.52
C ALA A 304 -31.06 39.70 43.03
N TYR A 305 -31.08 38.54 43.69
CA TYR A 305 -30.84 38.45 45.14
C TYR A 305 -29.43 38.90 45.50
N ASN A 306 -28.45 38.43 44.72
CA ASN A 306 -27.06 38.76 44.94
C ASN A 306 -26.71 40.20 44.57
N ASN A 307 -27.57 40.83 43.75
CA ASN A 307 -27.41 42.22 43.37
C ASN A 307 -28.21 43.19 44.24
N SER A 308 -28.67 42.71 45.39
CA SER A 308 -29.45 43.53 46.31
C SER A 308 -28.79 43.68 47.68
N GLU A 309 -28.98 44.86 48.28
CA GLU A 309 -28.41 45.20 49.58
C GLU A 309 -29.01 44.34 50.70
N ALA A 310 -28.15 43.84 51.59
CA ALA A 310 -28.58 43.00 52.71
C ALA A 310 -29.57 43.73 53.62
N GLY A 311 -30.73 43.12 53.82
CA GLY A 311 -31.77 43.68 54.68
C GLY A 311 -32.82 44.51 53.96
N SER A 312 -32.69 44.63 52.64
CA SER A 312 -33.66 45.37 51.83
C SER A 312 -34.87 44.50 51.50
N PRO A 313 -36.05 45.14 51.25
CA PRO A 313 -37.27 44.39 50.94
C PRO A 313 -37.17 43.56 49.66
N ILE A 314 -36.41 44.05 48.68
CA ILE A 314 -36.22 43.33 47.42
C ILE A 314 -35.36 42.07 47.57
N ARG A 315 -34.32 42.15 48.40
CA ARG A 315 -33.48 40.98 48.69
C ARG A 315 -34.30 39.90 49.36
N LYS A 316 -35.09 40.30 50.36
CA LYS A 316 -35.99 39.38 51.06
C LYS A 316 -37.04 38.82 50.10
N GLU A 317 -37.50 39.65 49.16
CA GLU A 317 -38.50 39.24 48.18
C GLU A 317 -37.93 38.17 47.22
N MSE A 318 -36.74 38.42 46.70
CA MSE A 318 -36.08 37.49 45.79
C MSE A 318 -35.71 36.18 46.50
O MSE A 318 -35.82 35.11 45.91
CB MSE A 318 -34.84 38.12 45.14
CG MSE A 318 -35.10 39.39 44.31
SE MSE A 318 -36.37 39.22 42.83
CE MSE A 318 -38.00 39.83 43.72
N ARG A 319 -35.27 36.28 47.75
CA ARG A 319 -34.99 35.12 48.59
C ARG A 319 -36.24 34.26 48.76
N ARG A 320 -37.36 34.93 49.02
CA ARG A 320 -38.67 34.30 49.17
C ARG A 320 -39.13 33.62 47.88
N LYS A 321 -39.00 34.33 46.76
CA LYS A 321 -39.38 33.77 45.45
C LYS A 321 -38.52 32.58 45.03
N PHE A 322 -37.21 32.66 45.26
CA PHE A 322 -36.31 31.58 44.90
C PHE A 322 -36.71 30.29 45.62
N LEU A 323 -36.89 30.39 46.95
CA LEU A 323 -37.21 29.22 47.77
C LEU A 323 -38.54 28.60 47.39
N ALA A 324 -39.55 29.45 47.15
CA ALA A 324 -40.86 28.98 46.70
C ALA A 324 -40.74 28.20 45.39
N MSE A 325 -39.92 28.70 44.48
CA MSE A 325 -39.66 28.01 43.22
C MSE A 325 -38.86 26.73 43.43
O MSE A 325 -39.09 25.73 42.73
CB MSE A 325 -38.98 28.92 42.21
CG MSE A 325 -39.90 30.01 41.68
SE MSE A 325 -39.14 31.00 40.18
CE MSE A 325 -39.40 29.65 38.78
N TYR A 326 -37.94 26.75 44.39
CA TYR A 326 -37.16 25.57 44.75
C TYR A 326 -38.07 24.47 45.29
N ASP A 327 -38.91 24.82 46.27
CA ASP A 327 -39.79 23.84 46.90
C ASP A 327 -40.69 23.18 45.86
N HIS A 328 -41.26 23.99 44.99
CA HIS A 328 -42.19 23.49 43.98
C HIS A 328 -41.52 22.57 42.94
N ILE A 329 -40.38 22.97 42.39
CA ILE A 329 -39.70 22.14 41.41
C ILE A 329 -39.16 20.84 41.98
N THR A 330 -38.72 20.89 43.24
CA THR A 330 -38.27 19.69 43.95
C THR A 330 -39.48 18.78 44.17
N ASP A 331 -40.62 19.37 44.52
CA ASP A 331 -41.86 18.64 44.69
C ASP A 331 -42.35 18.03 43.38
N GLN A 332 -42.11 18.73 42.28
CA GLN A 332 -42.53 18.24 40.96
C GLN A 332 -41.69 17.05 40.48
N GLY A 333 -40.52 16.86 41.08
CA GLY A 333 -39.70 15.69 40.76
C GLY A 333 -38.27 15.95 40.33
N VAL A 334 -37.85 17.22 40.35
CA VAL A 334 -36.45 17.54 40.08
C VAL A 334 -35.70 17.30 41.38
N ALA A 335 -35.21 16.06 41.53
CA ALA A 335 -34.53 15.62 42.76
C ALA A 335 -33.68 14.39 42.46
N TYR A 336 -32.82 14.03 43.41
CA TYR A 336 -31.96 12.86 43.27
C TYR A 336 -32.79 11.60 43.08
N GLY A 337 -32.38 10.76 42.12
CA GLY A 337 -33.04 9.48 41.88
C GLY A 337 -34.33 9.60 41.11
N SER A 338 -34.48 10.68 40.34
CA SER A 338 -35.70 10.95 39.59
C SER A 338 -35.38 11.32 38.15
N CYS A 339 -35.99 10.61 37.20
CA CYS A 339 -35.73 10.87 35.78
C CYS A 339 -37.00 11.08 34.95
N TRP A 340 -38.14 11.18 35.64
CA TRP A 340 -39.42 11.59 35.04
C TRP A 340 -39.94 10.69 33.91
N GLY A 341 -39.46 9.46 33.86
CA GLY A 341 -39.90 8.49 32.85
C GLY A 341 -39.23 8.63 31.50
N ASN A 342 -38.85 9.86 31.16
CA ASN A 342 -38.23 10.18 29.88
C ASN A 342 -37.35 11.42 30.03
N ILE A 343 -36.05 11.25 29.84
CA ILE A 343 -35.09 12.32 30.14
C ILE A 343 -34.13 12.67 28.98
N HIS A 344 -34.36 12.10 27.80
CA HIS A 344 -33.45 12.33 26.67
C HIS A 344 -33.40 13.82 26.26
N HIS A 345 -32.18 14.34 26.14
CA HIS A 345 -31.92 15.74 25.78
C HIS A 345 -32.34 16.73 26.85
N TYR A 346 -32.24 16.33 28.11
CA TYR A 346 -32.61 17.20 29.24
C TYR A 346 -31.61 18.33 29.47
N GLY A 347 -30.39 18.14 28.97
CA GLY A 347 -29.32 19.12 29.10
C GLY A 347 -29.72 20.57 28.87
N TYR A 348 -30.38 20.83 27.75
CA TYR A 348 -30.77 22.18 27.35
C TYR A 348 -31.82 22.81 28.27
N SER A 349 -32.73 21.99 28.78
CA SER A 349 -33.79 22.47 29.66
C SER A 349 -33.27 22.75 31.06
N VAL A 350 -32.12 22.16 31.39
CA VAL A 350 -31.63 22.15 32.77
C VAL A 350 -30.39 23.05 32.94
N ARG A 351 -30.08 23.82 31.91
CA ARG A 351 -28.90 24.70 31.88
C ARG A 351 -28.90 25.70 33.04
N GLY A 352 -30.07 26.25 33.35
CA GLY A 352 -30.21 27.23 34.43
C GLY A 352 -30.08 26.65 35.84
N LEU A 353 -30.39 25.37 35.99
CA LEU A 353 -30.38 24.67 37.27
C LEU A 353 -29.11 24.96 38.10
N TYR A 354 -27.96 24.64 37.53
CA TYR A 354 -26.70 24.62 38.27
C TYR A 354 -26.22 25.98 38.77
N PRO A 355 -26.16 27.01 37.90
CA PRO A 355 -25.77 28.33 38.42
C PRO A 355 -26.80 28.92 39.40
N ALA A 356 -28.09 28.62 39.20
CA ALA A 356 -29.14 29.14 40.07
C ALA A 356 -29.01 28.59 41.48
N TYR A 357 -28.68 27.31 41.60
CA TYR A 357 -28.52 26.66 42.89
C TYR A 357 -27.22 27.05 43.57
N PHE A 358 -26.16 27.21 42.79
CA PHE A 358 -24.85 27.57 43.34
C PHE A 358 -24.84 29.00 43.89
N LEU A 359 -25.39 29.94 43.13
CA LEU A 359 -25.46 31.34 43.54
C LEU A 359 -26.26 31.52 44.82
N MSE A 360 -26.90 30.43 45.24
CA MSE A 360 -27.85 30.47 46.33
C MSE A 360 -27.50 29.40 47.38
O MSE A 360 -28.37 28.88 48.07
CB MSE A 360 -29.25 30.26 45.75
CG MSE A 360 -30.31 31.18 46.30
SE MSE A 360 -30.05 33.10 46.02
CE MSE A 360 -31.74 33.62 46.83
N LYS A 361 -26.21 29.10 47.48
CA LYS A 361 -25.67 28.09 48.37
C LYS A 361 -25.95 28.36 49.85
N ASP A 362 -25.51 29.52 50.32
CA ASP A 362 -25.60 29.90 51.74
C ASP A 362 -27.03 29.96 52.26
N VAL A 363 -27.94 30.46 51.44
CA VAL A 363 -29.36 30.55 51.81
C VAL A 363 -30.01 29.18 51.85
N LEU A 364 -29.61 28.29 50.94
CA LEU A 364 -30.08 26.91 50.96
C LEU A 364 -29.61 26.16 52.20
N ARG A 365 -28.40 26.46 52.68
CA ARG A 365 -27.89 25.87 53.91
C ARG A 365 -28.67 26.37 55.13
N GLU A 366 -28.92 27.69 55.16
CA GLU A 366 -29.68 28.32 56.24
C GLU A 366 -31.07 27.70 56.36
N GLU A 367 -31.62 27.29 55.23
CA GLU A 367 -32.96 26.71 55.17
C GLU A 367 -32.92 25.20 55.38
N GLY A 368 -31.70 24.67 55.53
CA GLY A 368 -31.49 23.24 55.78
C GLY A 368 -31.74 22.37 54.57
N LYS A 369 -31.58 22.95 53.38
CA LYS A 369 -31.91 22.28 52.13
C LYS A 369 -30.71 22.08 51.21
N LEU A 370 -29.52 22.44 51.68
CA LEU A 370 -28.31 22.38 50.87
C LEU A 370 -27.90 20.95 50.48
N LEU A 371 -27.90 20.03 51.44
CA LEU A 371 -27.51 18.64 51.18
C LEU A 371 -28.41 18.04 50.11
N GLU A 372 -29.71 18.28 50.25
CA GLU A 372 -30.68 17.90 49.23
C GLU A 372 -30.28 18.49 47.87
N ALA A 373 -30.14 19.82 47.83
CA ALA A 373 -29.78 20.54 46.61
C ALA A 373 -28.51 20.00 45.96
N GLU A 374 -27.48 19.78 46.78
CA GLU A 374 -26.21 19.18 46.35
C GLU A 374 -26.44 17.86 45.60
N ARG A 375 -27.24 16.98 46.20
CA ARG A 375 -27.48 15.66 45.63
C ARG A 375 -28.23 15.70 44.29
N THR A 376 -29.18 16.63 44.14
CA THR A 376 -29.93 16.70 42.88
C THR A 376 -29.03 17.17 41.75
N LEU A 377 -28.14 18.12 42.05
CA LEU A 377 -27.18 18.61 41.07
C LEU A 377 -26.22 17.50 40.65
N ARG A 378 -25.71 16.75 41.62
CA ARG A 378 -24.84 15.62 41.34
C ARG A 378 -25.54 14.58 40.46
N TRP A 379 -26.82 14.37 40.74
CA TRP A 379 -27.64 13.43 39.99
C TRP A 379 -27.77 13.83 38.51
N TYR A 380 -28.21 15.06 38.27
CA TYR A 380 -28.51 15.52 36.91
C TYR A 380 -27.28 15.91 36.09
N ALA A 381 -26.16 16.14 36.76
CA ALA A 381 -24.90 16.41 36.09
C ALA A 381 -24.11 15.13 35.84
N ILE A 382 -24.62 14.02 36.36
CA ILE A 382 -23.94 12.72 36.33
C ILE A 382 -22.48 12.86 36.76
N THR A 383 -22.27 13.46 37.93
CA THR A 383 -20.95 13.81 38.42
C THR A 383 -20.09 12.58 38.69
N ASN A 384 -20.72 11.47 39.07
CA ASN A 384 -19.99 10.24 39.33
C ASN A 384 -19.25 9.69 38.11
N GLU A 385 -19.60 10.19 36.91
CA GLU A 385 -18.88 9.83 35.69
C GLU A 385 -17.43 10.28 35.74
N VAL A 386 -17.12 11.11 36.73
CA VAL A 386 -15.80 11.67 36.90
C VAL A 386 -14.89 10.73 37.70
N TYR A 387 -15.49 9.73 38.34
CA TYR A 387 -14.80 8.77 39.20
C TYR A 387 -13.80 7.85 38.48
N PRO A 388 -14.23 7.17 37.39
CA PRO A 388 -13.35 6.20 36.73
C PRO A 388 -12.00 6.79 36.29
N LYS A 389 -10.97 5.95 36.32
CA LYS A 389 -9.65 6.30 35.81
C LYS A 389 -9.71 6.31 34.28
N PRO A 390 -9.37 7.45 33.66
CA PRO A 390 -9.32 7.53 32.20
C PRO A 390 -8.44 6.44 31.61
N GLU A 391 -8.95 5.76 30.58
CA GLU A 391 -8.22 4.66 29.95
C GLU A 391 -7.16 5.18 28.98
N GLY A 392 -7.36 6.39 28.48
CA GLY A 392 -6.41 7.04 27.59
C GLY A 392 -6.55 8.54 27.57
N ASN A 393 -5.86 9.19 26.64
CA ASN A 393 -5.95 10.64 26.48
C ASN A 393 -7.20 11.06 25.71
N GLY A 394 -7.76 12.20 26.11
CA GLY A 394 -8.85 12.83 25.37
C GLY A 394 -10.24 12.36 25.76
N ILE A 395 -11.18 13.29 25.65
CA ILE A 395 -12.62 13.01 25.77
C ILE A 395 -13.37 13.74 24.66
N ASP A 396 -14.65 13.42 24.51
CA ASP A 396 -15.52 14.04 23.50
C ASP A 396 -15.52 15.55 23.69
N MSE A 397 -15.27 16.29 22.60
CA MSE A 397 -15.29 17.76 22.63
C MSE A 397 -16.60 18.27 23.25
O MSE A 397 -16.62 19.29 23.95
CB MSE A 397 -15.08 18.33 21.22
CG MSE A 397 -14.98 19.86 21.13
SE MSE A 397 -13.25 20.63 21.68
CE MSE A 397 -12.14 19.97 20.23
N ASP A 398 -17.68 17.53 23.02
CA ASP A 398 -19.01 17.88 23.53
C ASP A 398 -19.08 17.80 25.06
N SER A 399 -18.23 16.97 25.67
CA SER A 399 -18.13 16.89 27.12
C SER A 399 -17.64 18.21 27.72
N PHE A 400 -16.52 18.70 27.21
CA PHE A 400 -16.00 20.02 27.59
C PHE A 400 -17.05 21.10 27.37
N ASN A 401 -17.84 20.91 26.32
CA ASN A 401 -18.83 21.89 25.88
C ASN A 401 -20.08 21.96 26.77
N THR A 402 -20.45 20.85 27.40
CA THR A 402 -21.75 20.76 28.08
C THR A 402 -21.72 20.19 29.51
N GLN A 403 -20.73 19.36 29.81
CA GLN A 403 -20.71 18.65 31.08
C GLN A 403 -19.88 19.30 32.20
N THR A 404 -19.10 20.32 31.88
CA THR A 404 -18.18 20.89 32.88
C THR A 404 -18.88 21.76 33.92
N THR A 405 -19.72 22.69 33.48
CA THR A 405 -20.37 23.65 34.39
C THR A 405 -21.19 22.96 35.49
N GLY A 406 -22.07 22.04 35.09
CA GLY A 406 -22.94 21.33 36.01
C GLY A 406 -22.18 20.50 37.02
N ARG A 407 -21.19 19.76 36.52
CA ARG A 407 -20.41 18.85 37.38
C ARG A 407 -19.60 19.59 38.44
N ILE A 408 -18.95 20.69 38.04
CA ILE A 408 -18.13 21.44 38.99
C ILE A 408 -19.00 22.17 40.02
N ALA A 409 -20.15 22.67 39.58
CA ALA A 409 -21.10 23.34 40.48
C ALA A 409 -21.59 22.38 41.55
N SER A 410 -21.93 21.16 41.13
CA SER A 410 -22.44 20.14 42.03
C SER A 410 -21.41 19.76 43.10
N ILE A 411 -20.13 19.79 42.75
CA ILE A 411 -19.07 19.46 43.69
C ILE A 411 -18.81 20.61 44.66
N LEU A 412 -18.94 21.84 44.17
CA LEU A 412 -18.74 23.01 45.00
C LEU A 412 -19.91 23.27 45.94
N MSE A 413 -21.01 22.56 45.70
CA MSE A 413 -22.19 22.61 46.57
C MSE A 413 -21.95 21.91 47.90
O MSE A 413 -22.61 22.20 48.90
CB MSE A 413 -23.39 21.96 45.88
CG MSE A 413 -24.03 22.80 44.79
SE MSE A 413 -25.18 24.26 45.43
CE MSE A 413 -23.80 25.59 45.70
N MSE A 414 -20.99 20.98 47.90
CA MSE A 414 -20.75 20.12 49.04
C MSE A 414 -20.06 20.85 50.18
O MSE A 414 -19.39 21.86 49.99
CB MSE A 414 -19.90 18.93 48.60
CG MSE A 414 -20.33 18.38 47.28
SE MSE A 414 -19.35 16.78 46.89
CE MSE A 414 -19.83 16.60 45.03
N GLU A 415 -20.26 20.33 51.39
CA GLU A 415 -19.55 20.84 52.56
C GLU A 415 -18.09 20.43 52.43
N ASP A 416 -17.20 21.14 53.13
CA ASP A 416 -15.76 20.93 52.98
C ASP A 416 -15.28 19.62 53.61
N THR A 417 -15.74 18.51 53.03
CA THR A 417 -15.54 17.18 53.56
C THR A 417 -14.51 16.40 52.73
N PRO A 418 -13.91 15.35 53.31
CA PRO A 418 -12.99 14.48 52.57
C PRO A 418 -13.61 13.90 51.28
N GLU A 419 -14.93 13.74 51.27
CA GLU A 419 -15.66 13.25 50.10
C GLU A 419 -15.64 14.27 48.95
N LYS A 420 -15.64 15.55 49.30
CA LYS A 420 -15.55 16.65 48.33
C LYS A 420 -14.17 16.73 47.69
N LEU A 421 -13.13 16.49 48.49
CA LEU A 421 -11.75 16.47 48.00
C LEU A 421 -11.55 15.32 47.01
N GLN A 422 -12.10 14.16 47.35
CA GLN A 422 -12.07 12.98 46.49
C GLN A 422 -12.73 13.26 45.15
N TYR A 423 -13.86 13.95 45.18
CA TYR A 423 -14.56 14.40 43.97
C TYR A 423 -13.71 15.38 43.15
N LEU A 424 -13.11 16.35 43.84
CA LEU A 424 -12.22 17.34 43.21
C LEU A 424 -11.01 16.68 42.55
N LYS A 425 -10.33 15.79 43.28
CA LYS A 425 -9.21 15.04 42.73
C LYS A 425 -9.64 14.26 41.48
N SER A 426 -10.82 13.65 41.56
CA SER A 426 -11.39 12.90 40.44
C SER A 426 -11.72 13.79 39.25
N PHE A 427 -12.25 14.97 39.53
CA PHE A 427 -12.65 15.93 38.50
C PHE A 427 -11.45 16.47 37.77
N SER A 428 -10.43 16.87 38.53
CA SER A 428 -9.18 17.38 37.98
C SER A 428 -8.54 16.34 37.06
N ARG A 429 -8.54 15.09 37.52
CA ARG A 429 -7.97 13.98 36.76
C ARG A 429 -8.70 13.80 35.42
N TRP A 430 -10.01 13.97 35.45
CA TRP A 430 -10.87 13.82 34.28
C TRP A 430 -10.57 14.88 33.23
N ILE A 431 -10.53 16.14 33.67
CA ILE A 431 -10.16 17.27 32.82
C ILE A 431 -8.73 17.12 32.31
N ASP A 432 -7.81 16.71 33.20
CA ASP A 432 -6.40 16.55 32.86
C ASP A 432 -6.21 15.65 31.65
N TYR A 433 -6.61 14.40 31.76
CA TYR A 433 -6.46 13.44 30.67
C TYR A 433 -7.29 13.81 29.45
N GLY A 434 -8.42 14.50 29.68
CA GLY A 434 -9.27 15.00 28.60
C GLY A 434 -8.58 16.01 27.69
N CYS A 435 -7.70 16.81 28.29
CA CYS A 435 -6.96 17.83 27.56
C CYS A 435 -5.73 17.29 26.83
N ARG A 436 -5.26 16.11 27.22
CA ARG A 436 -4.03 15.54 26.65
C ARG A 436 -4.18 15.10 25.20
N PRO A 437 -3.07 15.09 24.44
CA PRO A 437 -3.11 14.75 23.01
C PRO A 437 -3.80 13.42 22.74
N ALA A 438 -4.93 13.48 22.04
CA ALA A 438 -5.74 12.31 21.74
C ALA A 438 -5.26 11.59 20.48
N PRO A 439 -5.37 10.25 20.46
CA PRO A 439 -4.92 9.47 19.30
C PRO A 439 -5.89 9.56 18.11
N GLY A 440 -5.36 9.26 16.93
CA GLY A 440 -6.17 9.16 15.71
C GLY A 440 -7.07 10.35 15.43
N LEU A 441 -8.34 10.05 15.16
CA LEU A 441 -9.34 11.07 14.89
C LEU A 441 -10.19 11.35 16.12
N ALA A 442 -9.81 10.74 17.23
CA ALA A 442 -10.60 10.77 18.47
C ALA A 442 -10.37 12.01 19.33
N GLY A 443 -10.76 11.90 20.60
CA GLY A 443 -10.48 12.87 21.65
C GLY A 443 -10.79 14.29 21.28
N SER A 444 -10.15 15.23 21.97
CA SER A 444 -10.37 16.66 21.71
C SER A 444 -9.17 17.33 21.05
N PHE A 445 -8.02 17.30 21.71
CA PHE A 445 -6.88 18.10 21.29
C PHE A 445 -5.68 17.27 20.84
N LYS A 446 -4.90 17.82 19.90
CA LYS A 446 -3.82 17.08 19.26
C LYS A 446 -2.43 17.67 19.55
N VAL A 447 -1.38 16.89 19.28
CA VAL A 447 0.01 17.33 19.52
C VAL A 447 0.44 18.55 18.71
N ASP A 448 -0.13 18.72 17.52
CA ASP A 448 0.24 19.84 16.65
C ASP A 448 -0.67 21.07 16.81
N GLY A 449 -1.65 20.96 17.72
CA GLY A 449 -2.56 22.07 17.99
C GLY A 449 -3.93 21.92 17.35
N GLY A 450 -4.17 20.79 16.69
CA GLY A 450 -5.46 20.52 16.07
C GLY A 450 -6.51 20.21 17.12
N ALA A 451 -7.77 20.52 16.79
CA ALA A 451 -8.88 20.27 17.70
C ALA A 451 -10.00 19.54 16.98
N PHE A 452 -10.31 18.33 17.45
CA PHE A 452 -11.14 17.39 16.69
C PHE A 452 -12.55 17.17 17.20
N HIS A 453 -13.49 17.18 16.26
CA HIS A 453 -14.87 16.77 16.48
C HIS A 453 -15.43 16.34 15.11
N HIS A 454 -16.31 15.34 15.11
CA HIS A 454 -16.75 14.66 13.88
C HIS A 454 -15.58 14.11 13.07
N ARG A 455 -14.51 13.71 13.79
CA ARG A 455 -13.36 13.01 13.22
C ARG A 455 -12.49 13.83 12.25
N ASN A 456 -12.52 15.16 12.43
CA ASN A 456 -11.59 16.07 11.75
C ASN A 456 -11.41 17.33 12.57
N ASN A 457 -10.50 18.19 12.15
CA ASN A 457 -10.29 19.50 12.75
C ASN A 457 -11.52 20.38 12.49
N TYR A 458 -12.23 20.72 13.56
CA TYR A 458 -13.51 21.42 13.45
C TYR A 458 -13.57 22.63 14.37
N PRO A 459 -13.03 23.79 13.92
CA PRO A 459 -13.01 25.01 14.72
C PRO A 459 -14.34 25.37 15.38
N ALA A 460 -15.43 25.34 14.61
CA ALA A 460 -16.78 25.67 15.12
C ALA A 460 -17.18 24.88 16.36
N TYR A 461 -16.76 23.62 16.44
CA TYR A 461 -17.01 22.79 17.61
C TYR A 461 -15.94 22.99 18.67
N ALA A 462 -14.69 23.18 18.23
CA ALA A 462 -13.54 23.38 19.11
C ALA A 462 -13.78 24.58 20.02
N VAL A 463 -14.26 25.66 19.41
CA VAL A 463 -14.62 26.89 20.10
C VAL A 463 -15.50 26.64 21.33
N GLY A 464 -16.48 25.75 21.21
CA GLY A 464 -17.39 25.44 22.31
C GLY A 464 -16.72 24.60 23.35
N GLY A 465 -15.95 23.60 22.90
CA GLY A 465 -15.22 22.72 23.79
C GLY A 465 -14.14 23.46 24.56
N LEU A 466 -13.51 24.44 23.91
CA LEU A 466 -12.49 25.24 24.55
C LEU A 466 -13.03 26.02 25.75
N ASP A 467 -14.26 26.53 25.63
CA ASP A 467 -14.94 27.16 26.77
C ASP A 467 -14.80 26.34 28.04
N GLY A 468 -15.09 25.05 27.94
CA GLY A 468 -15.01 24.15 29.08
C GLY A 468 -13.60 23.91 29.56
N ALA A 469 -12.75 23.42 28.65
CA ALA A 469 -11.36 23.12 28.96
C ALA A 469 -10.64 24.33 29.53
N THR A 470 -10.78 25.47 28.84
CA THR A 470 -10.15 26.71 29.23
C THR A 470 -10.59 27.14 30.64
N ASN A 471 -11.90 27.12 30.90
CA ASN A 471 -12.44 27.53 32.20
C ASN A 471 -12.05 26.61 33.35
N MSE A 472 -11.98 25.31 33.10
CA MSE A 472 -11.62 24.35 34.13
C MSE A 472 -10.12 24.38 34.44
O MSE A 472 -9.72 24.23 35.60
CB MSE A 472 -12.09 22.95 33.76
CG MSE A 472 -13.62 22.78 33.75
SE MSE A 472 -14.54 23.45 35.35
CE MSE A 472 -15.13 25.20 34.70
N ILE A 473 -9.29 24.57 33.41
CA ILE A 473 -7.85 24.76 33.59
C ILE A 473 -7.59 25.91 34.56
N TYR A 474 -8.20 27.06 34.28
CA TYR A 474 -8.04 28.24 35.13
C TYR A 474 -8.55 27.99 36.54
N LEU A 475 -9.73 27.40 36.63
CA LEU A 475 -10.36 27.14 37.93
C LEU A 475 -9.44 26.36 38.86
N PHE A 476 -8.78 25.33 38.31
CA PHE A 476 -7.91 24.47 39.10
C PHE A 476 -6.45 24.95 39.14
N SER A 477 -6.14 26.01 38.39
CA SER A 477 -4.78 26.49 38.23
C SER A 477 -4.11 26.97 39.53
N ARG A 478 -2.78 26.89 39.57
CA ARG A 478 -1.96 27.37 40.67
C ARG A 478 -2.48 26.88 42.02
N THR A 479 -2.64 25.55 42.10
CA THR A 479 -3.28 24.88 43.21
C THR A 479 -2.81 23.42 43.19
N SER A 480 -2.85 22.76 44.36
CA SER A 480 -2.47 21.35 44.47
C SER A 480 -3.30 20.45 43.54
N LEU A 481 -4.44 20.97 43.10
CA LEU A 481 -5.36 20.25 42.23
C LEU A 481 -5.22 20.65 40.76
N ALA A 482 -4.19 21.41 40.44
CA ALA A 482 -3.94 21.87 39.07
C ALA A 482 -3.70 20.69 38.13
N VAL A 483 -4.13 20.84 36.87
CA VAL A 483 -3.90 19.81 35.86
C VAL A 483 -2.42 19.78 35.47
N SER A 484 -1.97 18.66 34.94
CA SER A 484 -0.57 18.47 34.55
C SER A 484 -0.11 19.50 33.52
N GLU A 485 1.21 19.70 33.44
CA GLU A 485 1.81 20.60 32.45
C GLU A 485 1.41 20.20 31.04
N LEU A 486 1.37 18.90 30.78
CA LEU A 486 1.02 18.35 29.47
C LEU A 486 -0.35 18.82 29.03
N ALA A 487 -1.33 18.71 29.93
CA ALA A 487 -2.71 19.10 29.66
C ALA A 487 -2.82 20.59 29.37
N HIS A 488 -2.20 21.38 30.25
CA HIS A 488 -2.19 22.84 30.16
C HIS A 488 -1.52 23.33 28.88
N ARG A 489 -0.34 22.80 28.56
CA ARG A 489 0.39 23.19 27.35
C ARG A 489 -0.33 22.79 26.04
N THR A 490 -0.96 21.62 26.03
CA THR A 490 -1.70 21.15 24.85
C THR A 490 -2.78 22.15 24.43
N VAL A 491 -3.62 22.55 25.37
CA VAL A 491 -4.69 23.52 25.13
C VAL A 491 -4.12 24.87 24.71
N LYS A 492 -3.06 25.31 25.40
CA LYS A 492 -2.36 26.54 25.05
C LYS A 492 -1.89 26.52 23.60
N ASP A 493 -1.30 25.40 23.17
CA ASP A 493 -0.81 25.22 21.80
C ASP A 493 -1.94 25.18 20.78
N VAL A 494 -3.08 24.62 21.18
CA VAL A 494 -4.28 24.60 20.34
C VAL A 494 -4.76 26.03 20.08
N LEU A 495 -4.80 26.83 21.14
CA LEU A 495 -5.20 28.22 21.04
C LEU A 495 -4.23 29.05 20.21
N LEU A 496 -2.93 28.78 20.39
CA LEU A 496 -1.90 29.46 19.63
C LEU A 496 -1.97 29.10 18.15
N ALA A 497 -2.31 27.85 17.86
CA ALA A 497 -2.53 27.40 16.49
C ALA A 497 -3.75 28.08 15.88
N MSE A 498 -4.85 28.14 16.65
CA MSE A 498 -6.10 28.76 16.17
C MSE A 498 -5.93 30.24 15.83
O MSE A 498 -6.38 30.70 14.78
CB MSE A 498 -7.21 28.56 17.21
CG MSE A 498 -8.53 29.22 16.81
SE MSE A 498 -10.04 28.38 17.70
CE MSE A 498 -9.99 29.34 19.41
N ARG A 499 -5.24 30.97 16.71
CA ARG A 499 -4.87 32.36 16.48
C ARG A 499 -4.04 32.50 15.20
N PHE A 500 -3.31 31.43 14.86
CA PHE A 500 -2.45 31.42 13.69
C PHE A 500 -3.24 31.17 12.40
N TYR A 501 -4.11 30.15 12.40
CA TYR A 501 -4.87 29.84 11.19
C TYR A 501 -6.14 30.68 10.97
N CYS A 502 -6.66 31.28 12.04
CA CYS A 502 -7.70 32.30 11.90
C CYS A 502 -7.03 33.62 11.57
N ASN A 503 -7.75 34.49 10.88
CA ASN A 503 -7.22 35.80 10.50
C ASN A 503 -8.35 36.78 10.20
N LYS A 504 -8.55 37.79 11.05
CA LYS A 504 -7.85 37.91 12.33
C LYS A 504 -8.50 36.98 13.34
N LEU A 505 -9.83 37.02 13.41
CA LEU A 505 -10.58 36.17 14.33
C LEU A 505 -11.36 35.08 13.61
N ASN A 506 -11.61 35.27 12.32
CA ASN A 506 -12.47 34.39 11.53
C ASN A 506 -11.80 33.10 11.08
N PHE A 507 -12.58 32.02 11.03
CA PHE A 507 -12.12 30.78 10.40
C PHE A 507 -11.96 31.00 8.90
N PRO A 508 -10.92 30.39 8.30
CA PRO A 508 -10.85 30.41 6.85
C PRO A 508 -11.96 29.56 6.26
N LEU A 509 -12.32 29.83 5.00
CA LEU A 509 -13.44 29.18 4.33
C LEU A 509 -13.37 27.65 4.37
N SER A 510 -12.20 27.11 4.03
CA SER A 510 -11.97 25.67 3.99
C SER A 510 -12.16 24.98 5.35
N MSE A 511 -12.02 25.75 6.42
CA MSE A 511 -12.12 25.22 7.77
C MSE A 511 -13.47 25.54 8.43
O MSE A 511 -13.64 25.36 9.64
CB MSE A 511 -10.96 25.75 8.62
CG MSE A 511 -9.58 25.48 8.02
SE MSE A 511 -8.09 26.33 8.96
CE MSE A 511 -7.85 25.01 10.37
N SER A 512 -14.42 25.99 7.62
CA SER A 512 -15.75 26.40 8.10
C SER A 512 -16.66 25.21 8.42
N GLY A 513 -16.22 24.01 8.06
CA GLY A 513 -17.02 22.80 8.29
C GLY A 513 -18.30 22.81 7.48
N ARG A 514 -19.44 22.74 8.17
CA ARG A 514 -20.75 22.73 7.49
C ARG A 514 -21.41 24.11 7.49
N HIS A 515 -20.69 25.12 7.96
CA HIS A 515 -21.18 26.50 7.93
C HIS A 515 -20.21 27.44 7.21
N PRO A 516 -20.06 27.28 5.88
CA PRO A 516 -19.21 28.23 5.15
C PRO A 516 -19.90 29.58 4.93
N ASP A 517 -20.28 30.24 6.03
CA ASP A 517 -20.97 31.52 5.97
C ASP A 517 -20.03 32.69 6.23
N GLY A 518 -18.80 32.39 6.63
CA GLY A 518 -17.79 33.40 6.93
C GLY A 518 -18.05 34.13 8.23
N LYS A 519 -18.80 33.49 9.13
CA LYS A 519 -19.19 34.12 10.39
C LYS A 519 -18.40 33.57 11.59
N GLY A 520 -18.14 32.27 11.58
CA GLY A 520 -17.41 31.59 12.66
C GLY A 520 -16.12 32.28 13.06
N LYS A 521 -15.94 32.50 14.36
CA LYS A 521 -14.78 33.20 14.89
C LYS A 521 -14.21 32.47 16.10
N LEU A 522 -12.96 32.78 16.43
CA LEU A 522 -12.37 32.30 17.69
C LEU A 522 -12.87 33.17 18.84
N VAL A 523 -12.82 32.64 20.05
CA VAL A 523 -13.28 33.40 21.23
C VAL A 523 -12.11 34.00 22.01
N PRO A 524 -11.95 35.33 21.95
CA PRO A 524 -10.91 36.02 22.69
C PRO A 524 -10.85 35.63 24.18
N MSE A 525 -12.00 35.42 24.80
CA MSE A 525 -12.07 35.04 26.20
C MSE A 525 -11.13 33.87 26.56
O MSE A 525 -10.44 33.93 27.58
CB MSE A 525 -13.50 34.70 26.62
CG MSE A 525 -13.63 34.21 28.07
SE MSE A 525 -13.47 35.59 29.45
CE MSE A 525 -11.85 36.50 28.92
N HIS A 526 -11.11 32.85 25.71
CA HIS A 526 -10.24 31.68 25.92
C HIS A 526 -8.82 32.11 26.27
N TYR A 527 -8.34 33.12 25.58
CA TYR A 527 -6.98 33.61 25.74
C TYR A 527 -6.80 34.39 27.04
N ALA A 528 -7.76 35.23 27.37
CA ALA A 528 -7.71 35.99 28.61
C ALA A 528 -7.81 35.09 29.84
N ILE A 529 -8.67 34.07 29.77
CA ILE A 529 -8.81 33.11 30.88
C ILE A 529 -7.52 32.33 31.09
N MSE A 530 -6.89 31.93 30.00
CA MSE A 530 -5.65 31.17 30.03
C MSE A 530 -4.44 32.03 30.41
O MSE A 530 -3.41 31.51 30.86
CB MSE A 530 -5.41 30.49 28.70
CG MSE A 530 -6.36 29.39 28.41
SE MSE A 530 -5.95 27.84 29.46
CE MSE A 530 -4.50 27.10 28.40
N ALA A 531 -4.57 33.34 30.22
CA ALA A 531 -3.53 34.28 30.62
C ALA A 531 -3.45 34.35 32.13
N ILE A 532 -4.60 34.43 32.80
CA ILE A 532 -4.64 34.47 34.26
C ILE A 532 -4.62 33.07 34.89
N ALA A 533 -4.54 32.04 34.05
CA ALA A 533 -4.33 30.68 34.53
C ALA A 533 -2.86 30.45 34.88
N GLY A 534 -1.98 31.25 34.29
CA GLY A 534 -0.55 31.13 34.52
C GLY A 534 0.11 30.15 33.56
N THR A 535 1.43 30.08 33.63
CA THR A 535 2.20 29.18 32.77
C THR A 535 1.87 27.72 33.08
N PRO A 536 1.91 26.84 32.05
CA PRO A 536 1.65 25.41 32.22
C PRO A 536 2.44 24.73 33.33
N ASP A 537 3.67 25.17 33.59
CA ASP A 537 4.49 24.60 34.66
C ASP A 537 4.09 25.10 36.06
N GLY A 538 3.31 26.19 36.09
CA GLY A 538 2.81 26.75 37.35
C GLY A 538 3.72 27.79 37.98
N LYS A 539 4.88 28.01 37.37
CA LYS A 539 5.90 28.90 37.92
C LYS A 539 5.65 30.39 37.66
N GLY A 540 4.79 30.68 36.70
CA GLY A 540 4.43 32.07 36.35
C GLY A 540 2.99 32.38 36.71
N ASP A 541 2.77 33.56 37.30
CA ASP A 541 1.43 34.00 37.70
C ASP A 541 0.56 34.25 36.47
N PHE A 542 1.18 34.82 35.43
CA PHE A 542 0.50 35.09 34.16
C PHE A 542 1.14 34.28 33.05
N ASP A 543 0.38 33.98 32.01
CA ASP A 543 0.92 33.43 30.79
C ASP A 543 1.12 34.53 29.75
N LYS A 544 2.38 34.87 29.50
CA LYS A 544 2.75 35.98 28.63
C LYS A 544 2.26 35.81 27.20
N GLU A 545 2.41 34.60 26.65
CA GLU A 545 2.01 34.29 25.28
C GLU A 545 0.50 34.44 25.12
N MSE A 546 -0.22 33.98 26.14
CA MSE A 546 -1.67 34.01 26.17
C MSE A 546 -2.21 35.43 26.31
O MSE A 546 -3.17 35.81 25.63
CB MSE A 546 -2.15 33.15 27.33
CG MSE A 546 -3.35 32.27 27.03
SE MSE A 546 -3.17 31.22 25.41
CE MSE A 546 -4.17 29.66 25.89
N ALA A 547 -1.57 36.22 27.17
CA ALA A 547 -2.00 37.59 27.45
C ALA A 547 -1.86 38.51 26.25
N SER A 548 -0.70 38.46 25.60
CA SER A 548 -0.45 39.29 24.42
C SER A 548 -1.20 38.80 23.20
N ALA A 549 -1.44 37.50 23.13
CA ALA A 549 -2.33 36.95 22.12
C ALA A 549 -3.74 37.50 22.32
N TYR A 550 -4.19 37.55 23.57
CA TYR A 550 -5.52 38.07 23.88
C TYR A 550 -5.65 39.54 23.45
N LEU A 551 -4.69 40.36 23.86
CA LEU A 551 -4.75 41.79 23.63
C LEU A 551 -4.62 42.20 22.16
N ARG A 552 -4.11 41.29 21.33
CA ARG A 552 -4.09 41.50 19.89
C ARG A 552 -5.49 41.28 19.32
N LEU A 553 -6.19 40.29 19.85
CA LEU A 553 -7.48 39.89 19.32
C LEU A 553 -8.60 40.87 19.66
N VAL A 554 -8.39 41.66 20.71
CA VAL A 554 -9.35 42.69 21.12
C VAL A 554 -8.82 44.10 20.85
N SER A 555 -7.69 44.20 20.17
CA SER A 555 -7.09 45.50 19.85
C SER A 555 -8.04 46.36 19.02
N SER A 556 -8.18 47.61 19.44
CA SER A 556 -9.19 48.52 18.90
C SER A 556 -8.91 49.00 17.48
N ASP A 557 -7.67 49.42 17.22
CA ASP A 557 -7.25 50.08 15.97
C ASP A 557 -8.26 51.13 15.47
N MSE A 568 -6.06 50.27 27.49
CA MSE A 568 -7.27 49.54 27.87
C MSE A 568 -8.23 49.39 26.67
O MSE A 568 -8.76 50.39 26.17
CB MSE A 568 -7.95 50.23 29.06
CG MSE A 568 -9.25 49.57 29.54
SE MSE A 568 -9.03 47.71 30.09
CE MSE A 568 -10.88 47.30 30.58
N PRO A 569 -8.45 48.14 26.21
CA PRO A 569 -9.35 47.88 25.09
C PRO A 569 -10.83 48.03 25.46
N LYS A 570 -11.69 47.96 24.45
CA LYS A 570 -13.14 48.00 24.65
C LYS A 570 -13.76 46.62 24.48
N VAL A 571 -14.51 46.19 25.49
CA VAL A 571 -15.17 44.88 25.48
C VAL A 571 -16.53 44.92 26.20
N SER A 572 -17.42 44.00 25.83
CA SER A 572 -18.80 44.00 26.32
C SER A 572 -19.00 43.16 27.58
N ASN A 573 -18.59 41.89 27.54
CA ASN A 573 -18.79 40.95 28.64
C ASN A 573 -18.08 41.38 29.93
N ALA A 574 -18.82 41.41 31.03
CA ALA A 574 -18.35 41.99 32.30
C ALA A 574 -17.12 41.29 32.89
N GLN A 575 -17.15 39.96 32.98
CA GLN A 575 -16.02 39.21 33.57
C GLN A 575 -14.75 39.21 32.69
N GLU A 576 -14.92 39.34 31.38
CA GLU A 576 -13.79 39.48 30.45
C GLU A 576 -13.13 40.85 30.61
N ARG A 577 -13.95 41.88 30.83
CA ARG A 577 -13.46 43.23 30.99
C ARG A 577 -12.59 43.34 32.25
N LYS A 578 -12.94 42.57 33.27
CA LYS A 578 -12.18 42.51 34.52
C LYS A 578 -10.77 41.97 34.26
N ILE A 579 -10.69 40.80 33.63
CA ILE A 579 -9.41 40.17 33.28
C ILE A 579 -8.55 41.10 32.42
N ALA A 580 -9.15 41.70 31.39
CA ALA A 580 -8.45 42.60 30.48
C ALA A 580 -7.84 43.79 31.21
N LYS A 581 -8.58 44.33 32.19
CA LYS A 581 -8.10 45.44 33.00
C LYS A 581 -6.87 45.04 33.80
N ARG A 582 -6.91 43.82 34.36
CA ARG A 582 -5.80 43.27 35.13
C ARG A 582 -4.56 43.11 34.26
N LEU A 583 -4.75 42.58 33.05
CA LEU A 583 -3.64 42.35 32.12
C LEU A 583 -2.96 43.63 31.67
N VAL A 584 -3.75 44.66 31.38
CA VAL A 584 -3.19 45.96 31.00
C VAL A 584 -2.42 46.58 32.17
N GLU A 585 -2.98 46.48 33.37
CA GLU A 585 -2.36 47.03 34.58
C GLU A 585 -1.05 46.33 34.94
N ASN A 586 -0.96 45.06 34.58
CA ASN A 586 0.27 44.28 34.78
C ASN A 586 1.27 44.42 33.64
N GLY A 587 1.04 45.41 32.76
CA GLY A 587 2.01 45.82 31.76
C GLY A 587 2.06 45.02 30.47
N PHE A 588 1.06 44.18 30.25
CA PHE A 588 1.00 43.39 29.03
C PHE A 588 0.52 44.20 27.85
N ARG A 589 1.12 43.97 26.69
CA ARG A 589 0.77 44.64 25.45
C ARG A 589 0.37 43.61 24.40
N ALA A 590 -0.26 44.07 23.31
CA ALA A 590 -0.68 43.20 22.23
C ALA A 590 0.49 42.60 21.45
N GLU A 591 0.32 41.34 21.06
CA GLU A 591 1.18 40.66 20.11
C GLU A 591 1.36 41.43 18.80
N PRO A 592 2.55 41.34 18.20
CA PRO A 592 2.62 41.62 16.76
C PRO A 592 1.98 40.46 16.02
N ASP A 593 1.45 40.70 14.83
CA ASP A 593 0.83 39.65 14.02
C ASP A 593 1.78 38.44 13.93
N PRO A 594 1.30 37.25 14.31
CA PRO A 594 2.15 36.05 14.34
C PRO A 594 2.80 35.75 12.98
N GLN A 595 4.07 35.36 13.01
CA GLN A 595 4.87 35.12 11.80
C GLN A 595 5.32 33.67 11.69
N GLY A 596 5.61 33.21 10.46
CA GLY A 596 6.21 31.89 10.24
C GLY A 596 5.31 30.88 9.53
N ASN A 597 5.47 29.60 9.89
CA ASN A 597 4.73 28.50 9.27
C ASN A 597 4.09 27.54 10.27
N LEU A 598 2.86 27.15 10.00
CA LEU A 598 2.15 26.15 10.78
C LEU A 598 1.84 24.97 9.88
N SER A 599 2.05 23.76 10.38
CA SER A 599 1.56 22.56 9.68
C SER A 599 0.79 21.62 10.62
N LEU A 600 -0.52 21.58 10.39
CA LEU A 600 -1.42 20.67 11.09
C LEU A 600 -1.49 19.34 10.38
N GLY A 601 -0.74 18.36 10.85
CA GLY A 601 -0.85 16.98 10.38
C GLY A 601 -2.24 16.46 10.67
N TYR A 602 -2.70 16.68 11.91
CA TYR A 602 -4.06 16.37 12.29
C TYR A 602 -5.00 17.47 11.81
N GLY A 603 -5.46 17.34 10.57
CA GLY A 603 -6.32 18.33 9.94
C GLY A 603 -5.91 18.66 8.53
N CYS A 604 -4.71 18.21 8.15
CA CYS A 604 -4.16 18.37 6.80
C CYS A 604 -4.16 19.82 6.33
N VAL A 605 -3.60 20.70 7.17
CA VAL A 605 -3.60 22.14 6.93
C VAL A 605 -2.18 22.71 7.11
N SER A 606 -1.77 23.57 6.19
CA SER A 606 -0.52 24.31 6.29
C SER A 606 -0.80 25.81 6.19
N VAL A 607 -0.15 26.61 7.02
CA VAL A 607 -0.37 28.06 7.01
C VAL A 607 0.96 28.83 6.99
N GLN A 608 1.08 29.74 6.05
CA GLN A 608 2.24 30.64 5.99
C GLN A 608 1.83 32.04 6.39
N ARG A 609 2.64 32.68 7.24
CA ARG A 609 2.32 34.01 7.75
C ARG A 609 3.51 34.96 7.69
N ARG A 610 3.35 36.04 6.94
CA ARG A 610 4.28 37.17 7.00
C ARG A 610 3.47 38.44 7.09
N GLU A 611 4.04 39.46 7.73
CA GLU A 611 3.39 40.74 7.91
C GLU A 611 2.04 40.52 8.60
N ASN A 612 0.97 41.05 8.01
CA ASN A 612 -0.38 40.88 8.55
C ASN A 612 -1.20 39.80 7.86
N TRP A 613 -0.71 39.29 6.74
CA TRP A 613 -1.46 38.34 5.91
C TRP A 613 -1.22 36.88 6.29
N SER A 614 -2.05 36.00 5.73
CA SER A 614 -1.84 34.56 5.86
C SER A 614 -2.24 33.82 4.59
N ALA A 615 -1.60 32.67 4.36
CA ALA A 615 -1.95 31.81 3.25
C ALA A 615 -2.22 30.43 3.79
N VAL A 616 -3.47 30.00 3.72
CA VAL A 616 -3.86 28.72 4.34
C VAL A 616 -4.24 27.66 3.33
N ALA A 617 -3.51 26.55 3.40
CA ALA A 617 -3.72 25.40 2.51
C ALA A 617 -4.43 24.29 3.26
N ARG A 618 -5.40 23.67 2.59
CA ARG A 618 -6.08 22.52 3.15
C ARG A 618 -6.32 21.44 2.11
N GLY A 619 -5.99 20.21 2.47
CA GLY A 619 -6.29 19.04 1.66
C GLY A 619 -7.05 18.01 2.47
N HIS A 620 -7.08 16.78 1.97
CA HIS A 620 -7.69 15.65 2.68
C HIS A 620 -7.04 14.32 2.30
N SER A 621 -7.22 13.32 3.16
CA SER A 621 -6.56 12.03 2.99
C SER A 621 -7.55 10.87 3.16
N ARG A 622 -7.00 9.66 3.29
CA ARG A 622 -7.81 8.47 3.57
C ARG A 622 -8.19 8.39 5.06
N TYR A 623 -7.75 9.39 5.83
CA TYR A 623 -8.06 9.48 7.26
C TYR A 623 -8.96 10.68 7.52
N LEU A 624 -8.83 11.71 6.70
CA LEU A 624 -9.52 12.97 6.94
C LEU A 624 -10.44 13.37 5.80
N TRP A 625 -11.71 13.62 6.14
CA TRP A 625 -12.72 13.95 5.14
C TRP A 625 -12.53 15.34 4.54
N ALA A 626 -13.03 15.51 3.32
CA ALA A 626 -12.89 16.76 2.57
C ALA A 626 -13.79 17.87 3.14
N ALA A 627 -15.10 17.63 3.13
CA ALA A 627 -16.08 18.61 3.60
C ALA A 627 -17.31 17.95 4.24
N GLU A 628 -17.86 18.59 5.26
CA GLU A 628 -19.08 18.11 5.91
C GLU A 628 -20.30 18.69 5.22
N HIS A 629 -21.18 17.80 4.77
CA HIS A 629 -22.44 18.17 4.12
C HIS A 629 -23.64 17.64 4.92
N TYR A 630 -24.51 18.55 5.33
CA TYR A 630 -25.76 18.20 5.99
C TYR A 630 -26.91 18.66 5.11
N LEU A 631 -28.12 18.19 5.40
CA LEU A 631 -29.32 18.74 4.75
C LEU A 631 -29.43 20.22 5.09
N GLY A 632 -29.49 21.05 4.06
CA GLY A 632 -29.63 22.49 4.23
C GLY A 632 -28.43 23.18 4.85
N HIS A 633 -27.26 22.55 4.75
CA HIS A 633 -26.01 23.12 5.23
C HIS A 633 -24.83 22.68 4.37
N ASN A 634 -24.10 23.65 3.84
CA ASN A 634 -22.96 23.43 2.93
C ASN A 634 -23.30 22.52 1.74
N LEU A 635 -24.17 23.02 0.87
CA LEU A 635 -24.63 22.27 -0.30
C LEU A 635 -23.54 22.11 -1.37
N TYR A 636 -22.72 23.14 -1.53
CA TYR A 636 -21.84 23.26 -2.70
C TYR A 636 -20.35 23.22 -2.41
N GLY A 637 -19.98 22.81 -1.19
CA GLY A 637 -18.59 22.83 -0.77
C GLY A 637 -17.78 21.59 -1.07
N ARG A 638 -18.12 20.89 -2.15
CA ARG A 638 -17.43 19.66 -2.54
C ARG A 638 -15.91 19.83 -2.65
N TYR A 639 -15.50 21.03 -3.09
CA TYR A 639 -14.11 21.30 -3.43
C TYR A 639 -13.30 22.01 -2.33
N LEU A 640 -13.90 22.22 -1.17
CA LEU A 640 -13.27 22.96 -0.07
C LEU A 640 -11.89 22.45 0.35
N ALA A 641 -11.64 21.15 0.14
CA ALA A 641 -10.35 20.54 0.47
C ALA A 641 -9.65 19.91 -0.74
N HIS A 642 -9.97 20.39 -1.94
CA HIS A 642 -9.32 19.94 -3.16
C HIS A 642 -8.00 20.69 -3.37
N GLY A 643 -7.19 20.76 -2.30
CA GLY A 643 -5.97 21.54 -2.30
C GLY A 643 -6.23 23.03 -2.38
N SER A 644 -7.11 23.52 -1.50
CA SER A 644 -7.45 24.95 -1.48
C SER A 644 -6.32 25.78 -0.90
N LEU A 645 -6.28 27.05 -1.30
CA LEU A 645 -5.25 27.97 -0.81
C LEU A 645 -5.83 29.39 -0.78
N GLN A 646 -6.26 29.80 0.40
CA GLN A 646 -6.91 31.09 0.61
C GLN A 646 -5.91 32.11 1.14
N ILE A 647 -5.95 33.30 0.58
CA ILE A 647 -5.09 34.39 1.03
C ILE A 647 -5.89 35.37 1.86
N LEU A 648 -5.63 35.39 3.16
CA LEU A 648 -6.32 36.30 4.06
C LEU A 648 -5.46 37.53 4.29
N THR A 649 -5.99 38.69 3.90
CA THR A 649 -5.20 39.92 3.87
C THR A 649 -6.02 41.20 4.11
N ALA A 650 -5.30 42.30 4.32
CA ALA A 650 -5.88 43.62 4.56
C ALA A 650 -4.80 44.69 4.44
N PRO A 651 -5.19 45.93 4.11
CA PRO A 651 -4.21 47.01 4.16
C PRO A 651 -3.62 47.15 5.57
N PRO A 652 -2.28 47.18 5.69
CA PRO A 652 -1.60 47.30 6.98
C PRO A 652 -2.28 48.33 7.89
N GLY A 653 -2.64 47.91 9.09
CA GLY A 653 -3.33 48.78 10.04
C GLY A 653 -4.80 48.44 10.23
N GLN A 654 -5.39 47.80 9.22
CA GLN A 654 -6.79 47.34 9.28
C GLN A 654 -6.85 45.87 9.66
N THR A 655 -7.90 45.45 10.35
CA THR A 655 -8.02 44.05 10.80
C THR A 655 -8.47 43.16 9.66
N VAL A 656 -7.83 42.00 9.53
CA VAL A 656 -8.13 41.06 8.45
C VAL A 656 -9.51 40.42 8.65
N THR A 657 -10.31 40.50 7.59
CA THR A 657 -11.68 39.99 7.55
C THR A 657 -11.83 39.30 6.20
N PRO A 658 -12.71 38.28 6.11
CA PRO A 658 -13.07 37.73 4.79
C PRO A 658 -13.44 38.82 3.78
N THR A 659 -14.19 39.82 4.21
CA THR A 659 -14.56 40.96 3.38
C THR A 659 -13.33 41.70 2.86
N THR A 660 -12.31 41.83 3.72
CA THR A 660 -11.09 42.51 3.36
C THR A 660 -10.20 41.61 2.49
N SER A 661 -10.35 40.30 2.67
CA SER A 661 -9.61 39.30 1.91
C SER A 661 -10.27 39.03 0.57
N GLY A 662 -11.35 39.76 0.28
CA GLY A 662 -12.04 39.65 -1.00
C GLY A 662 -12.97 38.45 -1.08
N TRP A 663 -13.63 38.12 0.03
CA TRP A 663 -14.61 37.05 0.04
C TRP A 663 -15.95 37.45 0.64
N GLN A 664 -17.00 37.09 -0.09
CA GLN A 664 -18.37 37.12 0.42
C GLN A 664 -19.08 35.87 -0.09
N GLN A 665 -20.22 35.56 0.49
CA GLN A 665 -21.00 34.40 0.09
C GLN A 665 -21.77 34.66 -1.21
N GLU A 666 -22.46 35.79 -1.28
CA GLU A 666 -23.30 36.11 -2.43
C GLU A 666 -22.52 36.29 -3.73
N GLY A 667 -22.84 35.45 -4.72
CA GLY A 667 -22.22 35.51 -6.05
C GLY A 667 -21.02 34.60 -6.24
N PHE A 668 -20.58 33.98 -5.15
CA PHE A 668 -19.37 33.14 -5.11
C PHE A 668 -19.52 31.86 -5.95
N ASP A 669 -18.64 31.70 -6.93
CA ASP A 669 -18.57 30.48 -7.72
C ASP A 669 -17.97 29.37 -6.88
N TRP A 670 -18.83 28.46 -6.41
CA TRP A 670 -18.44 27.38 -5.51
C TRP A 670 -17.48 26.36 -6.13
N ASN A 671 -17.46 26.31 -7.45
CA ASN A 671 -16.53 25.45 -8.20
C ASN A 671 -15.11 25.97 -8.11
N ARG A 672 -14.97 27.29 -8.08
CA ARG A 672 -13.65 27.92 -8.13
C ARG A 672 -13.16 28.37 -6.75
N ILE A 673 -13.05 27.40 -5.84
CA ILE A 673 -12.43 27.62 -4.54
C ILE A 673 -10.97 27.97 -4.81
N PRO A 674 -10.50 29.14 -4.33
CA PRO A 674 -9.11 29.54 -4.55
C PRO A 674 -8.10 28.40 -4.35
N GLY A 675 -7.30 28.15 -5.38
CA GLY A 675 -6.21 27.17 -5.32
C GLY A 675 -6.53 25.76 -5.80
N VAL A 676 -7.80 25.38 -5.82
CA VAL A 676 -8.19 23.99 -6.11
C VAL A 676 -8.14 23.63 -7.61
N THR A 677 -7.95 22.34 -7.87
CA THR A 677 -8.15 21.76 -9.20
C THR A 677 -9.46 21.01 -9.17
N SER A 678 -10.41 21.44 -10.00
CA SER A 678 -11.77 20.90 -9.95
C SER A 678 -12.51 21.01 -11.28
N ILE A 679 -13.52 20.17 -11.46
CA ILE A 679 -14.36 20.21 -12.64
C ILE A 679 -15.51 21.18 -12.41
N HIS A 680 -15.65 22.15 -13.33
CA HIS A 680 -16.63 23.23 -13.20
C HIS A 680 -18.04 22.73 -13.52
N LEU A 681 -18.85 22.56 -12.48
CA LEU A 681 -20.19 22.01 -12.61
C LEU A 681 -21.30 23.06 -12.44
N PRO A 682 -22.48 22.82 -13.05
CA PRO A 682 -23.66 23.59 -12.67
C PRO A 682 -24.07 23.24 -11.24
N LEU A 683 -24.60 24.23 -10.52
CA LEU A 683 -24.85 24.11 -9.07
C LEU A 683 -25.75 22.93 -8.66
N ASP A 684 -26.68 22.57 -9.53
CA ASP A 684 -27.57 21.42 -9.27
C ASP A 684 -26.81 20.08 -9.33
N LEU A 685 -25.70 20.07 -10.06
CA LEU A 685 -24.82 18.89 -10.12
C LEU A 685 -23.70 18.95 -9.11
N LEU A 686 -23.34 20.17 -8.68
CA LEU A 686 -22.33 20.36 -7.63
C LEU A 686 -22.89 20.14 -6.23
N LYS A 687 -24.19 20.38 -6.07
CA LYS A 687 -24.90 20.16 -4.80
C LYS A 687 -24.60 18.75 -4.28
N ALA A 688 -24.45 18.65 -2.96
CA ALA A 688 -24.18 17.36 -2.35
C ALA A 688 -25.45 16.52 -2.27
N ASN A 689 -25.39 15.31 -2.84
CA ASN A 689 -26.47 14.36 -2.77
C ASN A 689 -26.40 13.61 -1.43
N VAL A 690 -26.98 14.24 -0.41
CA VAL A 690 -26.86 13.79 0.97
C VAL A 690 -27.71 12.55 1.24
N LEU A 691 -27.06 11.50 1.74
CA LEU A 691 -27.71 10.22 2.04
C LEU A 691 -27.37 9.70 3.44
N ASN A 692 -28.21 8.79 3.94
CA ASN A 692 -27.90 8.02 5.13
C ASN A 692 -27.28 6.69 4.71
N VAL A 693 -25.97 6.65 4.69
CA VAL A 693 -25.24 5.53 4.08
C VAL A 693 -25.21 4.26 4.92
N ASP A 694 -25.09 4.40 6.24
CA ASP A 694 -25.05 3.25 7.14
C ASP A 694 -25.65 3.55 8.51
N THR A 695 -25.63 2.54 9.39
CA THR A 695 -26.16 2.64 10.74
C THR A 695 -25.35 3.56 11.68
N PHE A 696 -24.13 3.90 11.26
CA PHE A 696 -23.21 4.67 12.08
C PHE A 696 -23.34 6.19 11.90
N SER A 697 -24.25 6.62 11.04
CA SER A 697 -24.41 8.04 10.72
C SER A 697 -25.87 8.44 10.50
N GLY A 698 -26.09 9.74 10.27
CA GLY A 698 -27.40 10.27 9.92
C GLY A 698 -27.41 10.75 8.48
N MSE A 699 -28.20 11.79 8.21
CA MSE A 699 -28.26 12.39 6.89
C MSE A 699 -27.07 13.31 6.68
O MSE A 699 -27.14 14.52 6.94
CB MSE A 699 -29.57 13.18 6.72
CG MSE A 699 -30.80 12.33 6.44
SE MSE A 699 -30.72 11.44 4.70
CE MSE A 699 -30.82 13.00 3.54
N GLU A 700 -25.97 12.74 6.18
CA GLU A 700 -24.71 13.46 6.08
C GLU A 700 -23.79 12.92 4.97
N GLU A 701 -22.95 13.81 4.44
CA GLU A 701 -21.90 13.42 3.49
C GLU A 701 -20.53 13.94 3.94
N MSE A 702 -19.60 13.00 4.12
CA MSE A 702 -18.27 13.26 4.64
C MSE A 702 -17.29 12.39 3.86
O MSE A 702 -17.02 11.25 4.26
CB MSE A 702 -18.18 12.84 6.11
CG MSE A 702 -19.38 13.20 6.98
SE MSE A 702 -18.89 14.49 8.35
CE MSE A 702 -17.92 13.30 9.55
N LEU A 703 -16.75 12.90 2.76
CA LEU A 703 -15.96 12.07 1.85
C LEU A 703 -14.44 12.16 2.04
N TYR A 704 -13.84 11.05 2.47
CA TYR A 704 -12.39 10.94 2.59
C TYR A 704 -11.83 10.14 1.41
N SER A 705 -10.60 10.44 1.02
CA SER A 705 -9.99 9.84 -0.16
C SER A 705 -9.45 8.43 0.09
N ASP A 706 -8.73 7.89 -0.90
CA ASP A 706 -8.09 6.58 -0.80
C ASP A 706 -6.57 6.73 -0.80
N GLU A 707 -6.11 7.97 -0.75
CA GLU A 707 -4.69 8.27 -0.75
C GLU A 707 -4.26 8.71 0.65
N ALA A 708 -3.11 8.21 1.09
CA ALA A 708 -2.56 8.55 2.40
C ALA A 708 -1.68 9.79 2.34
N PHE A 709 -1.21 10.13 1.15
CA PHE A 709 -0.24 11.21 0.99
C PHE A 709 -0.89 12.57 0.83
N ALA A 710 -1.08 13.25 1.96
CA ALA A 710 -1.59 14.61 2.00
C ALA A 710 -1.19 15.27 3.32
N GLY A 711 -0.49 16.41 3.22
CA GLY A 711 -0.03 17.13 4.40
C GLY A 711 1.12 18.06 4.09
N GLY A 712 1.71 18.63 5.14
CA GLY A 712 2.80 19.58 4.99
C GLY A 712 3.95 19.39 5.96
N LEU A 713 5.06 20.08 5.70
CA LEU A 713 6.14 20.21 6.69
C LEU A 713 6.41 21.66 7.03
N SER A 714 6.91 21.88 8.24
CA SER A 714 7.17 23.21 8.75
C SER A 714 8.63 23.28 9.20
N GLN A 715 9.45 24.05 8.47
CA GLN A 715 10.86 24.22 8.83
C GLN A 715 11.06 25.39 9.78
N GLY A 716 11.66 25.10 10.94
CA GLY A 716 11.93 26.10 11.97
C GLY A 716 10.76 27.02 12.29
N LYS A 717 9.54 26.46 12.24
CA LYS A 717 8.30 27.20 12.43
C LYS A 717 8.20 28.45 11.55
N MSE A 718 9.00 28.50 10.48
CA MSE A 718 9.16 29.71 9.67
C MSE A 718 8.72 29.53 8.23
O MSE A 718 8.00 30.36 7.68
CB MSE A 718 10.62 30.20 9.73
CG MSE A 718 10.83 31.63 9.24
SE MSE A 718 9.79 33.01 10.18
CE MSE A 718 10.23 32.59 12.04
N ASN A 719 9.17 28.43 7.62
CA ASN A 719 8.83 28.11 6.23
C ASN A 719 8.34 26.67 6.12
N GLY A 720 7.99 26.25 4.91
CA GLY A 720 7.61 24.85 4.69
C GLY A 720 6.98 24.57 3.34
N ASN A 721 6.49 23.35 3.18
CA ASN A 721 5.82 22.95 1.96
C ASN A 721 4.63 22.03 2.21
N PHE A 722 3.82 21.83 1.18
CA PHE A 722 2.60 21.03 1.26
C PHE A 722 2.47 20.22 -0.02
N GLY A 723 1.98 18.99 0.10
CA GLY A 723 1.78 18.14 -1.06
C GLY A 723 0.62 17.19 -0.87
N MSE A 724 -0.09 16.88 -1.95
CA MSE A 724 -1.21 15.94 -1.88
C MSE A 724 -1.47 15.19 -3.18
O MSE A 724 -1.32 15.73 -4.28
CB MSE A 724 -2.48 16.63 -1.40
CG MSE A 724 -3.17 17.53 -2.42
SE MSE A 724 -4.94 18.12 -1.86
CE MSE A 724 -5.79 16.40 -1.54
N LYS A 725 -1.86 13.93 -3.03
CA LYS A 725 -2.42 13.15 -4.11
C LYS A 725 -3.93 13.34 -4.04
N LEU A 726 -4.46 14.25 -4.84
CA LEU A 726 -5.90 14.51 -4.91
C LEU A 726 -6.59 13.39 -5.67
N HIS A 727 -7.71 12.91 -5.11
CA HIS A 727 -8.52 11.86 -5.75
C HIS A 727 -9.98 11.96 -5.28
N GLU A 728 -10.82 12.58 -6.11
CA GLU A 728 -12.24 12.75 -5.80
C GLU A 728 -12.94 11.39 -5.64
N HIS A 729 -13.90 11.35 -4.72
CA HIS A 729 -14.64 10.12 -4.41
C HIS A 729 -15.45 9.65 -5.61
N ASP A 730 -15.61 8.33 -5.73
CA ASP A 730 -16.33 7.71 -6.85
C ASP A 730 -17.81 8.07 -6.90
N LYS A 731 -18.34 8.60 -5.79
CA LYS A 731 -19.72 9.06 -5.70
C LYS A 731 -20.02 10.12 -6.76
N TYR A 732 -19.04 10.98 -7.01
CA TYR A 732 -19.16 12.01 -8.05
C TYR A 732 -18.16 11.73 -9.18
N ASN A 733 -17.24 12.67 -9.44
CA ASN A 733 -16.25 12.48 -10.49
C ASN A 733 -15.02 11.71 -10.00
N GLY A 734 -15.14 10.39 -9.95
CA GLY A 734 -14.11 9.52 -9.39
C GLY A 734 -12.84 9.36 -10.20
N THR A 735 -12.89 9.75 -11.48
CA THR A 735 -11.73 9.66 -12.35
C THR A 735 -10.79 10.84 -12.13
N HIS A 736 -11.30 11.88 -11.46
CA HIS A 736 -10.56 13.13 -11.26
C HIS A 736 -9.50 13.00 -10.19
N ARG A 737 -8.24 13.01 -10.61
CA ARG A 737 -7.12 13.01 -9.69
C ARG A 737 -6.01 13.98 -10.11
N ALA A 738 -5.20 14.42 -9.14
CA ALA A 738 -4.16 15.41 -9.39
C ALA A 738 -3.07 15.35 -8.33
N ARG A 739 -1.85 15.71 -8.73
CA ARG A 739 -0.75 15.92 -7.78
C ARG A 739 -0.48 17.42 -7.64
N LYS A 740 -0.75 17.94 -6.44
CA LYS A 740 -0.62 19.36 -6.17
C LYS A 740 0.35 19.61 -5.02
N SER A 741 1.11 20.69 -5.11
CA SER A 741 2.06 21.07 -4.06
C SER A 741 2.13 22.57 -3.83
N PHE A 742 2.40 22.95 -2.59
CA PHE A 742 2.61 24.33 -2.22
C PHE A 742 3.98 24.49 -1.59
N HIS A 743 4.66 25.58 -1.91
CA HIS A 743 5.99 25.84 -1.36
C HIS A 743 6.04 27.23 -0.75
N PHE A 744 6.09 27.27 0.58
CA PHE A 744 6.03 28.51 1.34
C PHE A 744 7.43 28.99 1.72
N ILE A 745 7.94 29.95 0.96
CA ILE A 745 9.27 30.53 1.19
C ILE A 745 9.11 32.03 1.47
N ASP A 746 9.49 32.45 2.68
CA ASP A 746 9.37 33.84 3.10
C ASP A 746 7.98 34.44 2.75
N GLY A 747 7.97 35.52 1.99
CA GLY A 747 6.73 36.18 1.60
C GLY A 747 6.22 35.75 0.24
N MSE A 748 6.38 34.47 -0.07
CA MSE A 748 6.04 33.93 -1.38
C MSE A 748 5.53 32.49 -1.29
O MSE A 748 6.10 31.65 -0.60
CB MSE A 748 7.26 34.01 -2.30
CG MSE A 748 7.30 33.00 -3.42
SE MSE A 748 9.02 33.08 -4.31
CE MSE A 748 9.48 31.19 -4.21
N ILE A 749 4.43 32.23 -2.00
CA ILE A 749 3.79 30.92 -2.01
C ILE A 749 3.72 30.42 -3.45
N VAL A 750 4.55 29.44 -3.78
CA VAL A 750 4.58 28.93 -5.14
C VAL A 750 3.78 27.63 -5.26
N CYS A 751 2.82 27.64 -6.19
CA CYS A 751 1.90 26.53 -6.39
C CYS A 751 2.24 25.74 -7.64
N LEU A 752 2.48 24.45 -7.46
CA LEU A 752 2.86 23.55 -8.54
C LEU A 752 1.87 22.40 -8.67
N GLY A 753 1.59 22.00 -9.92
CA GLY A 753 0.66 20.92 -10.18
C GLY A 753 0.98 20.11 -11.40
N SER A 754 0.72 18.81 -11.33
CA SER A 754 0.92 17.90 -12.46
C SER A 754 -0.01 16.69 -12.36
N ASP A 755 -0.08 15.93 -13.44
CA ASP A 755 -0.86 14.68 -13.52
C ASP A 755 -2.35 14.89 -13.27
N ILE A 756 -2.86 16.05 -13.70
CA ILE A 756 -4.28 16.38 -13.60
C ILE A 756 -5.05 15.61 -14.69
N GLU A 757 -6.06 14.86 -14.26
CA GLU A 757 -6.79 13.97 -15.17
C GLU A 757 -8.20 13.64 -14.70
N ASN A 758 -9.12 13.56 -15.67
CA ASN A 758 -10.45 12.97 -15.49
C ASN A 758 -11.04 12.57 -16.85
N THR A 759 -12.19 11.90 -16.84
CA THR A 759 -12.85 11.49 -18.08
C THR A 759 -14.16 12.22 -18.33
N ASN A 760 -14.35 13.36 -17.65
CA ASN A 760 -15.53 14.18 -17.85
C ASN A 760 -15.41 15.04 -19.09
N MSE A 761 -16.20 14.69 -20.12
CA MSE A 761 -16.17 15.40 -21.39
C MSE A 761 -17.31 16.41 -21.56
O MSE A 761 -17.49 16.97 -22.64
CB MSE A 761 -16.18 14.41 -22.55
CG MSE A 761 -14.81 14.06 -23.04
SE MSE A 761 -14.76 12.21 -23.55
CE MSE A 761 -13.90 11.45 -21.98
N ASP A 762 -18.08 16.62 -20.49
CA ASP A 762 -19.18 17.56 -20.50
C ASP A 762 -18.76 18.91 -19.94
N TYR A 763 -17.86 18.88 -18.96
CA TYR A 763 -17.47 20.08 -18.21
C TYR A 763 -15.96 20.18 -17.99
N PRO A 764 -15.41 21.41 -18.12
CA PRO A 764 -13.96 21.66 -18.07
C PRO A 764 -13.33 21.49 -16.68
N THR A 765 -12.05 21.16 -16.67
CA THR A 765 -11.27 21.12 -15.43
C THR A 765 -10.47 22.41 -15.28
N GLU A 766 -10.51 22.99 -14.09
CA GLU A 766 -9.85 24.27 -13.83
C GLU A 766 -9.11 24.27 -12.51
N THR A 767 -7.93 24.89 -12.50
CA THR A 767 -7.31 25.35 -11.27
C THR A 767 -7.53 26.85 -11.23
N THR A 768 -7.91 27.36 -10.05
CA THR A 768 -8.19 28.77 -9.92
C THR A 768 -7.09 29.48 -9.15
N ILE A 769 -6.43 30.43 -9.82
CA ILE A 769 -5.37 31.22 -9.22
C ILE A 769 -5.97 32.15 -8.16
N PHE A 770 -7.01 32.90 -8.54
CA PHE A 770 -7.79 33.68 -7.57
C PHE A 770 -9.23 33.91 -8.00
N GLN A 771 -10.12 34.00 -7.00
CA GLN A 771 -11.49 34.47 -7.18
C GLN A 771 -11.77 35.48 -6.08
N LEU A 772 -12.01 36.73 -6.45
CA LEU A 772 -12.11 37.82 -5.47
C LEU A 772 -13.33 38.69 -5.68
N ALA A 773 -13.96 39.06 -4.57
CA ALA A 773 -15.14 39.90 -4.58
C ALA A 773 -14.77 41.36 -4.78
N VAL A 774 -15.57 42.07 -5.58
CA VAL A 774 -15.39 43.49 -5.82
C VAL A 774 -16.58 44.22 -5.20
N THR A 775 -16.32 44.91 -4.09
CA THR A 775 -17.39 45.48 -3.27
C THR A 775 -17.45 47.00 -3.28
N ASP A 776 -16.39 47.65 -2.78
CA ASP A 776 -16.36 49.11 -2.72
C ASP A 776 -16.06 49.77 -4.07
N LYS A 777 -16.22 51.09 -4.12
CA LYS A 777 -15.98 51.88 -5.32
C LYS A 777 -14.55 51.73 -5.86
N ALA A 778 -13.59 51.80 -4.95
CA ALA A 778 -12.17 51.73 -5.31
C ALA A 778 -11.79 50.41 -5.99
N ALA A 779 -12.45 49.33 -5.60
CA ALA A 779 -12.23 48.02 -6.21
C ALA A 779 -12.73 47.97 -7.65
N HIS A 780 -13.86 48.63 -7.91
CA HIS A 780 -14.43 48.70 -9.26
C HIS A 780 -13.56 49.51 -10.22
N ASP A 781 -13.02 50.62 -9.72
CA ASP A 781 -12.17 51.52 -10.50
C ASP A 781 -10.81 50.87 -10.84
N TYR A 782 -10.33 50.00 -9.97
CA TYR A 782 -9.06 49.32 -10.16
C TYR A 782 -9.08 48.37 -11.35
N TRP A 783 -10.24 47.76 -11.60
CA TRP A 783 -10.38 46.77 -12.67
C TRP A 783 -10.84 47.35 -14.00
N LYS A 784 -11.08 48.65 -14.05
CA LYS A 784 -11.61 49.32 -15.25
C LYS A 784 -10.91 48.91 -16.55
N ASN A 785 -9.58 48.80 -16.50
CA ASN A 785 -8.79 48.36 -17.67
C ASN A 785 -7.48 47.65 -17.31
N ASN A 786 -7.37 47.17 -16.07
CA ASN A 786 -6.17 46.49 -15.61
C ASN A 786 -5.98 45.13 -16.29
N ALA A 787 -4.97 45.06 -17.16
CA ALA A 787 -4.79 43.95 -18.10
C ALA A 787 -4.55 42.55 -17.50
N GLY A 788 -3.65 42.38 -16.52
CA GLY A 788 -2.72 43.39 -16.02
C GLY A 788 -1.44 43.43 -16.84
N GLU A 789 -0.89 42.25 -17.12
CA GLU A 789 0.17 42.09 -18.12
C GLU A 789 -0.20 40.98 -19.14
N GLY A 790 0.69 40.02 -19.47
CA GLY A 790 2.02 39.84 -18.90
C GLY A 790 2.08 38.57 -18.08
N LYS A 791 3.28 38.24 -17.60
CA LYS A 791 3.48 37.12 -16.68
C LYS A 791 3.19 37.51 -15.23
N VAL A 792 2.70 38.74 -15.05
CA VAL A 792 2.51 39.32 -13.72
C VAL A 792 1.13 39.96 -13.54
N TRP A 793 0.42 39.49 -12.52
CA TRP A 793 -0.88 40.04 -12.14
C TRP A 793 -0.81 40.66 -10.75
N MSE A 794 -1.73 41.60 -10.48
CA MSE A 794 -1.86 42.19 -9.15
C MSE A 794 -3.30 42.62 -8.92
O MSE A 794 -3.85 43.42 -9.69
CB MSE A 794 -0.89 43.36 -8.96
CG MSE A 794 -0.52 43.63 -7.52
SE MSE A 794 1.07 44.76 -7.37
CE MSE A 794 0.28 46.47 -7.94
N ASP A 795 -3.91 42.11 -7.85
CA ASP A 795 -5.31 42.41 -7.55
C ASP A 795 -5.49 43.72 -6.79
N HIS A 796 -6.74 44.01 -6.44
CA HIS A 796 -7.10 45.24 -5.74
C HIS A 796 -6.80 45.17 -4.24
N LEU A 797 -6.38 44.00 -3.77
CA LEU A 797 -6.07 43.78 -2.37
C LEU A 797 -4.56 43.83 -2.11
N GLY A 798 -3.79 44.19 -3.14
CA GLY A 798 -2.36 44.38 -3.01
C GLY A 798 -1.50 43.12 -3.09
N THR A 799 -2.12 41.99 -3.45
CA THR A 799 -1.39 40.74 -3.61
C THR A 799 -1.04 40.44 -5.08
N GLY A 800 0.21 40.08 -5.32
CA GLY A 800 0.73 39.82 -6.67
C GLY A 800 0.70 38.36 -7.07
N TYR A 801 0.57 38.12 -8.38
CA TYR A 801 0.51 36.77 -8.93
C TYR A 801 1.45 36.63 -10.13
N TYR A 802 2.49 35.81 -9.97
CA TYR A 802 3.38 35.49 -11.08
C TYR A 802 2.86 34.26 -11.81
N VAL A 803 2.39 34.46 -13.05
CA VAL A 803 1.75 33.40 -13.83
C VAL A 803 2.45 33.24 -15.19
N PRO A 804 3.42 32.31 -15.27
CA PRO A 804 4.13 32.00 -16.52
C PRO A 804 3.33 31.13 -17.50
N VAL A 805 2.40 30.32 -16.99
CA VAL A 805 1.56 29.48 -17.82
C VAL A 805 0.33 30.25 -18.33
N ALA A 806 -0.28 29.74 -19.41
CA ALA A 806 -1.47 30.35 -19.99
C ALA A 806 -2.66 30.32 -19.02
N ALA A 807 -3.28 31.47 -18.82
CA ALA A 807 -4.39 31.63 -17.88
C ALA A 807 -5.52 32.53 -18.42
N ARG A 808 -6.75 32.21 -18.03
CA ARG A 808 -7.94 32.94 -18.48
C ARG A 808 -8.49 33.85 -17.39
N PHE A 809 -8.82 35.08 -17.77
CA PHE A 809 -9.31 36.10 -16.84
C PHE A 809 -10.79 36.40 -17.10
N GLU A 810 -11.57 36.40 -16.03
CA GLU A 810 -13.00 36.70 -16.12
C GLU A 810 -13.41 37.87 -15.23
N LYS A 811 -14.14 38.82 -15.81
CA LYS A 811 -14.68 39.95 -15.07
C LYS A 811 -16.21 39.87 -15.13
N ASN A 812 -16.78 39.17 -14.17
CA ASN A 812 -18.23 38.93 -14.16
C ASN A 812 -18.96 39.91 -13.24
N PHE A 813 -19.42 41.01 -13.83
CA PHE A 813 -20.23 42.00 -13.13
C PHE A 813 -21.67 41.99 -13.68
N PRO A 814 -22.59 41.29 -12.98
CA PRO A 814 -22.37 40.50 -11.77
C PRO A 814 -22.11 39.02 -12.05
N GLN A 815 -22.00 38.23 -10.97
CA GLN A 815 -21.87 36.78 -11.07
C GLN A 815 -22.97 36.15 -10.21
N TYR A 816 -23.56 35.05 -10.70
CA TYR A 816 -24.68 34.42 -10.02
C TYR A 816 -24.28 33.14 -9.29
N SER A 817 -24.90 32.94 -8.13
CA SER A 817 -24.63 31.78 -7.28
C SER A 817 -25.84 31.47 -6.41
N ARG A 818 -25.66 30.59 -5.42
CA ARG A 818 -26.70 30.25 -4.47
C ARG A 818 -26.15 30.22 -3.04
N MSE A 819 -27.02 30.41 -2.05
CA MSE A 819 -26.64 30.39 -0.63
C MSE A 819 -26.21 28.99 -0.20
O MSE A 819 -26.79 28.00 -0.66
CB MSE A 819 -27.81 30.85 0.25
CG MSE A 819 -28.11 32.34 0.20
SE MSE A 819 -26.81 33.48 1.12
CE MSE A 819 -27.22 32.97 2.97
N GLN A 820 -25.23 28.91 0.69
CA GLN A 820 -24.68 27.63 1.16
C GLN A 820 -25.71 26.73 1.83
N ASP A 821 -26.70 27.36 2.48
CA ASP A 821 -27.71 26.64 3.26
C ASP A 821 -29.05 26.54 2.55
N THR A 822 -29.61 27.68 2.18
CA THR A 822 -30.97 27.76 1.63
C THR A 822 -31.00 27.41 0.15
N GLY A 823 -29.91 27.70 -0.56
CA GLY A 823 -29.83 27.49 -2.01
C GLY A 823 -30.47 28.62 -2.80
N LYS A 824 -30.92 29.66 -2.10
CA LYS A 824 -31.53 30.84 -2.73
C LYS A 824 -30.53 31.56 -3.62
N GLU A 825 -31.03 32.12 -4.74
CA GLU A 825 -30.19 32.81 -5.71
C GLU A 825 -29.51 34.05 -5.13
N THR A 826 -28.21 34.14 -5.34
CA THR A 826 -27.40 35.27 -4.86
C THR A 826 -26.53 35.82 -5.98
N LYS A 827 -26.20 37.11 -5.89
CA LYS A 827 -25.33 37.75 -6.87
C LYS A 827 -24.28 38.67 -6.23
N GLY A 828 -23.21 38.92 -6.97
CA GLY A 828 -22.15 39.82 -6.56
C GLY A 828 -21.17 40.07 -7.69
N ASP A 829 -20.42 41.18 -7.58
CA ASP A 829 -19.37 41.49 -8.55
C ASP A 829 -18.09 40.73 -8.23
N TRP A 830 -17.71 39.83 -9.14
CA TRP A 830 -16.56 38.95 -8.91
C TRP A 830 -15.54 38.98 -10.05
N VAL A 831 -14.27 38.84 -9.67
CA VAL A 831 -13.16 38.84 -10.61
C VAL A 831 -12.34 37.56 -10.43
N SER A 832 -12.03 36.88 -11.54
CA SER A 832 -11.40 35.55 -11.48
C SER A 832 -10.26 35.35 -12.49
N LEU A 833 -9.22 34.66 -12.05
CA LEU A 833 -8.13 34.23 -12.93
C LEU A 833 -7.95 32.72 -12.77
N ILE A 834 -8.18 31.99 -13.85
CA ILE A 834 -8.14 30.52 -13.82
C ILE A 834 -7.18 29.95 -14.86
N ILE A 835 -6.62 28.79 -14.56
CA ILE A 835 -5.84 28.04 -15.53
C ILE A 835 -6.74 27.00 -16.17
N ASP A 836 -6.96 27.16 -17.46
CA ASP A 836 -7.89 26.34 -18.21
C ASP A 836 -7.24 25.05 -18.69
N HIS A 837 -7.43 23.97 -17.95
CA HIS A 837 -7.20 22.63 -18.47
C HIS A 837 -8.42 22.31 -19.34
N GLY A 838 -8.29 21.36 -20.27
CA GLY A 838 -9.39 21.06 -21.17
C GLY A 838 -10.55 20.32 -20.53
N LYS A 839 -11.46 19.82 -21.37
CA LYS A 839 -12.45 18.85 -20.95
C LYS A 839 -11.78 17.48 -20.98
N ALA A 840 -11.95 16.71 -19.90
CA ALA A 840 -11.29 15.42 -19.72
C ALA A 840 -9.77 15.43 -20.00
N PRO A 841 -8.99 16.14 -19.14
CA PRO A 841 -7.54 16.23 -19.37
C PRO A 841 -6.83 14.90 -19.13
N LYS A 842 -5.69 14.72 -19.79
CA LYS A 842 -4.94 13.48 -19.72
C LYS A 842 -3.74 13.58 -18.76
N ALA A 843 -3.00 14.69 -18.86
CA ALA A 843 -1.84 14.92 -17.97
C ALA A 843 -1.60 16.42 -17.71
N GLY A 844 -2.66 17.13 -17.34
CA GLY A 844 -2.60 18.59 -17.13
C GLY A 844 -1.65 19.03 -16.04
N SER A 845 -1.17 20.28 -16.16
CA SER A 845 -0.20 20.84 -15.22
C SER A 845 -0.37 22.34 -15.06
N TYR A 846 0.20 22.88 -13.97
CA TYR A 846 0.23 24.33 -13.74
C TYR A 846 1.45 24.77 -12.92
N GLU A 847 1.82 26.04 -13.06
CA GLU A 847 2.88 26.66 -12.26
C GLU A 847 2.60 28.15 -12.11
N TYR A 848 2.39 28.59 -10.87
CA TYR A 848 2.20 30.02 -10.56
C TYR A 848 2.61 30.32 -9.11
N ALA A 849 2.96 31.59 -8.84
CA ALA A 849 3.36 31.99 -7.50
C ALA A 849 2.58 33.21 -6.99
N ILE A 850 2.29 33.21 -5.68
CA ILE A 850 1.52 34.28 -5.03
C ILE A 850 2.39 35.03 -4.02
N LEU A 851 2.46 36.35 -4.19
CA LEU A 851 3.15 37.20 -3.22
C LEU A 851 2.16 38.22 -2.63
N PRO A 852 1.65 37.94 -1.42
CA PRO A 852 0.69 38.83 -0.77
C PRO A 852 1.34 40.10 -0.22
N GLY A 853 0.58 41.19 -0.19
CA GLY A 853 1.04 42.47 0.35
C GLY A 853 2.32 42.99 -0.29
N THR A 854 2.32 43.08 -1.62
CA THR A 854 3.50 43.48 -2.37
C THR A 854 3.30 44.81 -3.10
N ASP A 855 4.27 45.18 -3.94
CA ASP A 855 4.19 46.37 -4.77
C ASP A 855 4.49 46.05 -6.23
N ARG A 856 4.15 46.98 -7.11
CA ARG A 856 4.35 46.87 -8.56
C ARG A 856 5.81 46.59 -8.93
N LYS A 857 6.72 47.30 -8.27
CA LYS A 857 8.16 47.20 -8.52
C LYS A 857 8.72 45.80 -8.27
N THR A 858 8.38 45.21 -7.12
CA THR A 858 8.84 43.86 -6.76
C THR A 858 8.33 42.83 -7.76
N MSE A 859 7.10 43.01 -8.22
CA MSE A 859 6.45 42.11 -9.17
C MSE A 859 7.11 42.10 -10.55
O MSE A 859 7.33 41.04 -11.13
CB MSE A 859 4.96 42.42 -9.27
CG MSE A 859 4.14 41.98 -8.07
SE MSE A 859 4.53 40.15 -7.53
CE MSE A 859 3.80 39.19 -9.08
N THR A 860 7.42 43.29 -11.07
CA THR A 860 8.10 43.40 -12.37
C THR A 860 9.50 42.80 -12.30
N ALA A 861 10.19 43.01 -11.18
CA ALA A 861 11.52 42.45 -10.95
C ALA A 861 11.47 40.94 -10.79
N PHE A 862 10.36 40.45 -10.22
CA PHE A 862 10.13 39.02 -10.05
C PHE A 862 9.88 38.34 -11.40
N ALA A 863 9.20 39.05 -12.30
CA ALA A 863 8.92 38.53 -13.64
C ALA A 863 10.19 38.37 -14.46
N LYS A 864 11.12 39.33 -14.33
CA LYS A 864 12.40 39.30 -15.05
C LYS A 864 13.31 38.22 -14.47
N LYS A 865 13.38 38.17 -13.13
CA LYS A 865 14.18 37.17 -12.42
C LYS A 865 13.37 36.54 -11.29
N PRO A 866 12.69 35.40 -11.58
CA PRO A 866 11.94 34.69 -10.54
C PRO A 866 12.87 34.21 -9.40
N ALA A 867 12.37 34.33 -8.18
CA ALA A 867 13.16 34.00 -6.98
C ALA A 867 13.31 32.49 -6.76
N TYR A 868 12.60 31.70 -7.58
CA TYR A 868 12.68 30.24 -7.54
C TYR A 868 13.01 29.65 -8.91
N SER A 869 13.45 28.39 -8.91
CA SER A 869 13.64 27.59 -10.11
C SER A 869 13.12 26.19 -9.88
N VAL A 870 12.32 25.67 -10.82
CA VAL A 870 11.77 24.33 -10.71
C VAL A 870 12.81 23.27 -11.07
N LEU A 871 13.04 22.33 -10.16
CA LEU A 871 14.01 21.26 -10.39
C LEU A 871 13.40 20.08 -11.10
N GLN A 872 12.25 19.61 -10.62
CA GLN A 872 11.40 18.68 -11.37
C GLN A 872 9.93 18.82 -10.97
N GLN A 873 9.04 18.43 -11.87
CA GLN A 873 7.60 18.61 -11.67
C GLN A 873 6.84 17.52 -12.41
N ASP A 874 6.79 16.33 -11.81
CA ASP A 874 6.11 15.18 -12.39
C ASP A 874 5.49 14.29 -11.30
N ARG A 875 4.95 13.14 -11.70
CA ARG A 875 4.28 12.24 -10.76
C ARG A 875 5.17 11.79 -9.60
N ASN A 876 6.48 11.75 -9.84
CA ASN A 876 7.44 11.35 -8.82
C ASN A 876 7.65 12.43 -7.76
N ALA A 877 7.89 13.67 -8.19
CA ALA A 877 8.19 14.77 -7.28
C ALA A 877 7.96 16.18 -7.84
N HIS A 878 7.70 17.11 -6.92
CA HIS A 878 7.74 18.54 -7.21
C HIS A 878 8.88 19.13 -6.40
N ILE A 879 10.01 19.39 -7.06
CA ILE A 879 11.19 19.94 -6.37
C ILE A 879 11.51 21.34 -6.88
N LEU A 880 11.93 22.20 -5.95
CA LEU A 880 12.10 23.62 -6.21
C LEU A 880 13.14 24.23 -5.27
N GLU A 881 13.94 25.15 -5.79
CA GLU A 881 14.95 25.84 -4.98
C GLU A 881 14.89 27.36 -5.10
N SER A 882 15.32 28.05 -4.05
CA SER A 882 15.41 29.51 -4.03
C SER A 882 16.81 29.93 -3.60
N PRO A 883 17.66 30.39 -4.56
CA PRO A 883 19.06 30.72 -4.27
C PRO A 883 19.22 31.88 -3.28
N SER A 884 18.32 32.86 -3.35
CA SER A 884 18.36 34.03 -2.47
C SER A 884 18.02 33.65 -1.03
N ASP A 885 17.02 32.78 -0.86
CA ASP A 885 16.60 32.31 0.46
C ASP A 885 17.43 31.11 0.94
N ARG A 886 18.26 30.57 0.05
CA ARG A 886 19.14 29.41 0.33
C ARG A 886 18.35 28.15 0.68
N ILE A 887 17.22 27.95 0.02
CA ILE A 887 16.29 26.87 0.35
C ILE A 887 16.01 25.92 -0.82
N THR A 888 15.96 24.62 -0.54
CA THR A 888 15.53 23.61 -1.50
C THR A 888 14.33 22.83 -0.95
N SER A 889 13.23 22.83 -1.71
CA SER A 889 11.98 22.22 -1.27
C SER A 889 11.69 20.91 -2.01
N TYR A 890 11.44 19.85 -1.23
CA TYR A 890 11.19 18.52 -1.78
C TYR A 890 9.81 18.01 -1.41
N VAL A 891 8.94 17.86 -2.41
CA VAL A 891 7.69 17.12 -2.24
C VAL A 891 7.79 15.84 -3.06
N LEU A 892 8.03 14.73 -2.37
CA LEU A 892 8.31 13.46 -3.00
C LEU A 892 7.11 12.52 -2.88
N PHE A 893 6.34 12.42 -3.95
CA PHE A 893 5.12 11.61 -4.00
C PHE A 893 5.40 10.10 -4.02
N GLU A 894 6.52 9.71 -4.62
CA GLU A 894 6.89 8.31 -4.71
C GLU A 894 8.36 8.13 -4.32
N THR A 895 8.74 6.89 -4.00
CA THR A 895 10.13 6.55 -3.76
C THR A 895 10.93 6.87 -5.02
N PRO A 896 11.93 7.77 -4.90
CA PRO A 896 12.61 8.31 -6.08
C PRO A 896 13.74 7.43 -6.61
N GLN A 897 13.40 6.50 -7.50
CA GLN A 897 14.42 5.73 -8.21
C GLN A 897 15.09 6.63 -9.24
N SER A 898 16.23 7.14 -8.78
CA SER A 898 17.14 8.03 -9.44
C SER A 898 17.71 9.05 -8.46
N LEU A 899 18.91 9.49 -8.76
CA LEU A 899 19.58 10.60 -8.09
C LEU A 899 18.72 11.86 -8.13
N LEU A 900 18.31 12.33 -6.95
CA LEU A 900 17.50 13.55 -6.81
C LEU A 900 18.29 14.81 -7.09
N PRO A 901 17.68 15.79 -7.77
CA PRO A 901 18.34 17.07 -8.02
C PRO A 901 18.43 17.90 -6.75
N GLY A 902 19.33 18.89 -6.74
CA GLY A 902 19.50 19.76 -5.58
C GLY A 902 20.94 19.87 -5.15
N GLY A 903 21.68 18.77 -5.21
CA GLY A 903 23.10 18.77 -4.89
C GLY A 903 23.43 18.16 -3.54
N LEU A 904 22.52 18.28 -2.58
CA LEU A 904 22.76 17.71 -1.25
C LEU A 904 21.92 16.47 -0.95
N LEU A 905 20.60 16.58 -1.10
CA LEU A 905 19.72 15.42 -0.94
C LEU A 905 19.82 14.53 -2.18
N GLN A 906 20.28 13.29 -1.98
CA GLN A 906 20.52 12.38 -3.08
C GLN A 906 19.41 11.35 -3.28
N ARG A 907 19.07 10.62 -2.22
CA ARG A 907 18.03 9.59 -2.30
C ARG A 907 17.10 9.60 -1.10
N THR A 908 15.96 8.93 -1.27
CA THR A 908 14.94 8.83 -0.23
C THR A 908 14.39 7.41 -0.13
N ASP A 909 14.12 6.99 1.10
CA ASP A 909 13.62 5.66 1.43
C ASP A 909 12.21 5.42 0.90
N THR A 910 11.33 6.40 1.16
CA THR A 910 9.89 6.29 0.91
C THR A 910 9.31 7.68 0.67
N SER A 911 8.20 7.74 -0.07
CA SER A 911 7.49 9.00 -0.33
C SER A 911 7.41 9.87 0.93
N CYS A 912 7.85 11.13 0.81
CA CYS A 912 7.90 12.03 1.97
C CYS A 912 8.07 13.51 1.60
N LEU A 913 8.15 14.34 2.63
CA LEU A 913 8.39 15.76 2.49
C LEU A 913 9.73 16.14 3.11
N VAL A 914 10.55 16.87 2.34
CA VAL A 914 11.88 17.31 2.81
C VAL A 914 12.10 18.78 2.46
N MSE A 915 12.85 19.48 3.31
CA MSE A 915 13.30 20.86 3.03
C MSE A 915 14.72 21.08 3.55
O MSE A 915 15.05 20.68 4.67
CB MSE A 915 12.33 21.91 3.60
CG MSE A 915 12.70 23.37 3.31
SE MSE A 915 11.25 24.70 3.51
CE MSE A 915 12.31 26.28 3.77
N VAL A 916 15.55 21.69 2.71
CA VAL A 916 16.96 21.92 3.03
C VAL A 916 17.26 23.42 3.02
N ARG A 917 17.79 23.93 4.14
CA ARG A 917 18.22 25.32 4.22
C ARG A 917 19.72 25.40 4.50
N LYS A 918 20.42 26.17 3.67
CA LYS A 918 21.86 26.29 3.78
C LYS A 918 22.26 27.59 4.50
N GLU A 919 22.78 27.45 5.71
CA GLU A 919 23.26 28.61 6.47
C GLU A 919 24.59 29.10 5.90
N SER A 920 25.46 28.14 5.60
CA SER A 920 26.72 28.38 4.90
C SER A 920 27.18 27.07 4.26
N ALA A 921 28.37 27.07 3.67
CA ALA A 921 28.92 25.85 3.09
C ALA A 921 29.19 24.77 4.14
N ASP A 922 29.14 25.17 5.42
CA ASP A 922 29.46 24.28 6.54
C ASP A 922 28.23 23.85 7.35
N LYS A 923 27.24 24.72 7.42
CA LYS A 923 26.05 24.46 8.26
C LYS A 923 24.74 24.41 7.47
N VAL A 924 24.00 23.32 7.69
CA VAL A 924 22.77 23.05 6.94
C VAL A 924 21.66 22.63 7.91
N LEU A 925 20.44 23.12 7.66
CA LEU A 925 19.27 22.70 8.43
C LEU A 925 18.42 21.75 7.59
N LEU A 926 18.31 20.51 8.05
CA LEU A 926 17.55 19.47 7.36
C LEU A 926 16.27 19.21 8.12
N THR A 927 15.16 19.16 7.39
CA THR A 927 13.86 18.88 8.01
C THR A 927 13.01 17.92 7.16
N VAL A 928 12.42 16.92 7.83
CA VAL A 928 11.70 15.85 7.16
C VAL A 928 10.32 15.63 7.81
N ALA A 929 9.33 15.36 6.97
CA ALA A 929 7.99 15.03 7.44
C ALA A 929 7.39 13.88 6.64
N GLN A 930 6.59 13.07 7.31
CA GLN A 930 5.87 11.98 6.65
C GLN A 930 4.36 12.24 6.76
N PRO A 931 3.74 12.74 5.67
CA PRO A 931 2.33 13.13 5.64
C PRO A 931 1.37 12.00 5.99
N ASP A 932 1.79 10.76 5.71
CA ASP A 932 0.98 9.59 6.07
C ASP A 932 0.87 9.45 7.59
N LEU A 933 -0.29 9.85 8.12
CA LEU A 933 -0.62 9.71 9.54
C LEU A 933 -0.51 8.27 10.03
N ALA A 934 -0.74 7.32 9.13
CA ALA A 934 -0.58 5.89 9.39
C ALA A 934 -1.45 5.35 10.54
N LEU A 935 -2.75 5.63 10.49
CA LEU A 935 -3.69 5.10 11.46
C LEU A 935 -3.94 3.61 11.20
N TYR A 936 -3.86 3.22 9.92
CA TYR A 936 -3.74 1.81 9.54
C TYR A 936 -2.62 1.67 8.50
N ARG A 937 -2.06 0.47 8.39
CA ARG A 937 -0.78 0.28 7.68
C ARG A 937 -0.85 -0.17 6.22
N GLY A 938 -1.81 -1.02 5.87
CA GLY A 938 -1.85 -1.61 4.53
C GLY A 938 -2.36 -0.69 3.42
N PRO A 939 -2.85 -1.31 2.31
CA PRO A 939 -3.56 -0.57 1.25
C PRO A 939 -4.86 0.03 1.77
N SER A 940 -5.37 1.04 1.05
CA SER A 940 -6.56 1.79 1.44
C SER A 940 -7.75 0.90 1.86
N ASP A 941 -8.36 1.24 2.99
CA ASP A 941 -9.53 0.51 3.51
C ASP A 941 -10.75 0.85 2.67
N GLU A 942 -11.18 -0.10 1.85
CA GLU A 942 -12.22 0.16 0.88
C GLU A 942 -13.23 -0.98 0.77
N ALA A 943 -14.48 -0.62 0.49
CA ALA A 943 -15.50 -1.58 0.13
C ALA A 943 -15.88 -1.32 -1.33
N PHE A 944 -15.68 -2.33 -2.17
CA PHE A 944 -15.80 -2.17 -3.62
C PHE A 944 -17.16 -2.56 -4.19
N ASP A 945 -17.49 -1.95 -5.32
CA ASP A 945 -18.73 -2.19 -6.04
C ASP A 945 -18.63 -3.45 -6.91
N LYS A 946 -19.73 -3.81 -7.55
CA LYS A 946 -19.76 -4.85 -8.57
C LYS A 946 -18.91 -4.43 -9.78
N ASP A 947 -18.88 -3.12 -10.04
CA ASP A 947 -18.11 -2.55 -11.14
C ASP A 947 -16.70 -2.12 -10.72
N GLY A 948 -16.46 -2.03 -9.42
CA GLY A 948 -15.14 -1.67 -8.89
C GLY A 948 -15.03 -0.25 -8.39
N LYS A 949 -16.17 0.39 -8.18
CA LYS A 949 -16.21 1.76 -7.66
C LYS A 949 -16.19 1.76 -6.14
N ARG A 950 -15.57 2.80 -5.56
CA ARG A 950 -15.51 2.97 -4.10
C ARG A 950 -16.89 3.24 -3.55
N MSE A 951 -17.26 2.51 -2.50
CA MSE A 951 -18.56 2.71 -1.86
C MSE A 951 -18.47 3.71 -0.72
O MSE A 951 -17.54 3.66 0.08
CB MSE A 951 -19.15 1.39 -1.38
CG MSE A 951 -19.51 0.43 -2.51
SE MSE A 951 -20.75 -0.97 -1.95
CE MSE A 951 -19.53 -2.11 -0.95
N GLU A 952 -19.46 4.60 -0.66
CA GLU A 952 -19.54 5.60 0.41
C GLU A 952 -19.82 4.91 1.75
N ARG A 953 -18.89 5.06 2.68
CA ARG A 953 -19.05 4.61 4.05
C ARG A 953 -18.65 5.76 4.97
N SER A 954 -19.50 6.05 5.96
CA SER A 954 -19.24 7.14 6.91
C SER A 954 -17.99 6.83 7.71
N ILE A 955 -17.24 7.88 8.04
CA ILE A 955 -16.00 7.72 8.82
C ILE A 955 -16.25 7.03 10.17
N TYR A 956 -17.41 7.27 10.77
CA TYR A 956 -17.77 6.71 12.08
C TYR A 956 -17.80 5.18 12.07
N SER A 957 -17.97 4.59 10.89
CA SER A 957 -18.10 3.14 10.75
C SER A 957 -16.76 2.41 10.74
N ARG A 958 -15.68 3.16 10.58
CA ARG A 958 -14.35 2.56 10.45
C ARG A 958 -13.77 2.19 11.82
N PRO A 959 -13.14 1.01 11.92
CA PRO A 959 -12.66 0.51 13.22
C PRO A 959 -11.31 1.09 13.66
N TRP A 960 -10.67 1.88 12.78
CA TRP A 960 -9.31 2.38 13.03
C TRP A 960 -9.26 3.85 13.46
N ILE A 961 -10.44 4.44 13.66
CA ILE A 961 -10.56 5.90 13.92
C ILE A 961 -9.95 6.38 15.25
N ASP A 962 -9.61 5.46 16.14
CA ASP A 962 -9.01 5.80 17.43
C ASP A 962 -7.55 5.32 17.55
N ASN A 963 -6.99 4.87 16.43
CA ASN A 963 -5.65 4.31 16.40
C ASN A 963 -4.56 5.35 16.63
N GLU A 964 -3.52 4.94 17.36
CA GLU A 964 -2.31 5.73 17.48
C GLU A 964 -1.69 5.91 16.11
N SER A 965 -1.20 7.11 15.82
CA SER A 965 -0.45 7.35 14.58
C SER A 965 0.75 6.40 14.53
N GLY A 966 0.86 5.66 13.43
CA GLY A 966 1.92 4.69 13.27
C GLY A 966 3.26 5.31 12.94
N GLU A 967 4.32 4.74 13.51
CA GLU A 967 5.67 5.22 13.24
C GLU A 967 6.16 4.74 11.87
N ILE A 968 6.63 5.68 11.06
CA ILE A 968 7.20 5.33 9.75
C ILE A 968 8.67 5.76 9.68
N PRO A 969 9.58 4.80 9.49
CA PRO A 969 10.99 5.13 9.28
C PRO A 969 11.23 5.75 7.91
N VAL A 970 11.92 6.89 7.88
CA VAL A 970 12.29 7.57 6.65
C VAL A 970 13.81 7.74 6.62
N THR A 971 14.45 7.16 5.60
CA THR A 971 15.90 7.24 5.47
C THR A 971 16.30 8.19 4.34
N VAL A 972 17.13 9.19 4.67
CA VAL A 972 17.63 10.15 3.67
C VAL A 972 19.12 9.99 3.38
N THR A 973 19.48 10.12 2.11
CA THR A 973 20.87 10.01 1.68
C THR A 973 21.43 11.37 1.27
N LEU A 974 22.53 11.76 1.90
CA LEU A 974 23.11 13.09 1.70
C LEU A 974 24.53 13.01 1.19
N LYS A 975 24.88 13.91 0.28
CA LYS A 975 26.22 13.96 -0.31
C LYS A 975 27.24 14.54 0.67
N GLY A 976 28.36 13.84 0.83
CA GLY A 976 29.47 14.32 1.68
C GLY A 976 29.36 13.91 3.13
N ARG A 977 30.41 14.23 3.90
CA ARG A 977 30.47 13.91 5.33
C ARG A 977 29.73 14.96 6.15
N TRP A 978 28.81 14.49 6.99
CA TRP A 978 28.02 15.38 7.85
C TRP A 978 27.92 14.85 9.28
N LYS A 979 28.08 15.76 10.23
CA LYS A 979 27.99 15.44 11.65
C LYS A 979 26.67 15.95 12.21
N VAL A 980 25.96 15.10 12.93
CA VAL A 980 24.66 15.45 13.51
C VAL A 980 24.59 15.04 14.98
N VAL A 981 23.86 15.81 15.77
CA VAL A 981 23.61 15.45 17.17
C VAL A 981 22.41 14.50 17.20
N GLU A 982 22.64 13.29 17.69
CA GLU A 982 21.62 12.23 17.71
C GLU A 982 20.48 12.50 18.68
N THR A 983 19.27 12.21 18.22
CA THR A 983 18.04 12.38 18.99
C THR A 983 17.27 11.07 18.96
N PRO A 984 16.26 10.90 19.84
CA PRO A 984 15.43 9.70 19.81
C PRO A 984 14.76 9.47 18.46
N TYR A 985 14.62 10.55 17.68
CA TYR A 985 13.92 10.50 16.39
C TYR A 985 14.85 10.57 15.17
N CYS A 986 16.14 10.82 15.39
CA CYS A 986 17.10 10.89 14.30
C CYS A 986 18.42 10.21 14.64
N LYS A 987 18.83 9.27 13.80
CA LYS A 987 20.04 8.48 14.00
C LYS A 987 20.81 8.37 12.69
N VAL A 988 22.12 8.51 12.77
CA VAL A 988 22.98 8.28 11.60
C VAL A 988 23.16 6.76 11.40
N VAL A 989 22.86 6.29 10.20
CA VAL A 989 22.82 4.86 9.92
C VAL A 989 24.10 4.37 9.21
N SER A 990 24.47 5.05 8.12
CA SER A 990 25.66 4.69 7.35
C SER A 990 26.49 5.93 7.04
N GLU A 991 27.80 5.75 6.96
CA GLU A 991 28.70 6.89 6.81
C GLU A 991 30.02 6.51 6.12
N ASP A 992 30.39 7.28 5.11
CA ASP A 992 31.70 7.18 4.47
C ASP A 992 32.15 8.55 3.95
N LYS A 993 33.20 8.55 3.12
CA LYS A 993 33.77 9.79 2.60
C LYS A 993 32.84 10.49 1.61
N LYS A 994 32.00 9.72 0.93
CA LYS A 994 31.14 10.26 -0.10
C LYS A 994 29.70 10.55 0.35
N GLN A 995 29.20 9.78 1.31
CA GLN A 995 27.78 9.84 1.71
C GLN A 995 27.55 9.87 3.21
N THR A 996 26.36 10.33 3.61
CA THR A 996 25.88 10.29 4.98
C THR A 996 24.38 10.00 4.96
N VAL A 997 23.97 8.85 5.50
CA VAL A 997 22.53 8.51 5.54
C VAL A 997 21.98 8.54 6.96
N LEU A 998 20.78 9.11 7.11
CA LEU A 998 20.16 9.28 8.41
C LEU A 998 18.76 8.65 8.42
N ARG A 999 18.36 8.12 9.58
CA ARG A 999 17.02 7.54 9.73
C ARG A 999 16.15 8.38 10.66
N PHE A 1000 15.05 8.88 10.13
CA PHE A 1000 14.08 9.65 10.90
C PHE A 1000 12.91 8.75 11.31
N LEU A 1001 12.56 8.79 12.60
CA LEU A 1001 11.41 8.05 13.12
C LEU A 1001 10.19 8.97 13.19
N CYS A 1002 9.33 8.87 12.19
CA CYS A 1002 8.24 9.82 12.00
C CYS A 1002 6.89 9.37 12.58
N LYS A 1003 6.15 10.34 13.10
CA LYS A 1003 4.81 10.14 13.66
C LYS A 1003 3.96 11.38 13.43
N ASP A 1004 2.63 11.21 13.52
CA ASP A 1004 1.68 12.33 13.59
C ASP A 1004 1.69 13.30 12.40
N GLY A 1005 2.40 12.94 11.34
CA GLY A 1005 2.61 13.86 10.21
C GLY A 1005 3.40 15.10 10.63
N ALA A 1006 4.15 14.98 11.72
CA ALA A 1006 4.92 16.08 12.28
C ALA A 1006 6.20 16.33 11.51
N SER A 1007 6.80 17.49 11.74
CA SER A 1007 8.05 17.86 11.11
C SER A 1007 9.20 17.67 12.08
N TYR A 1008 10.16 16.84 11.68
CA TYR A 1008 11.34 16.56 12.47
C TYR A 1008 12.54 17.21 11.79
N GLU A 1009 13.32 17.99 12.54
CA GLU A 1009 14.50 18.64 11.97
C GLU A 1009 15.78 18.54 12.79
N VAL A 1010 16.90 18.51 12.07
CA VAL A 1010 18.23 18.42 12.68
C VAL A 1010 19.19 19.44 12.09
N GLU A 1011 20.18 19.83 12.89
CA GLU A 1011 21.21 20.74 12.42
C GLU A 1011 22.43 19.92 11.97
N LEU A 1012 22.88 20.20 10.75
CA LEU A 1012 24.00 19.49 10.13
C LEU A 1012 25.24 20.35 10.07
N GLU A 1013 26.41 19.74 10.32
CA GLU A 1013 27.68 20.43 10.22
C GLU A 1013 28.71 19.55 9.49
N LYS A 1014 29.41 20.15 8.52
CA LYS A 1014 30.38 19.44 7.69
C LYS A 1014 31.67 19.16 8.46
N ALA B 14 -12.60 -48.16 -13.19
CA ALA B 14 -12.87 -47.49 -11.89
C ALA B 14 -12.67 -45.98 -11.97
N GLN B 15 -13.51 -45.23 -11.25
CA GLN B 15 -13.38 -43.78 -11.20
C GLN B 15 -12.37 -43.38 -10.13
N ILE B 16 -11.48 -42.46 -10.48
CA ILE B 16 -10.48 -41.99 -9.52
C ILE B 16 -11.08 -40.93 -8.59
N VAL B 17 -10.84 -41.11 -7.30
CA VAL B 17 -11.43 -40.31 -6.20
C VAL B 17 -12.93 -40.52 -6.01
N THR B 18 -13.29 -41.03 -4.84
CA THR B 18 -14.68 -41.23 -4.46
C THR B 18 -15.01 -40.29 -3.30
N ASP B 19 -15.95 -39.37 -3.54
CA ASP B 19 -16.31 -38.37 -2.54
C ASP B 19 -17.78 -37.98 -2.67
N GLU B 20 -18.38 -37.57 -1.55
CA GLU B 20 -19.78 -37.17 -1.51
C GLU B 20 -20.07 -35.92 -2.37
N ARG B 21 -19.03 -35.14 -2.65
CA ARG B 21 -19.14 -33.94 -3.49
C ARG B 21 -18.83 -34.25 -4.96
N MSE B 22 -18.30 -35.45 -5.18
CA MSE B 22 -17.86 -35.90 -6.50
C MSE B 22 -18.97 -36.69 -7.20
O MSE B 22 -19.39 -37.74 -6.70
CB MSE B 22 -16.59 -36.76 -6.34
CG MSE B 22 -16.11 -37.51 -7.58
SE MSE B 22 -15.00 -36.46 -8.80
CE MSE B 22 -16.40 -35.85 -9.99
N PHE B 23 -19.45 -36.17 -8.32
CA PHE B 23 -20.43 -36.86 -9.13
C PHE B 23 -19.85 -37.35 -10.45
N SER B 24 -19.81 -38.68 -10.60
CA SER B 24 -19.19 -39.33 -11.75
C SER B 24 -20.16 -40.27 -12.48
N PHE B 25 -21.32 -40.50 -11.86
CA PHE B 25 -22.44 -41.26 -12.46
C PHE B 25 -22.06 -42.69 -12.88
N GLU B 26 -21.32 -43.38 -12.02
CA GLU B 26 -20.84 -44.73 -12.31
C GLU B 26 -21.82 -45.82 -11.86
N GLU B 27 -22.92 -45.40 -11.24
CA GLU B 27 -23.94 -46.32 -10.75
C GLU B 27 -25.06 -46.54 -11.79
N PRO B 28 -25.67 -47.74 -11.79
CA PRO B 28 -26.73 -48.09 -12.75
C PRO B 28 -27.92 -47.13 -12.71
N GLN B 29 -28.34 -46.75 -11.51
CA GLN B 29 -29.45 -45.81 -11.30
C GLN B 29 -28.91 -44.38 -11.20
N LEU B 30 -29.70 -43.42 -11.67
CA LEU B 30 -29.38 -42.01 -11.49
C LEU B 30 -29.50 -41.58 -10.02
N PRO B 31 -28.65 -40.64 -9.58
CA PRO B 31 -28.79 -40.11 -8.21
C PRO B 31 -30.14 -39.44 -7.98
N ALA B 32 -30.78 -39.79 -6.86
CA ALA B 32 -32.11 -39.29 -6.53
C ALA B 32 -32.18 -37.77 -6.38
N CYS B 33 -31.05 -37.16 -6.02
CA CYS B 33 -30.98 -35.71 -5.81
C CYS B 33 -30.95 -34.90 -7.11
N ILE B 34 -30.80 -35.59 -8.24
CA ILE B 34 -30.80 -34.93 -9.55
C ILE B 34 -32.12 -35.13 -10.30
N THR B 35 -32.79 -34.01 -10.60
CA THR B 35 -34.06 -34.03 -11.33
C THR B 35 -34.00 -33.13 -12.55
N GLY B 36 -34.80 -33.47 -13.57
CA GLY B 36 -34.82 -32.71 -14.82
C GLY B 36 -36.17 -32.06 -15.10
N VAL B 37 -36.13 -30.78 -15.48
CA VAL B 37 -37.35 -30.03 -15.81
C VAL B 37 -37.40 -29.76 -17.31
N GLN B 38 -38.51 -30.17 -17.93
CA GLN B 38 -38.71 -30.08 -19.38
C GLN B 38 -37.50 -30.63 -20.15
N SER B 39 -37.01 -31.77 -19.66
CA SER B 39 -35.83 -32.43 -20.21
C SER B 39 -35.79 -33.88 -19.71
N GLN B 40 -35.01 -34.72 -20.39
CA GLN B 40 -34.85 -36.11 -19.99
C GLN B 40 -33.40 -36.45 -19.63
N LEU B 41 -33.24 -37.25 -18.59
CA LEU B 41 -31.92 -37.62 -18.07
C LEU B 41 -31.68 -39.12 -18.24
N GLY B 42 -30.42 -39.49 -18.38
CA GLY B 42 -30.04 -40.90 -18.51
C GLY B 42 -28.55 -41.12 -18.37
N ILE B 43 -28.18 -42.33 -17.92
CA ILE B 43 -26.79 -42.72 -17.83
C ILE B 43 -26.33 -43.24 -19.20
N SER B 44 -25.29 -42.61 -19.75
CA SER B 44 -24.78 -42.95 -21.08
C SER B 44 -23.34 -43.44 -21.01
N GLY B 45 -23.03 -44.44 -21.83
CA GLY B 45 -21.67 -44.96 -21.94
C GLY B 45 -20.98 -44.51 -23.21
N ALA B 46 -21.61 -43.59 -23.92
CA ALA B 46 -21.09 -43.09 -25.20
C ALA B 46 -19.93 -42.11 -25.03
N HIS B 47 -19.94 -41.36 -23.93
CA HIS B 47 -18.89 -40.41 -23.60
C HIS B 47 -18.62 -40.42 -22.09
N TYR B 48 -17.35 -40.27 -21.72
CA TYR B 48 -16.96 -40.26 -20.30
C TYR B 48 -15.60 -39.59 -20.07
N LYS B 49 -15.51 -38.81 -19.00
CA LYS B 49 -14.28 -38.13 -18.62
C LYS B 49 -13.59 -38.84 -17.45
N ASP B 50 -14.36 -39.59 -16.67
CA ASP B 50 -13.81 -40.50 -15.67
C ASP B 50 -14.75 -41.69 -15.49
N GLY B 51 -14.18 -42.83 -15.13
CA GLY B 51 -14.95 -44.07 -15.07
C GLY B 51 -15.25 -44.54 -16.47
N LYS B 52 -16.52 -44.85 -16.72
CA LYS B 52 -16.95 -45.37 -18.02
C LYS B 52 -18.31 -44.83 -18.43
N HIS B 53 -18.86 -43.91 -17.63
CA HIS B 53 -20.21 -43.37 -17.85
C HIS B 53 -20.28 -41.86 -17.66
N SER B 54 -21.33 -41.25 -18.19
CA SER B 54 -21.64 -39.84 -17.96
C SER B 54 -23.15 -39.61 -17.96
N LEU B 55 -23.56 -38.40 -17.55
CA LEU B 55 -24.98 -38.07 -17.49
C LEU B 55 -25.43 -37.40 -18.79
N GLU B 56 -26.31 -38.08 -19.50
CA GLU B 56 -26.91 -37.56 -20.73
C GLU B 56 -28.09 -36.67 -20.38
N TRP B 57 -27.94 -35.39 -20.67
CA TRP B 57 -29.00 -34.42 -20.43
C TRP B 57 -29.56 -33.89 -21.74
N THR B 58 -30.67 -34.50 -22.18
CA THR B 58 -31.34 -34.11 -23.41
C THR B 58 -32.46 -33.12 -23.07
N PHE B 59 -32.31 -31.89 -23.54
CA PHE B 59 -33.19 -30.80 -23.12
C PHE B 59 -34.07 -30.20 -24.23
N GLU B 60 -35.24 -29.73 -23.82
CA GLU B 60 -36.09 -28.89 -24.65
C GLU B 60 -35.67 -27.44 -24.38
N PRO B 61 -36.08 -26.48 -25.25
CA PRO B 61 -35.73 -25.08 -25.03
C PRO B 61 -36.03 -24.59 -23.61
N ASN B 62 -35.02 -24.01 -22.97
CA ASN B 62 -35.11 -23.46 -21.61
C ASN B 62 -35.33 -24.49 -20.48
N GLY B 63 -34.96 -25.74 -20.76
CA GLY B 63 -35.05 -26.81 -19.77
C GLY B 63 -33.96 -26.70 -18.71
N ARG B 64 -34.26 -27.18 -17.50
CA ARG B 64 -33.33 -27.10 -16.39
C ARG B 64 -32.87 -28.48 -15.91
N LEU B 65 -31.64 -28.54 -15.41
CA LEU B 65 -31.13 -29.71 -14.70
C LEU B 65 -30.88 -29.26 -13.26
N GLU B 66 -31.54 -29.93 -12.32
CA GLU B 66 -31.46 -29.53 -10.91
C GLU B 66 -30.81 -30.59 -10.03
N LEU B 67 -29.73 -30.19 -9.35
CA LEU B 67 -29.05 -31.05 -8.39
C LEU B 67 -29.31 -30.52 -6.98
N ARG B 68 -30.11 -31.24 -6.22
CA ARG B 68 -30.51 -30.84 -4.87
C ARG B 68 -29.70 -31.55 -3.78
N LYS B 69 -28.55 -30.99 -3.45
CA LYS B 69 -27.69 -31.52 -2.39
C LYS B 69 -26.82 -30.38 -1.83
N ASP B 70 -26.46 -30.50 -0.55
CA ASP B 70 -25.55 -29.57 0.10
C ASP B 70 -24.27 -29.46 -0.73
N LEU B 71 -24.05 -28.29 -1.33
CA LEU B 71 -22.92 -28.07 -2.24
C LEU B 71 -21.57 -28.08 -1.52
N LYS B 72 -21.63 -27.90 -0.20
CA LYS B 72 -20.45 -27.92 0.67
C LYS B 72 -19.37 -26.89 0.27
N PHE B 73 -19.84 -25.70 -0.08
CA PHE B 73 -18.96 -24.56 -0.31
C PHE B 73 -18.45 -24.00 1.01
N GLU B 74 -17.15 -23.71 1.04
CA GLU B 74 -16.50 -23.10 2.20
C GLU B 74 -15.94 -21.74 1.83
N LYS B 75 -16.22 -20.73 2.63
CA LYS B 75 -15.67 -19.39 2.41
C LYS B 75 -14.15 -19.38 2.63
N LYS B 76 -13.46 -18.47 1.95
CA LYS B 76 -12.01 -18.33 2.04
C LYS B 76 -11.55 -18.07 3.48
N ASP B 77 -10.33 -18.53 3.79
CA ASP B 77 -9.73 -18.34 5.11
C ASP B 77 -9.70 -16.86 5.49
N PRO B 78 -10.42 -16.49 6.56
CA PRO B 78 -10.50 -15.09 6.97
C PRO B 78 -9.18 -14.50 7.45
N THR B 79 -8.27 -15.34 7.93
CA THR B 79 -6.98 -14.88 8.44
C THR B 79 -5.99 -14.55 7.32
N GLY B 80 -6.18 -15.16 6.16
CA GLY B 80 -5.30 -14.93 5.01
C GLY B 80 -4.13 -15.90 4.93
N LYS B 81 -4.00 -16.76 5.94
CA LYS B 81 -2.96 -17.79 5.98
C LYS B 81 -3.08 -18.74 4.80
N ASP B 82 -4.30 -19.23 4.57
CA ASP B 82 -4.60 -20.13 3.45
C ASP B 82 -5.18 -19.33 2.29
N LEU B 83 -4.54 -19.45 1.14
CA LEU B 83 -4.88 -18.66 -0.04
C LEU B 83 -5.81 -19.40 -1.01
N TYR B 84 -6.06 -20.67 -0.74
CA TYR B 84 -6.88 -21.52 -1.61
C TYR B 84 -8.34 -21.06 -1.64
N LEU B 85 -8.92 -21.04 -2.83
CA LEU B 85 -10.31 -20.67 -3.02
C LEU B 85 -11.15 -21.89 -3.40
N SER B 86 -12.39 -21.91 -2.88
CA SER B 86 -13.34 -22.99 -3.18
C SER B 86 -13.84 -22.85 -4.62
N ALA B 87 -13.78 -23.96 -5.36
CA ALA B 87 -14.11 -23.93 -6.78
C ALA B 87 -15.11 -25.01 -7.20
N PHE B 88 -15.88 -24.70 -8.22
CA PHE B 88 -16.77 -25.64 -8.87
C PHE B 88 -16.06 -26.18 -10.11
N ILE B 89 -16.13 -27.50 -10.31
CA ILE B 89 -15.44 -28.16 -11.42
C ILE B 89 -16.37 -29.08 -12.21
N VAL B 90 -16.41 -28.89 -13.53
CA VAL B 90 -17.18 -29.75 -14.42
C VAL B 90 -16.49 -30.03 -15.75
N TRP B 91 -16.87 -31.16 -16.35
CA TRP B 91 -16.55 -31.47 -17.74
C TRP B 91 -17.86 -31.63 -18.51
N ILE B 92 -18.00 -30.86 -19.58
CA ILE B 92 -19.19 -30.90 -20.42
C ILE B 92 -18.85 -31.44 -21.79
N TYR B 93 -19.69 -32.34 -22.31
CA TYR B 93 -19.51 -32.87 -23.66
C TYR B 93 -20.66 -32.43 -24.56
N ASN B 94 -20.30 -32.04 -25.78
CA ASN B 94 -21.29 -31.69 -26.79
C ASN B 94 -21.03 -32.42 -28.10
N GLU B 95 -22.07 -33.08 -28.62
CA GLU B 95 -21.99 -33.77 -29.91
C GLU B 95 -22.24 -32.79 -31.06
N GLN B 96 -23.11 -31.82 -30.81
CA GLN B 96 -23.52 -30.87 -31.83
C GLN B 96 -23.33 -29.43 -31.34
N PRO B 97 -22.32 -28.72 -31.90
CA PRO B 97 -21.98 -27.38 -31.44
C PRO B 97 -23.11 -26.38 -31.68
N GLN B 98 -23.35 -25.51 -30.71
CA GLN B 98 -24.37 -24.46 -30.83
C GLN B 98 -23.79 -23.10 -30.49
N ASP B 99 -24.11 -22.10 -31.31
CA ASP B 99 -23.70 -20.72 -31.06
C ASP B 99 -24.52 -20.12 -29.92
N ALA B 100 -24.40 -20.72 -28.74
CA ALA B 100 -25.17 -20.34 -27.55
C ALA B 100 -24.39 -20.66 -26.26
N ALA B 101 -25.04 -20.42 -25.12
CA ALA B 101 -24.40 -20.65 -23.83
C ALA B 101 -25.35 -21.22 -22.77
N ILE B 102 -24.82 -22.15 -21.99
CA ILE B 102 -25.47 -22.71 -20.82
C ILE B 102 -25.27 -21.75 -19.64
N GLU B 103 -26.24 -21.72 -18.72
CA GLU B 103 -26.12 -20.93 -17.50
C GLU B 103 -26.02 -21.85 -16.29
N PHE B 104 -24.98 -21.64 -15.48
CA PHE B 104 -24.82 -22.37 -14.22
C PHE B 104 -25.31 -21.52 -13.06
N GLU B 105 -26.27 -22.05 -12.31
CA GLU B 105 -26.88 -21.30 -11.21
C GLU B 105 -26.73 -22.05 -9.88
N PHE B 106 -26.38 -21.29 -8.84
CA PHE B 106 -26.18 -21.85 -7.51
C PHE B 106 -27.09 -21.17 -6.49
N LEU B 107 -27.91 -21.98 -5.82
CA LEU B 107 -29.01 -21.47 -5.00
C LEU B 107 -28.97 -22.00 -3.57
N LYS B 108 -29.35 -21.12 -2.64
CA LYS B 108 -29.59 -21.51 -1.24
C LYS B 108 -31.10 -21.52 -1.01
N ASP B 109 -31.64 -22.72 -0.76
CA ASP B 109 -33.09 -22.95 -0.61
C ASP B 109 -33.88 -22.55 -1.86
N GLY B 110 -34.19 -21.26 -1.99
CA GLY B 110 -34.98 -20.76 -3.11
C GLY B 110 -34.24 -19.83 -4.07
N ARG B 111 -33.60 -18.80 -3.52
CA ARG B 111 -32.99 -17.73 -4.33
C ARG B 111 -31.61 -18.10 -4.83
N LYS B 112 -31.28 -17.65 -6.04
CA LYS B 112 -29.94 -17.82 -6.58
C LYS B 112 -29.00 -16.78 -5.98
N CYS B 113 -27.77 -17.20 -5.70
CA CYS B 113 -26.76 -16.30 -5.13
C CYS B 113 -25.61 -16.09 -6.09
N ALA B 114 -25.22 -17.15 -6.79
CA ALA B 114 -24.11 -17.09 -7.73
C ALA B 114 -24.45 -17.77 -9.06
N SER B 115 -23.94 -17.21 -10.16
CA SER B 115 -24.15 -17.74 -11.49
C SER B 115 -22.93 -17.54 -12.39
N PHE B 116 -22.76 -18.41 -13.39
CA PHE B 116 -21.76 -18.20 -14.44
C PHE B 116 -22.17 -18.82 -15.78
N PRO B 117 -21.91 -18.10 -16.90
CA PRO B 117 -22.22 -18.65 -18.22
C PRO B 117 -21.16 -19.63 -18.71
N PHE B 118 -21.57 -20.56 -19.56
CA PHE B 118 -20.66 -21.55 -20.14
C PHE B 118 -21.01 -21.78 -21.60
N GLY B 119 -20.13 -21.33 -22.49
CA GLY B 119 -20.33 -21.48 -23.94
C GLY B 119 -20.37 -22.93 -24.37
N ILE B 120 -21.24 -23.23 -25.33
CA ILE B 120 -21.37 -24.60 -25.86
C ILE B 120 -21.16 -24.68 -27.38
N ASN B 121 -20.32 -23.80 -27.91
CA ASN B 121 -19.97 -23.82 -29.33
C ASN B 121 -18.74 -24.67 -29.57
N PHE B 122 -18.84 -25.96 -29.23
CA PHE B 122 -17.72 -26.90 -29.35
C PHE B 122 -18.18 -28.33 -29.60
N LYS B 123 -17.26 -29.15 -30.09
CA LYS B 123 -17.50 -30.58 -30.26
C LYS B 123 -16.47 -31.36 -29.46
N GLY B 124 -16.95 -32.16 -28.52
CA GLY B 124 -16.08 -32.93 -27.62
C GLY B 124 -16.17 -32.48 -26.17
N TRP B 125 -15.15 -32.81 -25.39
CA TRP B 125 -15.09 -32.45 -23.98
C TRP B 125 -14.48 -31.08 -23.76
N ARG B 126 -15.11 -30.29 -22.91
CA ARG B 126 -14.51 -29.04 -22.40
C ARG B 126 -14.72 -28.94 -20.89
N ALA B 127 -13.76 -28.35 -20.20
CA ALA B 127 -13.83 -28.23 -18.74
C ALA B 127 -14.13 -26.81 -18.27
N ALA B 128 -14.47 -26.69 -17.00
CA ALA B 128 -14.62 -25.40 -16.33
C ALA B 128 -14.26 -25.55 -14.86
N TRP B 129 -13.20 -24.89 -14.44
CA TRP B 129 -12.85 -24.74 -13.03
C TRP B 129 -13.16 -23.29 -12.67
N VAL B 130 -14.20 -23.09 -11.86
CA VAL B 130 -14.68 -21.74 -11.54
C VAL B 130 -14.70 -21.52 -10.03
N CYS B 131 -13.98 -20.49 -9.57
CA CYS B 131 -13.97 -20.11 -8.16
C CYS B 131 -15.22 -19.31 -7.80
N TYR B 132 -15.92 -19.77 -6.77
CA TYR B 132 -17.18 -19.17 -6.32
C TYR B 132 -17.08 -17.68 -6.05
N GLU B 133 -16.01 -17.27 -5.36
CA GLU B 133 -15.88 -15.91 -4.87
C GLU B 133 -15.32 -14.92 -5.90
N ARG B 134 -14.38 -15.38 -6.71
CA ARG B 134 -13.70 -14.50 -7.67
C ARG B 134 -14.35 -14.47 -9.05
N ASP B 135 -14.63 -15.65 -9.60
CA ASP B 135 -15.02 -15.77 -11.02
C ASP B 135 -16.52 -15.75 -11.28
N MSE B 136 -17.33 -15.93 -10.23
CA MSE B 136 -18.77 -16.03 -10.39
C MSE B 136 -19.51 -14.70 -10.24
O MSE B 136 -19.07 -13.82 -9.49
CB MSE B 136 -19.35 -17.07 -9.43
CG MSE B 136 -18.78 -18.46 -9.60
SE MSE B 136 -19.95 -19.82 -8.87
CE MSE B 136 -21.45 -19.57 -10.07
N GLN B 137 -20.62 -14.59 -10.96
CA GLN B 137 -21.51 -13.43 -10.85
C GLN B 137 -22.28 -13.52 -9.54
N GLY B 138 -22.46 -12.40 -8.86
CA GLY B 138 -23.18 -12.36 -7.59
C GLY B 138 -22.28 -12.64 -6.39
N THR B 139 -22.86 -13.24 -5.35
CA THR B 139 -22.13 -13.52 -4.11
C THR B 139 -22.49 -14.91 -3.55
N PRO B 140 -21.48 -15.79 -3.41
CA PRO B 140 -21.70 -17.14 -2.87
C PRO B 140 -21.95 -17.13 -1.36
N GLU B 141 -22.74 -18.07 -0.88
CA GLU B 141 -23.09 -18.17 0.53
C GLU B 141 -22.90 -19.58 1.08
N GLU B 142 -22.33 -19.66 2.29
CA GLU B 142 -22.12 -20.93 2.98
C GLU B 142 -23.47 -21.57 3.29
N GLY B 143 -23.71 -22.75 2.71
CA GLY B 143 -24.93 -23.50 2.97
C GLY B 143 -25.91 -23.57 1.82
N MSE B 144 -25.48 -23.17 0.63
CA MSE B 144 -26.29 -23.31 -0.57
C MSE B 144 -26.39 -24.78 -0.98
O MSE B 144 -25.39 -25.50 -0.96
CB MSE B 144 -25.81 -22.44 -1.73
CG MSE B 144 -24.29 -22.37 -1.92
SE MSE B 144 -23.75 -21.00 -3.23
CE MSE B 144 -24.98 -19.59 -2.72
N ASN B 145 -27.60 -25.21 -1.35
CA ASN B 145 -27.88 -26.63 -1.55
C ASN B 145 -28.57 -27.00 -2.86
N GLU B 146 -28.35 -26.20 -3.91
CA GLU B 146 -28.95 -26.47 -5.21
C GLU B 146 -28.08 -26.01 -6.37
N LEU B 147 -27.98 -26.86 -7.39
CA LEU B 147 -27.31 -26.51 -8.64
C LEU B 147 -28.30 -26.57 -9.79
N ARG B 148 -28.50 -25.44 -10.45
CA ARG B 148 -29.32 -25.36 -11.64
C ARG B 148 -28.45 -25.16 -12.88
N ILE B 149 -28.76 -25.91 -13.93
CA ILE B 149 -28.09 -25.75 -15.22
C ILE B 149 -29.14 -25.36 -16.26
N VAL B 150 -29.25 -24.06 -16.51
CA VAL B 150 -30.28 -23.51 -17.40
C VAL B 150 -29.84 -23.57 -18.86
N ALA B 151 -30.60 -24.29 -19.67
CA ALA B 151 -30.36 -24.40 -21.12
C ALA B 151 -30.75 -23.09 -21.83
N PRO B 152 -30.16 -22.83 -23.01
CA PRO B 152 -30.55 -21.66 -23.80
C PRO B 152 -31.93 -21.81 -24.44
N ASP B 153 -32.35 -20.79 -25.20
CA ASP B 153 -33.67 -20.78 -25.84
C ASP B 153 -33.72 -21.66 -27.10
N ALA B 154 -33.12 -22.85 -27.01
CA ALA B 154 -33.10 -23.82 -28.10
C ALA B 154 -32.92 -25.23 -27.58
N LYS B 155 -33.35 -26.22 -28.37
CA LYS B 155 -33.19 -27.63 -28.04
C LYS B 155 -31.76 -28.12 -28.29
N GLY B 156 -31.41 -29.25 -27.68
CA GLY B 156 -30.09 -29.84 -27.85
C GLY B 156 -29.75 -30.86 -26.76
N ARG B 157 -28.53 -31.36 -26.82
CA ARG B 157 -28.09 -32.42 -25.91
C ARG B 157 -26.67 -32.16 -25.40
N LEU B 158 -26.44 -32.44 -24.12
CA LEU B 158 -25.13 -32.34 -23.51
C LEU B 158 -24.88 -33.51 -22.57
N PHE B 159 -23.62 -33.94 -22.49
CA PHE B 159 -23.20 -34.98 -21.55
C PHE B 159 -22.36 -34.35 -20.44
N ILE B 160 -22.71 -34.66 -19.19
CA ILE B 160 -21.99 -34.11 -18.04
C ILE B 160 -21.30 -35.22 -17.25
N ASP B 161 -20.02 -34.98 -16.93
CA ASP B 161 -19.24 -35.89 -16.09
C ASP B 161 -18.20 -35.10 -15.31
N HIS B 162 -17.59 -35.75 -14.31
CA HIS B 162 -16.57 -35.15 -13.46
C HIS B 162 -17.06 -33.85 -12.82
N LEU B 163 -18.17 -33.96 -12.09
CA LEU B 163 -18.76 -32.80 -11.41
C LEU B 163 -18.38 -32.79 -9.93
N ILE B 164 -17.57 -31.81 -9.55
CA ILE B 164 -17.27 -31.57 -8.14
C ILE B 164 -17.98 -30.28 -7.73
N THR B 165 -18.89 -30.39 -6.77
CA THR B 165 -19.71 -29.26 -6.34
C THR B 165 -18.84 -28.11 -5.82
N ALA B 166 -18.08 -28.36 -4.76
CA ALA B 166 -17.17 -27.37 -4.20
C ALA B 166 -15.98 -28.02 -3.51
N THR B 167 -14.80 -27.50 -3.80
CA THR B 167 -13.56 -27.95 -3.15
C THR B 167 -12.49 -26.85 -3.18
N LYS B 168 -11.71 -26.77 -2.12
CA LYS B 168 -10.60 -25.82 -2.02
C LYS B 168 -9.53 -26.15 -3.06
N VAL B 169 -9.11 -25.13 -3.82
CA VAL B 169 -8.14 -25.30 -4.91
C VAL B 169 -7.16 -24.13 -4.97
N ASP B 170 -5.92 -24.42 -5.40
CA ASP B 170 -4.91 -23.40 -5.67
C ASP B 170 -5.49 -22.31 -6.59
N ALA B 171 -5.69 -21.13 -6.02
CA ALA B 171 -6.44 -20.04 -6.66
C ALA B 171 -5.72 -19.37 -7.83
N ARG B 172 -4.42 -19.62 -7.95
CA ARG B 172 -3.61 -18.99 -8.99
C ARG B 172 -3.84 -19.56 -10.39
N GLN B 173 -4.34 -20.79 -10.47
CA GLN B 173 -4.14 -21.62 -11.66
C GLN B 173 -5.32 -21.83 -12.62
N GLN B 174 -6.54 -21.48 -12.22
CA GLN B 174 -7.69 -21.65 -13.14
C GLN B 174 -7.59 -20.69 -14.32
N THR B 175 -7.79 -21.25 -15.51
CA THR B 175 -7.53 -20.53 -16.75
C THR B 175 -8.78 -20.33 -17.59
N ALA B 176 -8.83 -19.20 -18.29
CA ALA B 176 -9.95 -18.85 -19.15
C ALA B 176 -9.76 -19.40 -20.56
N ASP B 177 -10.87 -19.71 -21.22
CA ASP B 177 -10.87 -20.10 -22.62
C ASP B 177 -12.17 -19.65 -23.29
N LEU B 178 -12.47 -20.23 -24.45
CA LEU B 178 -13.62 -19.83 -25.26
C LEU B 178 -14.96 -20.09 -24.57
N GLN B 179 -14.98 -21.08 -23.68
CA GLN B 179 -16.20 -21.43 -22.93
C GLN B 179 -16.36 -20.58 -21.67
N VAL B 180 -15.25 -20.22 -21.04
CA VAL B 180 -15.27 -19.43 -19.81
C VAL B 180 -14.24 -18.28 -19.84
N PRO B 181 -14.49 -17.25 -20.67
CA PRO B 181 -13.52 -16.16 -20.88
C PRO B 181 -13.31 -15.24 -19.67
N PHE B 182 -14.26 -15.28 -18.73
CA PHE B 182 -14.28 -14.41 -17.55
C PHE B 182 -13.35 -14.89 -16.43
N VAL B 183 -13.00 -16.17 -16.44
CA VAL B 183 -12.22 -16.80 -15.37
C VAL B 183 -10.85 -16.15 -15.18
N ASN B 184 -10.49 -15.94 -13.91
CA ASN B 184 -9.23 -15.35 -13.49
C ASN B 184 -8.82 -14.12 -14.31
N ALA B 185 -9.72 -13.13 -14.34
CA ALA B 185 -9.56 -11.93 -15.16
C ALA B 185 -8.29 -11.14 -14.84
N GLY B 186 -7.87 -11.19 -13.58
CA GLY B 186 -6.73 -10.40 -13.12
C GLY B 186 -5.35 -10.88 -13.53
N THR B 187 -5.20 -12.19 -13.73
CA THR B 187 -3.89 -12.83 -13.92
C THR B 187 -3.11 -12.35 -15.15
N THR B 188 -1.79 -12.27 -14.99
CA THR B 188 -0.88 -11.98 -16.11
C THR B 188 0.13 -13.11 -16.27
N ASN B 189 -0.15 -14.23 -15.62
CA ASN B 189 0.71 -15.42 -15.68
C ASN B 189 0.85 -15.92 -17.11
N HIS B 190 2.08 -16.01 -17.58
CA HIS B 190 2.36 -16.36 -18.97
C HIS B 190 1.84 -17.74 -19.40
N TRP B 191 1.61 -18.62 -18.42
CA TRP B 191 1.06 -19.95 -18.68
C TRP B 191 -0.41 -19.90 -19.02
N LEU B 192 -1.12 -18.95 -18.43
CA LEU B 192 -2.60 -18.95 -18.43
C LEU B 192 -3.24 -17.99 -19.43
N VAL B 193 -2.42 -17.25 -20.16
CA VAL B 193 -2.92 -16.19 -21.04
C VAL B 193 -3.16 -16.64 -22.49
N LEU B 194 -3.49 -17.91 -22.68
CA LEU B 194 -3.76 -18.47 -24.01
C LEU B 194 -4.88 -17.71 -24.71
N TYR B 195 -5.98 -17.50 -23.98
CA TYR B 195 -7.14 -16.83 -24.53
C TYR B 195 -6.90 -15.34 -24.77
N LYS B 196 -6.40 -14.66 -23.73
CA LYS B 196 -6.14 -13.22 -23.79
C LYS B 196 -5.25 -12.85 -24.99
N HIS B 197 -4.15 -13.58 -25.16
CA HIS B 197 -3.19 -13.29 -26.23
C HIS B 197 -3.56 -13.84 -27.61
N SER B 198 -4.54 -14.75 -27.66
CA SER B 198 -5.03 -15.25 -28.95
C SER B 198 -5.85 -14.18 -29.66
N LEU B 199 -6.27 -13.16 -28.91
CA LEU B 199 -7.07 -12.06 -29.43
C LEU B 199 -6.21 -10.99 -30.13
N LEU B 200 -4.89 -11.08 -29.93
CA LEU B 200 -3.95 -10.13 -30.51
C LEU B 200 -4.01 -10.11 -32.03
N LYS B 201 -3.83 -8.92 -32.60
CA LYS B 201 -3.92 -8.73 -34.05
C LYS B 201 -2.57 -8.24 -34.61
N PRO B 202 -2.28 -8.58 -35.88
CA PRO B 202 -1.02 -8.18 -36.52
C PRO B 202 -0.95 -6.69 -36.81
N ASP B 203 0.27 -6.19 -36.97
CA ASP B 203 0.48 -4.79 -37.38
C ASP B 203 1.26 -4.71 -38.69
N ILE B 204 2.08 -5.73 -38.98
CA ILE B 204 2.70 -5.87 -40.29
C ILE B 204 1.60 -6.10 -41.32
N GLU B 205 1.61 -5.28 -42.37
CA GLU B 205 0.51 -5.27 -43.34
C GLU B 205 0.43 -6.53 -44.19
N LEU B 206 -0.80 -6.90 -44.52
CA LEU B 206 -1.08 -8.07 -45.34
C LEU B 206 -0.69 -7.82 -46.79
N THR B 207 0.07 -8.75 -47.36
CA THR B 207 0.47 -8.71 -48.76
C THR B 207 0.20 -10.07 -49.39
N PRO B 208 -0.05 -10.11 -50.71
CA PRO B 208 -0.18 -11.41 -51.39
C PRO B 208 1.16 -12.17 -51.40
N VAL B 209 1.10 -13.47 -51.73
CA VAL B 209 2.29 -14.31 -51.75
C VAL B 209 2.87 -14.40 -53.16
N SER B 210 4.14 -14.02 -53.29
CA SER B 210 4.85 -14.11 -54.57
C SER B 210 5.46 -15.49 -54.78
N ASP B 211 5.84 -15.79 -56.02
CA ASP B 211 6.41 -17.08 -56.37
C ASP B 211 7.67 -17.41 -55.57
N LYS B 212 8.53 -16.41 -55.39
CA LYS B 212 9.74 -16.55 -54.59
C LYS B 212 9.41 -16.82 -53.13
N GLN B 213 8.40 -16.12 -52.62
CA GLN B 213 7.96 -16.28 -51.23
C GLN B 213 7.29 -17.64 -51.01
N ARG B 214 6.62 -18.17 -52.03
CA ARG B 214 6.00 -19.49 -51.95
C ARG B 214 7.06 -20.60 -51.90
N GLN B 215 8.13 -20.41 -52.68
CA GLN B 215 9.27 -21.33 -52.68
C GLN B 215 10.04 -21.27 -51.36
N GLU B 216 10.08 -20.09 -50.75
CA GLU B 216 10.76 -19.89 -49.47
C GLU B 216 10.03 -20.59 -48.32
N MSE B 217 8.71 -20.53 -48.35
CA MSE B 217 7.86 -21.24 -47.38
C MSE B 217 8.04 -22.74 -47.50
O MSE B 217 8.04 -23.46 -46.50
CB MSE B 217 6.39 -20.88 -47.60
CG MSE B 217 6.00 -19.51 -47.11
SE MSE B 217 4.22 -18.98 -47.73
CE MSE B 217 3.84 -17.67 -46.37
N LYS B 218 8.21 -23.21 -48.73
CA LYS B 218 8.51 -24.60 -49.03
C LYS B 218 9.84 -24.99 -48.40
N LEU B 219 10.82 -24.08 -48.46
CA LEU B 219 12.16 -24.32 -47.93
C LEU B 219 12.21 -24.36 -46.41
N LEU B 220 11.46 -23.48 -45.75
CA LEU B 220 11.40 -23.47 -44.28
C LEU B 220 10.85 -24.79 -43.75
N GLU B 221 9.85 -25.31 -44.46
CA GLU B 221 9.22 -26.59 -44.12
C GLU B 221 10.20 -27.75 -44.21
N LYS B 222 10.97 -27.80 -45.29
CA LYS B 222 12.00 -28.84 -45.45
C LYS B 222 13.07 -28.70 -44.36
N ARG B 223 13.54 -27.47 -44.14
CA ARG B 223 14.53 -27.18 -43.10
C ARG B 223 14.04 -27.62 -41.73
N PHE B 224 12.78 -27.33 -41.43
CA PHE B 224 12.19 -27.68 -40.14
C PHE B 224 11.98 -29.18 -39.98
N ARG B 225 11.51 -29.84 -41.04
CA ARG B 225 11.32 -31.29 -41.03
C ARG B 225 12.65 -32.02 -40.79
N ASP B 226 13.69 -31.59 -41.50
CA ASP B 226 15.02 -32.17 -41.35
C ASP B 226 15.62 -31.90 -39.98
N MSE B 227 15.12 -30.85 -39.34
CA MSE B 227 15.59 -30.39 -38.04
C MSE B 227 15.07 -31.29 -36.91
O MSE B 227 15.79 -31.57 -35.95
CB MSE B 227 15.10 -28.96 -37.82
CG MSE B 227 16.01 -28.07 -37.00
SE MSE B 227 15.19 -26.31 -36.73
CE MSE B 227 14.04 -26.73 -35.21
N ILE B 228 13.82 -31.72 -37.06
CA ILE B 228 13.12 -32.48 -36.01
C ILE B 228 13.08 -33.97 -36.31
N TYR B 229 13.47 -34.34 -37.54
CA TYR B 229 13.40 -35.73 -37.98
C TYR B 229 14.45 -36.08 -39.04
N THR B 230 14.98 -37.29 -38.94
CA THR B 230 15.85 -37.86 -39.97
C THR B 230 15.43 -39.31 -40.25
N LYS B 231 15.37 -39.66 -41.53
CA LYS B 231 14.98 -40.99 -42.00
C LYS B 231 15.74 -42.09 -41.28
N GLY B 232 15.00 -43.03 -40.69
CA GLY B 232 15.58 -44.18 -40.00
C GLY B 232 14.82 -45.47 -40.29
N LYS B 233 15.07 -46.49 -39.48
CA LYS B 233 14.42 -47.78 -39.66
C LYS B 233 13.49 -48.10 -38.48
N VAL B 234 12.37 -48.75 -38.78
CA VAL B 234 11.43 -49.17 -37.75
C VAL B 234 11.66 -50.65 -37.39
N THR B 235 12.27 -50.88 -36.23
CA THR B 235 12.58 -52.23 -35.77
C THR B 235 11.34 -52.94 -35.23
N GLU B 236 11.37 -54.28 -35.27
CA GLU B 236 10.28 -55.11 -34.74
C GLU B 236 10.03 -54.84 -33.26
N LYS B 237 11.09 -54.52 -32.52
CA LYS B 237 10.98 -54.15 -31.11
C LYS B 237 10.26 -52.81 -30.94
N GLU B 238 10.63 -51.84 -31.77
CA GLU B 238 10.00 -50.51 -31.79
C GLU B 238 8.50 -50.61 -32.08
N ALA B 239 8.14 -51.46 -33.04
CA ALA B 239 6.74 -51.67 -33.42
C ALA B 239 5.93 -52.36 -32.32
N GLU B 240 6.54 -53.33 -31.65
CA GLU B 240 5.89 -54.05 -30.54
C GLU B 240 5.59 -53.13 -29.37
N THR B 241 6.55 -52.27 -29.03
CA THR B 241 6.40 -51.29 -27.96
C THR B 241 5.26 -50.33 -28.26
N ILE B 242 5.18 -49.88 -29.51
CA ILE B 242 4.12 -48.98 -29.96
C ILE B 242 2.73 -49.60 -29.77
N ARG B 243 2.58 -50.85 -30.19
CA ARG B 243 1.32 -51.58 -30.07
C ARG B 243 0.88 -51.71 -28.63
N LYS B 244 1.82 -52.07 -27.76
CA LYS B 244 1.54 -52.27 -26.33
C LYS B 244 1.11 -50.98 -25.65
N LYS B 245 1.81 -49.88 -25.96
CA LYS B 245 1.50 -48.55 -25.43
C LYS B 245 0.15 -48.04 -25.92
N TYR B 246 -0.16 -48.28 -27.20
CA TYR B 246 -1.38 -47.79 -27.83
C TYR B 246 -2.63 -48.51 -27.34
N ASP B 247 -2.50 -49.82 -27.10
CA ASP B 247 -3.60 -50.67 -26.66
C ASP B 247 -4.20 -50.25 -25.32
N LEU B 248 -3.34 -49.71 -24.45
CA LEU B 248 -3.72 -49.32 -23.09
C LEU B 248 -4.67 -48.13 -23.04
N TYR B 249 -4.69 -47.36 -24.12
CA TYR B 249 -5.59 -46.20 -24.20
C TYR B 249 -7.00 -46.60 -24.62
N GLN B 250 -7.14 -47.83 -25.15
CA GLN B 250 -8.43 -48.44 -25.47
C GLN B 250 -9.34 -47.55 -26.33
N ILE B 251 -8.74 -46.97 -27.36
CA ILE B 251 -9.44 -46.09 -28.29
C ILE B 251 -10.37 -46.91 -29.17
N THR B 252 -11.66 -46.59 -29.11
CA THR B 252 -12.69 -47.32 -29.83
C THR B 252 -13.77 -46.40 -30.39
N TYR B 253 -14.56 -46.92 -31.33
CA TYR B 253 -15.58 -46.14 -32.01
C TYR B 253 -16.97 -46.75 -31.83
N LYS B 254 -17.95 -45.89 -31.56
CA LYS B 254 -19.34 -46.29 -31.37
C LYS B 254 -20.26 -45.33 -32.11
N ASP B 255 -20.92 -45.84 -33.15
CA ASP B 255 -21.86 -45.07 -33.97
C ASP B 255 -21.27 -43.74 -34.48
N GLY B 256 -20.01 -43.80 -34.89
CA GLY B 256 -19.29 -42.63 -35.36
C GLY B 256 -18.53 -41.89 -34.26
N GLN B 257 -18.92 -42.09 -33.00
CA GLN B 257 -18.35 -41.39 -31.87
C GLN B 257 -17.05 -42.04 -31.39
N VAL B 258 -16.09 -41.21 -31.00
CA VAL B 258 -14.79 -41.69 -30.53
C VAL B 258 -14.75 -41.66 -29.00
N SER B 259 -14.25 -42.75 -28.41
CA SER B 259 -14.08 -42.84 -26.96
C SER B 259 -12.81 -43.61 -26.62
N GLY B 260 -12.39 -43.50 -25.36
CA GLY B 260 -11.22 -44.21 -24.85
C GLY B 260 -10.85 -43.74 -23.46
N VAL B 261 -9.70 -44.21 -22.97
CA VAL B 261 -9.18 -43.84 -21.66
C VAL B 261 -8.96 -42.34 -21.59
N PRO B 262 -9.65 -41.65 -20.66
CA PRO B 262 -9.52 -40.20 -20.53
C PRO B 262 -8.09 -39.79 -20.19
N VAL B 263 -7.61 -38.74 -20.85
CA VAL B 263 -6.25 -38.24 -20.63
C VAL B 263 -6.26 -36.80 -20.11
N PHE B 264 -5.54 -36.59 -19.01
CA PHE B 264 -5.43 -35.28 -18.36
C PHE B 264 -3.98 -34.80 -18.43
N MSE B 265 -3.78 -33.48 -18.29
CA MSE B 265 -2.43 -32.99 -18.06
C MSE B 265 -2.18 -32.97 -16.55
O MSE B 265 -3.11 -32.75 -15.77
CB MSE B 265 -2.19 -31.62 -18.73
CG MSE B 265 -2.26 -30.38 -17.85
SE MSE B 265 -0.52 -29.76 -17.20
CE MSE B 265 -1.07 -27.97 -16.74
N VAL B 266 -0.94 -33.24 -16.15
CA VAL B 266 -0.59 -33.59 -14.77
C VAL B 266 -1.28 -32.74 -13.69
N ARG B 267 -1.36 -31.43 -13.91
CA ARG B 267 -1.85 -30.49 -12.90
C ARG B 267 -3.35 -30.59 -12.62
N ALA B 268 -4.06 -31.36 -13.43
CA ALA B 268 -5.49 -31.61 -13.23
C ALA B 268 -5.76 -32.32 -11.89
N SER B 269 -4.69 -32.87 -11.31
CA SER B 269 -4.77 -33.54 -10.02
C SER B 269 -5.02 -32.57 -8.87
N GLU B 270 -4.78 -31.28 -9.12
CA GLU B 270 -4.97 -30.24 -8.11
C GLU B 270 -6.43 -30.07 -7.71
N ALA B 271 -7.35 -30.67 -8.47
CA ALA B 271 -8.76 -30.73 -8.12
C ALA B 271 -8.98 -31.58 -6.87
N TYR B 272 -8.23 -32.68 -6.76
CA TYR B 272 -8.40 -33.63 -5.66
C TYR B 272 -7.49 -33.31 -4.46
N GLU B 273 -6.75 -32.22 -4.55
CA GLU B 273 -5.75 -31.86 -3.55
C GLU B 273 -6.29 -31.82 -2.12
N ARG B 274 -7.43 -31.16 -1.92
CA ARG B 274 -8.05 -31.05 -0.60
C ARG B 274 -9.15 -32.10 -0.41
N MSE B 275 -9.10 -33.16 -1.21
CA MSE B 275 -10.13 -34.20 -1.21
C MSE B 275 -9.61 -35.57 -0.74
O MSE B 275 -10.33 -36.32 -0.07
CB MSE B 275 -10.79 -34.30 -2.57
CG MSE B 275 -11.66 -33.10 -2.93
SE MSE B 275 -12.40 -33.16 -4.73
CE MSE B 275 -13.69 -34.61 -4.51
N ILE B 276 -8.37 -35.88 -1.12
CA ILE B 276 -7.75 -37.17 -0.78
C ILE B 276 -6.63 -37.01 0.26
N PRO B 277 -6.70 -37.77 1.37
CA PRO B 277 -5.76 -37.67 2.50
C PRO B 277 -4.29 -37.92 2.14
N ASP B 278 -4.03 -38.82 1.19
CA ASP B 278 -2.66 -39.11 0.76
C ASP B 278 -2.39 -38.60 -0.66
N TRP B 279 -2.71 -37.33 -0.88
CA TRP B 279 -2.62 -36.70 -2.20
C TRP B 279 -1.22 -36.74 -2.80
N ASP B 280 -1.15 -37.12 -4.06
CA ASP B 280 0.09 -37.12 -4.83
C ASP B 280 -0.07 -36.21 -6.05
N LYS B 281 0.78 -35.20 -6.15
CA LYS B 281 0.74 -34.25 -7.27
C LYS B 281 0.92 -34.90 -8.63
N ASP B 282 1.57 -36.07 -8.64
CA ASP B 282 1.92 -36.77 -9.88
C ASP B 282 1.10 -38.04 -10.09
N MSE B 283 -0.04 -38.15 -9.38
CA MSE B 283 -0.90 -39.33 -9.43
C MSE B 283 -1.34 -39.71 -10.84
O MSE B 283 -1.40 -40.90 -11.17
CB MSE B 283 -2.12 -39.12 -8.53
CG MSE B 283 -2.89 -37.83 -8.79
SE MSE B 283 -4.62 -37.78 -7.90
CE MSE B 283 -4.04 -38.04 -6.05
N LEU B 284 -1.62 -38.71 -11.66
CA LEU B 284 -2.10 -38.94 -13.02
C LEU B 284 -1.01 -39.51 -13.92
N THR B 285 0.23 -39.09 -13.69
CA THR B 285 1.38 -39.62 -14.41
C THR B 285 1.63 -41.08 -14.01
N LYS B 286 1.45 -41.38 -12.72
CA LYS B 286 1.65 -42.73 -12.20
C LYS B 286 0.59 -43.71 -12.71
N MSE B 287 -0.54 -43.17 -13.18
CA MSE B 287 -1.65 -43.98 -13.69
C MSE B 287 -1.54 -44.25 -15.19
O MSE B 287 -2.33 -45.02 -15.75
CB MSE B 287 -2.98 -43.32 -13.37
CG MSE B 287 -3.38 -43.39 -11.91
SE MSE B 287 -4.62 -41.98 -11.39
CE MSE B 287 -4.32 -42.05 -9.47
N GLY B 288 -0.57 -43.61 -15.85
CA GLY B 288 -0.40 -43.72 -17.31
C GLY B 288 -1.48 -42.96 -18.05
N ILE B 289 -2.02 -41.93 -17.39
CA ILE B 289 -3.18 -41.18 -17.85
C ILE B 289 -2.83 -39.74 -18.26
N GLU B 290 -1.55 -39.40 -18.14
CA GLU B 290 -1.06 -38.03 -18.36
C GLU B 290 -0.76 -37.75 -19.83
N MSE B 291 -0.68 -36.46 -20.18
CA MSE B 291 -0.50 -35.99 -21.56
C MSE B 291 0.88 -36.26 -22.17
O MSE B 291 0.98 -36.54 -23.36
CB MSE B 291 -0.82 -34.49 -21.68
CG MSE B 291 -2.31 -34.17 -21.60
SE MSE B 291 -2.75 -32.34 -22.17
CE MSE B 291 -4.63 -32.36 -21.66
N ARG B 292 1.93 -36.15 -21.36
CA ARG B 292 3.30 -36.31 -21.85
C ARG B 292 3.47 -37.62 -22.61
N ALA B 293 3.14 -38.73 -21.94
CA ALA B 293 3.23 -40.06 -22.52
C ALA B 293 2.38 -40.21 -23.79
N TYR B 294 1.21 -39.56 -23.80
CA TYR B 294 0.30 -39.60 -24.94
C TYR B 294 0.94 -38.94 -26.17
N PHE B 295 1.35 -37.68 -26.03
CA PHE B 295 1.94 -36.94 -27.13
C PHE B 295 3.31 -37.48 -27.52
N ASP B 296 4.01 -38.12 -26.57
CA ASP B 296 5.27 -38.80 -26.86
C ASP B 296 5.04 -40.00 -27.79
N LEU B 297 3.95 -40.74 -27.55
CA LEU B 297 3.61 -41.89 -28.38
C LEU B 297 3.17 -41.44 -29.78
N MSE B 298 2.48 -40.30 -29.84
CA MSE B 298 2.04 -39.73 -31.12
C MSE B 298 3.23 -39.36 -32.01
O MSE B 298 3.20 -39.63 -33.22
CB MSE B 298 1.13 -38.52 -30.89
CG MSE B 298 -0.28 -38.88 -30.45
SE MSE B 298 -1.62 -37.57 -30.98
CE MSE B 298 -1.67 -36.47 -29.41
N LYS B 299 4.25 -38.75 -31.42
CA LYS B 299 5.50 -38.45 -32.13
C LYS B 299 6.18 -39.75 -32.55
N ARG B 300 6.26 -40.70 -31.63
CA ARG B 300 6.85 -42.01 -31.90
C ARG B 300 6.19 -42.69 -33.10
N ILE B 301 4.86 -42.64 -33.14
CA ILE B 301 4.08 -43.22 -34.24
C ILE B 301 4.24 -42.41 -35.53
N ALA B 302 4.26 -41.08 -35.39
CA ALA B 302 4.48 -40.19 -36.53
C ALA B 302 5.83 -40.45 -37.18
N VAL B 303 6.85 -40.67 -36.37
CA VAL B 303 8.19 -41.01 -36.85
C VAL B 303 8.18 -42.37 -37.55
N ALA B 304 7.51 -43.34 -36.96
CA ALA B 304 7.41 -44.69 -37.52
C ALA B 304 6.72 -44.71 -38.89
N TYR B 305 5.71 -43.86 -39.06
CA TYR B 305 5.00 -43.70 -40.33
C TYR B 305 5.92 -43.21 -41.43
N ASN B 306 6.73 -42.19 -41.10
CA ASN B 306 7.65 -41.59 -42.06
C ASN B 306 8.84 -42.50 -42.38
N ASN B 307 9.10 -43.47 -41.50
CA ASN B 307 10.19 -44.43 -41.71
C ASN B 307 9.71 -45.74 -42.34
N SER B 308 8.52 -45.71 -42.92
CA SER B 308 7.93 -46.89 -43.56
C SER B 308 7.67 -46.68 -45.04
N GLU B 309 7.84 -47.74 -45.83
CA GLU B 309 7.64 -47.67 -47.28
C GLU B 309 6.17 -47.49 -47.65
N ALA B 310 5.92 -46.62 -48.62
CA ALA B 310 4.57 -46.30 -49.07
C ALA B 310 3.83 -47.55 -49.57
N GLY B 311 2.66 -47.80 -49.00
CA GLY B 311 1.83 -48.94 -49.39
C GLY B 311 2.02 -50.20 -48.56
N SER B 312 2.93 -50.14 -47.59
CA SER B 312 3.20 -51.26 -46.69
C SER B 312 2.14 -51.34 -45.57
N PRO B 313 1.88 -52.55 -45.03
CA PRO B 313 0.90 -52.72 -43.95
C PRO B 313 1.24 -51.93 -42.68
N ILE B 314 2.54 -51.77 -42.41
CA ILE B 314 3.00 -51.05 -41.22
C ILE B 314 2.77 -49.53 -41.34
N ARG B 315 2.97 -48.97 -42.54
CA ARG B 315 2.71 -47.56 -42.77
C ARG B 315 1.22 -47.26 -42.63
N LYS B 316 0.39 -48.14 -43.20
CA LYS B 316 -1.06 -48.05 -43.07
C LYS B 316 -1.50 -48.22 -41.61
N GLU B 317 -0.79 -49.08 -40.88
CA GLU B 317 -1.05 -49.32 -39.47
C GLU B 317 -0.76 -48.08 -38.62
N MSE B 318 0.41 -47.48 -38.84
CA MSE B 318 0.83 -46.28 -38.11
C MSE B 318 -0.05 -45.08 -38.43
O MSE B 318 -0.38 -44.31 -37.55
CB MSE B 318 2.30 -45.95 -38.41
CG MSE B 318 3.28 -46.97 -37.87
SE MSE B 318 3.08 -47.27 -35.96
CE MSE B 318 3.89 -49.04 -35.88
N ARG B 319 -0.43 -44.96 -39.71
CA ARG B 319 -1.35 -43.93 -40.15
C ARG B 319 -2.69 -44.06 -39.41
N ARG B 320 -3.17 -45.31 -39.30
CA ARG B 320 -4.43 -45.62 -38.62
C ARG B 320 -4.34 -45.31 -37.12
N LYS B 321 -3.24 -45.70 -36.49
CA LYS B 321 -3.01 -45.47 -35.06
C LYS B 321 -2.90 -43.98 -34.72
N PHE B 322 -2.17 -43.24 -35.55
CA PHE B 322 -2.00 -41.81 -35.31
C PHE B 322 -3.34 -41.07 -35.33
N LEU B 323 -4.15 -41.36 -36.35
CA LEU B 323 -5.44 -40.69 -36.52
C LEU B 323 -6.41 -41.03 -35.41
N ALA B 324 -6.41 -42.29 -34.98
CA ALA B 324 -7.21 -42.73 -33.85
C ALA B 324 -6.85 -41.95 -32.58
N MSE B 325 -5.55 -41.78 -32.36
CA MSE B 325 -5.05 -41.00 -31.23
C MSE B 325 -5.38 -39.53 -31.39
O MSE B 325 -5.65 -38.84 -30.40
CB MSE B 325 -3.56 -41.19 -31.05
CG MSE B 325 -3.16 -42.53 -30.48
SE MSE B 325 -1.28 -42.56 -30.01
CE MSE B 325 -1.38 -41.90 -28.19
N TYR B 326 -5.33 -39.03 -32.63
CA TYR B 326 -5.69 -37.64 -32.92
C TYR B 326 -7.15 -37.37 -32.60
N ASP B 327 -8.03 -38.23 -33.11
CA ASP B 327 -9.48 -38.08 -32.90
C ASP B 327 -9.80 -38.05 -31.40
N HIS B 328 -9.20 -38.99 -30.67
CA HIS B 328 -9.47 -39.15 -29.25
C HIS B 328 -9.01 -37.95 -28.42
N ILE B 329 -7.78 -37.49 -28.65
CA ILE B 329 -7.20 -36.39 -27.88
C ILE B 329 -7.89 -35.06 -28.19
N THR B 330 -8.33 -34.90 -29.44
CA THR B 330 -9.09 -33.73 -29.86
C THR B 330 -10.45 -33.76 -29.17
N ASP B 331 -11.04 -34.96 -29.12
CA ASP B 331 -12.32 -35.18 -28.46
C ASP B 331 -12.21 -34.93 -26.95
N GLN B 332 -11.06 -35.26 -26.38
CA GLN B 332 -10.81 -35.08 -24.95
C GLN B 332 -10.69 -33.61 -24.56
N GLY B 333 -10.39 -32.75 -25.52
CA GLY B 333 -10.35 -31.31 -25.27
C GLY B 333 -9.08 -30.60 -25.67
N VAL B 334 -8.15 -31.31 -26.30
CA VAL B 334 -6.96 -30.67 -26.85
C VAL B 334 -7.32 -30.09 -28.22
N ALA B 335 -7.77 -28.84 -28.19
CA ALA B 335 -8.28 -28.14 -29.37
C ALA B 335 -8.26 -26.63 -29.15
N TYR B 336 -8.49 -25.87 -30.22
CA TYR B 336 -8.54 -24.41 -30.15
C TYR B 336 -9.61 -23.95 -29.17
N GLY B 337 -9.26 -22.98 -28.33
CA GLY B 337 -10.21 -22.39 -27.39
C GLY B 337 -10.52 -23.26 -26.18
N SER B 338 -9.58 -24.12 -25.82
CA SER B 338 -9.76 -25.05 -24.71
C SER B 338 -8.54 -25.07 -23.79
N CYS B 339 -8.77 -24.86 -22.50
CA CYS B 339 -7.68 -24.79 -21.53
C CYS B 339 -7.86 -25.71 -20.33
N TRP B 340 -8.90 -26.55 -20.40
CA TRP B 340 -9.14 -27.64 -19.44
C TRP B 340 -9.31 -27.18 -17.98
N GLY B 341 -9.65 -25.91 -17.79
CA GLY B 341 -9.88 -25.35 -16.45
C GLY B 341 -8.63 -24.99 -15.66
N ASN B 342 -7.53 -25.70 -15.94
CA ASN B 342 -6.25 -25.48 -15.27
C ASN B 342 -5.12 -25.90 -16.20
N ILE B 343 -4.30 -24.93 -16.60
CA ILE B 343 -3.29 -25.17 -17.64
C ILE B 343 -1.85 -24.77 -17.26
N HIS B 344 -1.62 -24.41 -16.00
CA HIS B 344 -0.27 -23.96 -15.59
C HIS B 344 0.79 -25.06 -15.73
N HIS B 345 1.89 -24.71 -16.39
CA HIS B 345 3.03 -25.60 -16.68
C HIS B 345 2.68 -26.73 -17.66
N TYR B 346 1.79 -26.43 -18.62
CA TYR B 346 1.39 -27.40 -19.64
C TYR B 346 2.50 -27.67 -20.67
N GLY B 347 3.44 -26.74 -20.78
CA GLY B 347 4.56 -26.81 -21.71
C GLY B 347 5.22 -28.18 -21.79
N TYR B 348 5.60 -28.73 -20.63
CA TYR B 348 6.31 -30.01 -20.57
C TYR B 348 5.47 -31.19 -21.06
N SER B 349 4.18 -31.17 -20.74
CA SER B 349 3.26 -32.24 -21.14
C SER B 349 2.96 -32.23 -22.62
N VAL B 350 3.17 -31.07 -23.24
CA VAL B 350 2.70 -30.80 -24.59
C VAL B 350 3.85 -30.75 -25.61
N ARG B 351 5.05 -31.08 -25.15
CA ARG B 351 6.25 -31.01 -25.99
C ARG B 351 6.15 -31.88 -27.26
N GLY B 352 5.54 -33.06 -27.11
CA GLY B 352 5.37 -33.99 -28.23
C GLY B 352 4.35 -33.55 -29.27
N LEU B 353 3.36 -32.77 -28.85
CA LEU B 353 2.27 -32.31 -29.71
C LEU B 353 2.73 -31.76 -31.06
N TYR B 354 3.61 -30.76 -31.03
CA TYR B 354 3.99 -29.99 -32.22
C TYR B 354 4.73 -30.79 -33.31
N PRO B 355 5.81 -31.51 -32.95
CA PRO B 355 6.46 -32.31 -33.99
C PRO B 355 5.58 -33.47 -34.50
N ALA B 356 4.77 -34.05 -33.62
CA ALA B 356 3.87 -35.14 -33.99
C ALA B 356 2.87 -34.72 -35.05
N TYR B 357 2.32 -33.52 -34.88
CA TYR B 357 1.33 -32.98 -35.80
C TYR B 357 1.96 -32.50 -37.11
N PHE B 358 3.15 -31.90 -37.02
CA PHE B 358 3.86 -31.41 -38.21
C PHE B 358 4.32 -32.54 -39.13
N LEU B 359 4.93 -33.57 -38.55
CA LEU B 359 5.41 -34.72 -39.31
C LEU B 359 4.27 -35.45 -40.02
N MSE B 360 3.06 -35.03 -39.72
CA MSE B 360 1.85 -35.70 -40.18
C MSE B 360 0.91 -34.71 -40.86
O MSE B 360 -0.32 -34.88 -40.84
CB MSE B 360 1.17 -36.33 -38.96
CG MSE B 360 0.69 -37.72 -39.21
SE MSE B 360 2.10 -38.92 -39.76
CE MSE B 360 1.04 -40.56 -39.67
N LYS B 361 1.49 -33.69 -41.48
CA LYS B 361 0.73 -32.61 -42.11
C LYS B 361 -0.11 -33.09 -43.29
N ASP B 362 0.52 -33.77 -44.23
CA ASP B 362 -0.13 -34.19 -45.47
C ASP B 362 -1.27 -35.17 -45.26
N VAL B 363 -1.08 -36.09 -44.33
CA VAL B 363 -2.12 -37.07 -43.98
C VAL B 363 -3.32 -36.40 -43.27
N LEU B 364 -3.03 -35.42 -42.43
CA LEU B 364 -4.07 -34.59 -41.80
C LEU B 364 -4.90 -33.79 -42.81
N ARG B 365 -4.25 -33.31 -43.88
CA ARG B 365 -4.95 -32.60 -44.95
C ARG B 365 -5.85 -33.56 -45.72
N GLU B 366 -5.31 -34.74 -46.04
CA GLU B 366 -6.04 -35.79 -46.75
C GLU B 366 -7.33 -36.17 -46.02
N GLU B 367 -7.26 -36.15 -44.70
CA GLU B 367 -8.39 -36.51 -43.85
C GLU B 367 -9.30 -35.31 -43.56
N GLY B 368 -8.90 -34.14 -44.07
CA GLY B 368 -9.69 -32.91 -43.92
C GLY B 368 -9.62 -32.32 -42.52
N LYS B 369 -8.53 -32.59 -41.81
CA LYS B 369 -8.39 -32.19 -40.41
C LYS B 369 -7.21 -31.25 -40.16
N LEU B 370 -6.55 -30.81 -41.22
CA LEU B 370 -5.37 -29.95 -41.10
C LEU B 370 -5.67 -28.57 -40.52
N LEU B 371 -6.70 -27.90 -41.03
CA LEU B 371 -7.07 -26.57 -40.54
C LEU B 371 -7.35 -26.61 -39.04
N GLU B 372 -8.09 -27.63 -38.62
CA GLU B 372 -8.34 -27.90 -37.21
C GLU B 372 -7.01 -28.02 -36.46
N ALA B 373 -6.16 -28.94 -36.93
CA ALA B 373 -4.86 -29.22 -36.33
C ALA B 373 -3.99 -27.97 -36.22
N GLU B 374 -3.94 -27.20 -37.31
CA GLU B 374 -3.23 -25.92 -37.37
C GLU B 374 -3.65 -25.01 -36.22
N ARG B 375 -4.97 -24.85 -36.06
CA ARG B 375 -5.54 -23.96 -35.05
C ARG B 375 -5.21 -24.37 -33.63
N THR B 376 -5.20 -25.68 -33.36
CA THR B 376 -4.92 -26.17 -32.01
C THR B 376 -3.47 -25.87 -31.63
N LEU B 377 -2.57 -26.06 -32.59
CA LEU B 377 -1.15 -25.76 -32.39
C LEU B 377 -0.91 -24.28 -32.16
N ARG B 378 -1.54 -23.42 -32.95
CA ARG B 378 -1.48 -21.97 -32.77
C ARG B 378 -1.99 -21.56 -31.40
N TRP B 379 -3.05 -22.25 -30.94
CA TRP B 379 -3.66 -21.98 -29.65
C TRP B 379 -2.70 -22.29 -28.50
N TYR B 380 -2.15 -23.50 -28.47
CA TYR B 380 -1.32 -23.95 -27.35
C TYR B 380 0.12 -23.42 -27.39
N ALA B 381 0.57 -22.97 -28.55
CA ALA B 381 1.89 -22.35 -28.66
C ALA B 381 1.81 -20.83 -28.42
N ILE B 382 0.59 -20.32 -28.29
CA ILE B 382 0.30 -18.89 -28.18
C ILE B 382 1.07 -18.11 -29.24
N THR B 383 0.89 -18.54 -30.49
CA THR B 383 1.60 -18.00 -31.65
C THR B 383 1.34 -16.51 -31.86
N ASN B 384 0.12 -16.07 -31.51
CA ASN B 384 -0.25 -14.67 -31.68
C ASN B 384 0.59 -13.70 -30.85
N GLU B 385 1.31 -14.21 -29.85
CA GLU B 385 2.26 -13.39 -29.07
C GLU B 385 3.40 -12.87 -29.94
N VAL B 386 3.49 -13.39 -31.16
CA VAL B 386 4.53 -13.02 -32.11
C VAL B 386 4.14 -11.77 -32.90
N TYR B 387 2.85 -11.42 -32.84
CA TYR B 387 2.30 -10.27 -33.57
C TYR B 387 2.81 -8.89 -33.14
N PRO B 388 2.80 -8.58 -31.82
CA PRO B 388 3.20 -7.24 -31.37
C PRO B 388 4.59 -6.82 -31.83
N LYS B 389 4.74 -5.51 -32.07
CA LYS B 389 6.03 -4.93 -32.40
C LYS B 389 6.89 -4.87 -31.14
N PRO B 390 8.08 -5.48 -31.17
CA PRO B 390 8.96 -5.46 -30.00
C PRO B 390 9.28 -4.04 -29.57
N GLU B 391 9.16 -3.79 -28.27
CA GLU B 391 9.37 -2.45 -27.71
C GLU B 391 10.86 -2.13 -27.59
N GLY B 392 11.69 -3.16 -27.47
CA GLY B 392 13.14 -3.01 -27.41
C GLY B 392 13.88 -4.28 -27.81
N ASN B 393 15.18 -4.30 -27.56
CA ASN B 393 16.00 -5.47 -27.86
C ASN B 393 15.88 -6.53 -26.78
N GLY B 394 15.94 -7.79 -27.19
CA GLY B 394 16.01 -8.91 -26.26
C GLY B 394 14.68 -9.45 -25.79
N ILE B 395 14.65 -10.76 -25.56
CA ILE B 395 13.53 -11.45 -24.92
C ILE B 395 14.10 -12.39 -23.85
N ASP B 396 13.22 -12.92 -23.02
CA ASP B 396 13.60 -13.87 -21.99
C ASP B 396 14.27 -15.09 -22.63
N MSE B 397 15.42 -15.49 -22.09
CA MSE B 397 16.16 -16.65 -22.58
C MSE B 397 15.29 -17.89 -22.63
O MSE B 397 15.44 -18.74 -23.51
CB MSE B 397 17.39 -16.91 -21.71
CG MSE B 397 18.36 -17.93 -22.28
SE MSE B 397 19.36 -17.20 -23.79
CE MSE B 397 20.64 -16.11 -22.77
N ASP B 398 14.35 -17.98 -21.69
CA ASP B 398 13.43 -19.10 -21.60
C ASP B 398 12.49 -19.18 -22.80
N SER B 399 12.22 -18.04 -23.44
CA SER B 399 11.40 -18.00 -24.65
C SER B 399 12.09 -18.74 -25.80
N PHE B 400 13.35 -18.40 -26.05
CA PHE B 400 14.15 -19.12 -27.03
C PHE B 400 14.22 -20.60 -26.69
N ASN B 401 14.26 -20.89 -25.40
CA ASN B 401 14.40 -22.25 -24.88
C ASN B 401 13.15 -23.14 -25.05
N THR B 402 11.96 -22.53 -25.03
CA THR B 402 10.71 -23.30 -24.95
C THR B 402 9.62 -22.93 -25.95
N GLN B 403 9.62 -21.68 -26.41
CA GLN B 403 8.54 -21.16 -27.24
C GLN B 403 8.76 -21.22 -28.76
N THR B 404 9.98 -21.55 -29.19
CA THR B 404 10.33 -21.47 -30.61
C THR B 404 9.77 -22.62 -31.44
N THR B 405 9.98 -23.85 -30.98
CA THR B 405 9.58 -25.06 -31.70
C THR B 405 8.09 -25.09 -32.00
N GLY B 406 7.27 -24.91 -30.96
CA GLY B 406 5.82 -24.97 -31.10
C GLY B 406 5.25 -23.89 -32.00
N ARG B 407 5.74 -22.67 -31.84
CA ARG B 407 5.24 -21.53 -32.62
C ARG B 407 5.56 -21.65 -34.10
N ILE B 408 6.78 -22.06 -34.44
CA ILE B 408 7.13 -22.19 -35.84
C ILE B 408 6.43 -23.37 -36.51
N ALA B 409 6.23 -24.45 -35.77
CA ALA B 409 5.50 -25.62 -36.28
C ALA B 409 4.07 -25.24 -36.62
N SER B 410 3.44 -24.48 -35.74
CA SER B 410 2.06 -24.04 -35.91
C SER B 410 1.87 -23.17 -37.16
N ILE B 411 2.89 -22.37 -37.49
CA ILE B 411 2.83 -21.51 -38.66
C ILE B 411 3.07 -22.28 -39.95
N LEU B 412 3.95 -23.28 -39.89
CA LEU B 412 4.23 -24.11 -41.06
C LEU B 412 3.11 -25.11 -41.34
N MSE B 413 2.18 -25.24 -40.37
CA MSE B 413 0.95 -26.02 -40.53
C MSE B 413 0.01 -25.41 -41.54
O MSE B 413 -0.79 -26.11 -42.17
CB MSE B 413 0.23 -26.12 -39.19
CG MSE B 413 0.80 -27.12 -38.23
SE MSE B 413 0.57 -28.94 -38.86
CE MSE B 413 2.06 -29.02 -40.10
N MSE B 414 0.08 -24.09 -41.68
CA MSE B 414 -0.87 -23.32 -42.47
C MSE B 414 -0.71 -23.58 -43.96
O MSE B 414 0.38 -23.94 -44.43
CB MSE B 414 -0.71 -21.83 -42.21
CG MSE B 414 -0.77 -21.42 -40.76
SE MSE B 414 -0.70 -19.50 -40.52
CE MSE B 414 0.02 -19.50 -38.71
N GLU B 415 -1.79 -23.38 -44.70
CA GLU B 415 -1.75 -23.37 -46.15
C GLU B 415 -0.96 -22.14 -46.60
N ASP B 416 -0.42 -22.19 -47.82
CA ASP B 416 0.43 -21.09 -48.31
C ASP B 416 -0.36 -19.82 -48.63
N THR B 417 -0.95 -19.23 -47.59
CA THR B 417 -1.81 -18.06 -47.72
C THR B 417 -1.10 -16.79 -47.28
N PRO B 418 -1.60 -15.61 -47.68
CA PRO B 418 -1.08 -14.32 -47.20
C PRO B 418 -1.07 -14.19 -45.68
N GLU B 419 -1.99 -14.88 -44.99
CA GLU B 419 -2.02 -14.93 -43.52
C GLU B 419 -0.79 -15.61 -42.93
N LYS B 420 -0.29 -16.64 -43.63
CA LYS B 420 0.90 -17.39 -43.22
C LYS B 420 2.16 -16.54 -43.37
N LEU B 421 2.19 -15.73 -44.43
CA LEU B 421 3.31 -14.82 -44.70
C LEU B 421 3.41 -13.77 -43.60
N GLN B 422 2.24 -13.24 -43.22
CA GLN B 422 2.13 -12.24 -42.17
C GLN B 422 2.64 -12.80 -40.84
N TYR B 423 2.29 -14.06 -40.55
CA TYR B 423 2.77 -14.75 -39.36
C TYR B 423 4.29 -14.93 -39.41
N LEU B 424 4.79 -15.37 -40.57
CA LEU B 424 6.22 -15.54 -40.80
C LEU B 424 7.00 -14.23 -40.61
N LYS B 425 6.53 -13.17 -41.24
CA LYS B 425 7.13 -11.84 -41.09
C LYS B 425 7.14 -11.42 -39.62
N SER B 426 6.05 -11.70 -38.92
CA SER B 426 5.92 -11.40 -37.49
C SER B 426 6.85 -12.26 -36.64
N PHE B 427 6.98 -13.53 -37.00
CA PHE B 427 7.86 -14.46 -36.28
C PHE B 427 9.32 -14.06 -36.42
N SER B 428 9.72 -13.78 -37.65
CA SER B 428 11.10 -13.38 -37.94
C SER B 428 11.45 -12.11 -37.18
N ARG B 429 10.52 -11.16 -37.14
CA ARG B 429 10.69 -9.90 -36.42
C ARG B 429 10.92 -10.13 -34.93
N TRP B 430 10.17 -11.10 -34.38
CA TRP B 430 10.23 -11.45 -32.97
C TRP B 430 11.59 -12.05 -32.59
N ILE B 431 12.05 -13.00 -33.39
CA ILE B 431 13.37 -13.60 -33.23
C ILE B 431 14.47 -12.56 -33.43
N ASP B 432 14.30 -11.72 -34.45
CA ASP B 432 15.27 -10.68 -34.79
C ASP B 432 15.62 -9.81 -33.60
N TYR B 433 14.62 -9.09 -33.09
CA TYR B 433 14.82 -8.19 -31.96
C TYR B 433 15.18 -8.93 -30.67
N GLY B 434 14.73 -10.19 -30.56
CA GLY B 434 15.07 -11.03 -29.42
C GLY B 434 16.55 -11.34 -29.34
N CYS B 435 17.20 -11.45 -30.50
CA CYS B 435 18.62 -11.75 -30.59
C CYS B 435 19.51 -10.53 -30.39
N ARG B 436 18.96 -9.33 -30.58
CA ARG B 436 19.72 -8.08 -30.50
C ARG B 436 20.22 -7.77 -29.09
N PRO B 437 21.36 -7.04 -28.97
CA PRO B 437 21.96 -6.68 -27.69
C PRO B 437 20.96 -6.07 -26.70
N ALA B 438 20.71 -6.79 -25.62
CA ALA B 438 19.75 -6.40 -24.59
C ALA B 438 20.36 -5.43 -23.56
N PRO B 439 19.56 -4.48 -23.06
CA PRO B 439 20.05 -3.52 -22.07
C PRO B 439 20.22 -4.12 -20.67
N GLY B 440 21.06 -3.50 -19.85
CA GLY B 440 21.21 -3.84 -18.43
C GLY B 440 21.41 -5.30 -18.15
N LEU B 441 20.62 -5.83 -17.24
CA LEU B 441 20.68 -7.24 -16.85
C LEU B 441 19.61 -8.07 -17.57
N ALA B 442 18.90 -7.42 -18.50
CA ALA B 442 17.73 -8.00 -19.15
C ALA B 442 18.04 -8.89 -20.35
N GLY B 443 17.01 -9.12 -21.17
CA GLY B 443 17.09 -9.77 -22.47
C GLY B 443 17.89 -11.06 -22.48
N SER B 444 18.42 -11.41 -23.64
CA SER B 444 19.21 -12.64 -23.77
C SER B 444 20.69 -12.38 -24.02
N PHE B 445 21.00 -11.66 -25.08
CA PHE B 445 22.39 -11.55 -25.53
C PHE B 445 22.95 -10.12 -25.45
N LYS B 446 24.25 -10.02 -25.22
CA LYS B 446 24.91 -8.73 -24.96
C LYS B 446 25.93 -8.36 -26.04
N VAL B 447 26.31 -7.07 -26.08
CA VAL B 447 27.26 -6.54 -27.06
C VAL B 447 28.64 -7.21 -27.01
N ASP B 448 29.04 -7.65 -25.82
CA ASP B 448 30.37 -8.23 -25.62
C ASP B 448 30.38 -9.75 -25.71
N GLY B 449 29.22 -10.34 -25.98
CA GLY B 449 29.10 -11.79 -26.11
C GLY B 449 28.53 -12.50 -24.90
N GLY B 450 28.13 -11.72 -23.89
CA GLY B 450 27.51 -12.26 -22.69
C GLY B 450 26.10 -12.76 -22.97
N ALA B 451 25.67 -13.76 -22.21
CA ALA B 451 24.33 -14.33 -22.35
C ALA B 451 23.66 -14.42 -20.99
N PHE B 452 22.54 -13.70 -20.83
CA PHE B 452 21.97 -13.45 -19.52
C PHE B 452 20.66 -14.17 -19.21
N HIS B 453 20.60 -14.72 -18.00
CA HIS B 453 19.38 -15.25 -17.40
C HIS B 453 19.58 -15.20 -15.90
N HIS B 454 18.49 -14.92 -15.16
CA HIS B 454 18.56 -14.63 -13.72
C HIS B 454 19.47 -13.43 -13.42
N ARG B 455 19.51 -12.48 -14.36
CA ARG B 455 20.19 -11.19 -14.21
C ARG B 455 21.72 -11.25 -14.08
N ASN B 456 22.31 -12.29 -14.65
CA ASN B 456 23.77 -12.40 -14.80
C ASN B 456 24.10 -13.31 -15.97
N ASN B 457 25.37 -13.38 -16.34
CA ASN B 457 25.83 -14.30 -17.36
C ASN B 457 25.71 -15.74 -16.86
N TYR B 458 24.87 -16.52 -17.51
CA TYR B 458 24.50 -17.84 -17.02
C TYR B 458 24.59 -18.88 -18.13
N PRO B 459 25.79 -19.43 -18.37
CA PRO B 459 26.02 -20.40 -19.44
C PRO B 459 25.01 -21.55 -19.48
N ALA B 460 24.72 -22.14 -18.32
CA ALA B 460 23.80 -23.29 -18.23
C ALA B 460 22.41 -23.00 -18.80
N TYR B 461 21.93 -21.77 -18.64
CA TYR B 461 20.67 -21.38 -19.23
C TYR B 461 20.86 -20.91 -20.67
N ALA B 462 21.98 -20.24 -20.94
CA ALA B 462 22.30 -19.74 -22.27
C ALA B 462 22.31 -20.87 -23.29
N VAL B 463 22.93 -21.98 -22.90
CA VAL B 463 22.97 -23.20 -23.70
C VAL B 463 21.59 -23.62 -24.23
N GLY B 464 20.58 -23.57 -23.36
CA GLY B 464 19.21 -23.92 -23.73
C GLY B 464 18.58 -22.89 -24.65
N GLY B 465 18.79 -21.62 -24.34
CA GLY B 465 18.27 -20.51 -25.14
C GLY B 465 18.89 -20.45 -26.51
N LEU B 466 20.18 -20.76 -26.59
CA LEU B 466 20.88 -20.77 -27.87
C LEU B 466 20.29 -21.80 -28.83
N ASP B 467 19.88 -22.96 -28.31
CA ASP B 467 19.15 -23.96 -29.11
C ASP B 467 18.08 -23.32 -29.97
N GLY B 468 17.24 -22.49 -29.35
CA GLY B 468 16.16 -21.80 -30.06
C GLY B 468 16.68 -20.76 -31.04
N ALA B 469 17.45 -19.81 -30.53
CA ALA B 469 17.99 -18.73 -31.34
C ALA B 469 18.77 -19.25 -32.53
N THR B 470 19.71 -20.18 -32.30
CA THR B 470 20.50 -20.74 -33.40
C THR B 470 19.61 -21.43 -34.43
N ASN B 471 18.68 -22.28 -33.97
CA ASN B 471 17.79 -23.01 -34.86
C ASN B 471 16.91 -22.11 -35.72
N MSE B 472 16.39 -21.04 -35.13
CA MSE B 472 15.52 -20.12 -35.85
C MSE B 472 16.29 -19.24 -36.83
O MSE B 472 15.82 -18.96 -37.93
CB MSE B 472 14.66 -19.28 -34.90
CG MSE B 472 13.54 -20.05 -34.20
SE MSE B 472 12.35 -21.09 -35.37
CE MSE B 472 13.29 -22.80 -35.36
N ILE B 473 17.49 -18.81 -36.44
CA ILE B 473 18.34 -18.04 -37.35
C ILE B 473 18.65 -18.83 -38.63
N TYR B 474 19.06 -20.09 -38.47
CA TYR B 474 19.30 -20.96 -39.61
C TYR B 474 18.05 -21.14 -40.46
N LEU B 475 16.94 -21.44 -39.78
CA LEU B 475 15.66 -21.70 -40.44
C LEU B 475 15.29 -20.58 -41.39
N PHE B 476 15.45 -19.33 -40.94
CA PHE B 476 15.11 -18.16 -41.74
C PHE B 476 16.26 -17.64 -42.60
N SER B 477 17.45 -18.23 -42.46
CA SER B 477 18.65 -17.73 -43.14
C SER B 477 18.58 -17.78 -44.67
N ARG B 478 19.34 -16.88 -45.30
CA ARG B 478 19.47 -16.81 -46.77
C ARG B 478 18.11 -16.82 -47.48
N THR B 479 17.26 -15.89 -47.03
CA THR B 479 15.85 -15.83 -47.40
C THR B 479 15.39 -14.39 -47.19
N SER B 480 14.35 -13.98 -47.91
CA SER B 480 13.79 -12.64 -47.74
C SER B 480 13.27 -12.41 -46.31
N LEU B 481 13.11 -13.50 -45.56
CA LEU B 481 12.62 -13.46 -44.18
C LEU B 481 13.76 -13.59 -43.16
N ALA B 482 14.99 -13.54 -43.63
CA ALA B 482 16.17 -13.65 -42.76
C ALA B 482 16.21 -12.53 -41.72
N VAL B 483 16.74 -12.84 -40.54
CA VAL B 483 16.91 -11.84 -39.49
C VAL B 483 18.04 -10.88 -39.85
N SER B 484 18.01 -9.68 -39.27
CA SER B 484 19.01 -8.66 -39.56
C SER B 484 20.43 -9.11 -39.25
N GLU B 485 21.40 -8.43 -39.86
CA GLU B 485 22.81 -8.70 -39.62
C GLU B 485 23.17 -8.57 -38.14
N LEU B 486 22.60 -7.55 -37.50
CA LEU B 486 22.85 -7.29 -36.08
C LEU B 486 22.47 -8.47 -35.20
N ALA B 487 21.29 -9.03 -35.44
CA ALA B 487 20.79 -10.19 -34.69
C ALA B 487 21.68 -11.41 -34.90
N HIS B 488 22.01 -11.68 -36.16
CA HIS B 488 22.86 -12.80 -36.55
C HIS B 488 24.27 -12.71 -35.95
N ARG B 489 24.89 -11.54 -36.08
CA ARG B 489 26.25 -11.32 -35.58
C ARG B 489 26.32 -11.40 -34.06
N THR B 490 25.29 -10.91 -33.37
CA THR B 490 25.26 -10.91 -31.91
C THR B 490 25.37 -12.33 -31.36
N VAL B 491 24.51 -13.22 -31.84
CA VAL B 491 24.52 -14.63 -31.41
C VAL B 491 25.83 -15.32 -31.81
N LYS B 492 26.32 -15.03 -33.02
CA LYS B 492 27.63 -15.49 -33.48
C LYS B 492 28.74 -15.14 -32.48
N ASP B 493 28.76 -13.88 -32.06
CA ASP B 493 29.74 -13.37 -31.11
C ASP B 493 29.58 -13.98 -29.72
N VAL B 494 28.34 -14.26 -29.32
CA VAL B 494 28.05 -14.96 -28.06
C VAL B 494 28.67 -16.36 -28.08
N LEU B 495 28.49 -17.07 -29.19
CA LEU B 495 29.02 -18.42 -29.34
C LEU B 495 30.55 -18.42 -29.43
N LEU B 496 31.10 -17.41 -30.09
CA LEU B 496 32.55 -17.20 -30.16
C LEU B 496 33.15 -16.90 -28.79
N ALA B 497 32.41 -16.14 -27.98
CA ALA B 497 32.80 -15.84 -26.60
C ALA B 497 32.75 -17.10 -25.73
N MSE B 498 31.69 -17.89 -25.89
CA MSE B 498 31.51 -19.12 -25.11
C MSE B 498 32.60 -20.13 -25.40
O MSE B 498 33.13 -20.76 -24.48
CB MSE B 498 30.13 -19.73 -25.40
CG MSE B 498 29.69 -20.80 -24.41
SE MSE B 498 27.76 -21.06 -24.38
CE MSE B 498 27.57 -22.13 -26.00
N ARG B 499 32.94 -20.29 -26.66
CA ARG B 499 34.05 -21.15 -27.09
C ARG B 499 35.37 -20.67 -26.48
N PHE B 500 35.45 -19.37 -26.19
CA PHE B 500 36.65 -18.79 -25.60
C PHE B 500 36.73 -19.00 -24.09
N TYR B 501 35.64 -18.72 -23.37
CA TYR B 501 35.63 -18.90 -21.91
C TYR B 501 35.44 -20.33 -21.43
N CYS B 502 34.84 -21.18 -22.26
CA CYS B 502 34.82 -22.62 -22.00
C CYS B 502 36.15 -23.20 -22.46
N ASN B 503 36.55 -24.32 -21.84
CA ASN B 503 37.79 -25.01 -22.19
C ASN B 503 37.77 -26.44 -21.69
N LYS B 504 37.74 -27.41 -22.59
CA LYS B 504 37.53 -27.19 -24.02
C LYS B 504 36.05 -26.89 -24.28
N LEU B 505 35.19 -27.77 -23.76
CA LEU B 505 33.74 -27.64 -23.87
C LEU B 505 33.09 -27.20 -22.55
N ASN B 506 33.78 -27.45 -21.44
CA ASN B 506 33.21 -27.24 -20.10
C ASN B 506 33.19 -25.80 -19.62
N PHE B 507 32.17 -25.45 -18.83
CA PHE B 507 32.10 -24.17 -18.14
C PHE B 507 33.19 -24.15 -17.07
N PRO B 508 33.87 -23.01 -16.91
CA PRO B 508 34.72 -22.84 -15.73
C PRO B 508 33.89 -22.85 -14.45
N LEU B 509 34.52 -23.22 -13.33
CA LEU B 509 33.80 -23.39 -12.07
C LEU B 509 33.02 -22.14 -11.63
N SER B 510 33.66 -20.96 -11.72
CA SER B 510 33.05 -19.71 -11.30
C SER B 510 31.81 -19.36 -12.11
N MSE B 511 31.70 -19.94 -13.30
CA MSE B 511 30.60 -19.64 -14.20
C MSE B 511 29.57 -20.78 -14.23
O MSE B 511 28.70 -20.82 -15.09
CB MSE B 511 31.11 -19.36 -15.60
CG MSE B 511 32.23 -18.34 -15.60
SE MSE B 511 32.77 -17.96 -17.39
CE MSE B 511 31.31 -16.76 -17.86
N SER B 512 29.69 -21.69 -13.27
CA SER B 512 28.80 -22.83 -13.17
C SER B 512 27.42 -22.49 -12.64
N GLY B 513 27.26 -21.26 -12.14
CA GLY B 513 26.01 -20.81 -11.55
C GLY B 513 25.64 -21.60 -10.30
N ARG B 514 24.54 -22.34 -10.41
CA ARG B 514 23.93 -23.08 -9.31
C ARG B 514 24.35 -24.56 -9.34
N HIS B 515 25.10 -24.93 -10.37
CA HIS B 515 25.55 -26.31 -10.55
C HIS B 515 27.08 -26.40 -10.68
N PRO B 516 27.81 -26.13 -9.58
CA PRO B 516 29.26 -26.28 -9.64
C PRO B 516 29.69 -27.75 -9.58
N ASP B 517 29.22 -28.54 -10.54
CA ASP B 517 29.54 -29.98 -10.59
C ASP B 517 30.60 -30.31 -11.64
N GLY B 518 30.96 -29.32 -12.46
CA GLY B 518 31.95 -29.49 -13.52
C GLY B 518 31.44 -30.32 -14.69
N LYS B 519 30.11 -30.35 -14.85
CA LYS B 519 29.47 -31.13 -15.90
C LYS B 519 29.02 -30.28 -17.09
N GLY B 520 28.50 -29.08 -16.79
CA GLY B 520 27.98 -28.19 -17.82
C GLY B 520 28.94 -27.96 -18.96
N LYS B 521 28.41 -28.09 -20.18
CA LYS B 521 29.20 -27.96 -21.42
C LYS B 521 28.48 -27.07 -22.41
N LEU B 522 29.24 -26.51 -23.35
CA LEU B 522 28.64 -25.84 -24.50
C LEU B 522 28.14 -26.89 -25.49
N VAL B 523 27.23 -26.51 -26.38
CA VAL B 523 26.67 -27.46 -27.35
C VAL B 523 27.28 -27.26 -28.73
N PRO B 524 28.09 -28.24 -29.19
CA PRO B 524 28.74 -28.14 -30.50
C PRO B 524 27.74 -27.87 -31.64
N MSE B 525 26.57 -28.49 -31.57
CA MSE B 525 25.52 -28.30 -32.57
C MSE B 525 25.27 -26.83 -32.93
O MSE B 525 25.16 -26.49 -34.10
CB MSE B 525 24.21 -28.97 -32.15
CG MSE B 525 22.98 -28.55 -32.99
SE MSE B 525 22.70 -29.48 -34.72
CE MSE B 525 24.46 -29.33 -35.53
N HIS B 526 25.19 -25.97 -31.91
CA HIS B 526 24.97 -24.54 -32.12
C HIS B 526 25.90 -23.97 -33.19
N TYR B 527 27.15 -24.44 -33.16
CA TYR B 527 28.18 -23.96 -34.07
C TYR B 527 27.98 -24.52 -35.48
N ALA B 528 27.63 -25.80 -35.57
CA ALA B 528 27.36 -26.44 -36.87
C ALA B 528 26.15 -25.84 -37.55
N ILE B 529 25.08 -25.61 -36.79
CA ILE B 529 23.85 -25.01 -37.31
C ILE B 529 24.11 -23.60 -37.85
N MSE B 530 24.90 -22.83 -37.10
CA MSE B 530 25.24 -21.45 -37.48
C MSE B 530 26.25 -21.40 -38.62
O MSE B 530 26.37 -20.38 -39.31
CB MSE B 530 25.74 -20.67 -36.27
CG MSE B 530 24.67 -20.32 -35.26
SE MSE B 530 23.60 -18.79 -35.78
CE MSE B 530 24.89 -17.38 -35.46
N ALA B 531 26.98 -22.49 -38.81
CA ALA B 531 27.91 -22.62 -39.92
C ALA B 531 27.15 -22.69 -41.24
N ILE B 532 26.11 -23.52 -41.28
CA ILE B 532 25.28 -23.65 -42.49
C ILE B 532 24.19 -22.58 -42.59
N ALA B 533 24.16 -21.68 -41.61
CA ALA B 533 23.28 -20.52 -41.65
C ALA B 533 23.87 -19.44 -42.55
N GLY B 534 25.19 -19.48 -42.72
CA GLY B 534 25.91 -18.50 -43.54
C GLY B 534 26.31 -17.27 -42.76
N THR B 535 27.05 -16.38 -43.43
CA THR B 535 27.52 -15.13 -42.86
C THR B 535 26.34 -14.23 -42.44
N PRO B 536 26.49 -13.48 -41.34
CA PRO B 536 25.46 -12.54 -40.89
C PRO B 536 24.95 -11.59 -41.96
N ASP B 537 25.82 -11.18 -42.89
CA ASP B 537 25.42 -10.29 -43.98
C ASP B 537 24.64 -11.00 -45.09
N GLY B 538 24.72 -12.33 -45.11
CA GLY B 538 23.99 -13.15 -46.08
C GLY B 538 24.75 -13.43 -47.36
N LYS B 539 25.94 -12.84 -47.49
CA LYS B 539 26.75 -12.93 -48.71
C LYS B 539 27.54 -14.25 -48.84
N GLY B 540 27.71 -14.94 -47.73
CA GLY B 540 28.43 -16.22 -47.72
C GLY B 540 27.51 -17.39 -47.44
N ASP B 541 27.70 -18.48 -48.19
CA ASP B 541 26.90 -19.69 -48.04
C ASP B 541 27.18 -20.35 -46.70
N PHE B 542 28.44 -20.36 -46.31
CA PHE B 542 28.89 -20.92 -45.03
C PHE B 542 29.49 -19.83 -44.15
N ASP B 543 29.43 -20.01 -42.84
CA ASP B 543 30.17 -19.16 -41.92
C ASP B 543 31.47 -19.85 -41.52
N LYS B 544 32.58 -19.32 -42.03
CA LYS B 544 33.91 -19.90 -41.82
C LYS B 544 34.32 -19.99 -40.35
N GLU B 545 34.09 -18.91 -39.61
CA GLU B 545 34.44 -18.86 -38.19
C GLU B 545 33.67 -19.90 -37.39
N MSE B 546 32.39 -20.05 -37.72
CA MSE B 546 31.51 -20.99 -37.03
C MSE B 546 31.84 -22.45 -37.37
O MSE B 546 31.81 -23.31 -36.49
CB MSE B 546 30.05 -20.68 -37.31
CG MSE B 546 29.15 -21.00 -36.15
SE MSE B 546 29.21 -19.63 -34.75
CE MSE B 546 28.52 -18.18 -35.82
N ALA B 547 32.13 -22.71 -38.64
CA ALA B 547 32.44 -24.06 -39.12
C ALA B 547 33.73 -24.62 -38.51
N SER B 548 34.78 -23.81 -38.52
CA SER B 548 36.07 -24.21 -37.94
C SER B 548 36.00 -24.24 -36.41
N ALA B 549 35.17 -23.37 -35.83
CA ALA B 549 34.90 -23.44 -34.39
C ALA B 549 34.21 -24.76 -34.05
N TYR B 550 33.26 -25.17 -34.88
CA TYR B 550 32.55 -26.42 -34.66
C TYR B 550 33.48 -27.63 -34.74
N LEU B 551 34.30 -27.68 -35.80
CA LEU B 551 35.17 -28.83 -36.04
C LEU B 551 36.30 -28.97 -35.02
N ARG B 552 36.60 -27.91 -34.28
CA ARG B 552 37.55 -28.00 -33.18
C ARG B 552 36.88 -28.66 -31.98
N LEU B 553 35.61 -28.35 -31.79
CA LEU B 553 34.83 -28.81 -30.63
C LEU B 553 34.52 -30.29 -30.68
N VAL B 554 34.49 -30.85 -31.89
CA VAL B 554 34.22 -32.27 -32.06
C VAL B 554 35.46 -33.02 -32.56
N SER B 555 36.62 -32.36 -32.57
CA SER B 555 37.88 -32.97 -33.00
C SER B 555 38.21 -34.18 -32.13
N SER B 556 38.54 -35.29 -32.80
CA SER B 556 38.71 -36.57 -32.12
C SER B 556 39.98 -36.68 -31.29
N ASP B 557 41.11 -36.25 -31.86
CA ASP B 557 42.46 -36.43 -31.28
C ASP B 557 42.67 -37.77 -30.56
N MSE B 568 36.76 -36.49 -41.30
CA MSE B 568 35.40 -36.68 -40.78
C MSE B 568 35.40 -37.07 -39.30
O MSE B 568 35.92 -38.14 -38.94
CB MSE B 568 34.63 -37.70 -41.64
CG MSE B 568 33.23 -38.08 -41.14
SE MSE B 568 31.88 -36.66 -41.21
CE MSE B 568 30.29 -37.74 -40.84
N PRO B 569 34.82 -36.22 -38.43
CA PRO B 569 34.75 -36.49 -36.99
C PRO B 569 33.73 -37.57 -36.64
N LYS B 570 33.72 -38.00 -35.38
CA LYS B 570 32.75 -38.96 -34.87
C LYS B 570 31.70 -38.25 -34.03
N VAL B 571 30.43 -38.43 -34.40
CA VAL B 571 29.31 -37.82 -33.66
C VAL B 571 28.10 -38.76 -33.59
N SER B 572 27.26 -38.54 -32.58
CA SER B 572 26.13 -39.43 -32.28
C SER B 572 24.82 -39.01 -32.95
N ASN B 573 24.41 -37.76 -32.73
CA ASN B 573 23.14 -37.24 -33.25
C ASN B 573 23.09 -37.21 -34.79
N ALA B 574 22.02 -37.75 -35.34
CA ALA B 574 21.90 -37.97 -36.79
C ALA B 574 21.95 -36.69 -37.65
N GLN B 575 21.17 -35.68 -37.28
CA GLN B 575 21.13 -34.43 -38.04
C GLN B 575 22.42 -33.60 -37.95
N GLU B 576 23.13 -33.73 -36.83
CA GLU B 576 24.43 -33.09 -36.63
C GLU B 576 25.49 -33.73 -37.50
N ARG B 577 25.41 -35.06 -37.64
CA ARG B 577 26.34 -35.84 -38.45
C ARG B 577 26.23 -35.44 -39.91
N LYS B 578 25.01 -35.13 -40.35
CA LYS B 578 24.76 -34.63 -41.70
C LYS B 578 25.52 -33.33 -41.98
N ILE B 579 25.30 -32.34 -41.11
CA ILE B 579 25.95 -31.03 -41.23
C ILE B 579 27.47 -31.14 -41.22
N ALA B 580 28.00 -31.93 -40.28
CA ALA B 580 29.44 -32.15 -40.16
C ALA B 580 30.04 -32.75 -41.44
N LYS B 581 29.32 -33.68 -42.04
CA LYS B 581 29.70 -34.31 -43.30
C LYS B 581 29.84 -33.27 -44.40
N ARG B 582 28.84 -32.38 -44.47
CA ARG B 582 28.81 -31.29 -45.45
C ARG B 582 29.99 -30.33 -45.27
N LEU B 583 30.28 -29.98 -44.02
CA LEU B 583 31.36 -29.04 -43.70
C LEU B 583 32.74 -29.59 -44.07
N VAL B 584 32.95 -30.88 -43.80
CA VAL B 584 34.20 -31.54 -44.14
C VAL B 584 34.39 -31.61 -45.66
N GLU B 585 33.30 -31.94 -46.36
CA GLU B 585 33.29 -32.05 -47.82
C GLU B 585 33.50 -30.70 -48.52
N ASN B 586 33.08 -29.62 -47.85
CA ASN B 586 33.33 -28.27 -48.36
C ASN B 586 34.67 -27.67 -47.90
N GLY B 587 35.54 -28.55 -47.41
CA GLY B 587 36.95 -28.23 -47.17
C GLY B 587 37.28 -27.49 -45.89
N PHE B 588 36.32 -27.42 -44.97
CA PHE B 588 36.53 -26.77 -43.69
C PHE B 588 37.33 -27.66 -42.74
N ARG B 589 38.25 -27.04 -42.01
CA ARG B 589 39.06 -27.74 -41.02
C ARG B 589 38.88 -27.09 -39.65
N ALA B 590 39.36 -27.77 -38.62
CA ALA B 590 39.24 -27.29 -37.23
C ALA B 590 40.09 -26.07 -36.94
N GLU B 591 39.53 -25.17 -36.12
CA GLU B 591 40.24 -24.04 -35.56
C GLU B 591 41.52 -24.47 -34.84
N PRO B 592 42.56 -23.61 -34.86
CA PRO B 592 43.55 -23.74 -33.80
C PRO B 592 42.95 -23.15 -32.51
N ASP B 593 43.39 -23.63 -31.36
CA ASP B 593 42.85 -23.14 -30.08
C ASP B 593 42.90 -21.62 -30.03
N PRO B 594 41.75 -20.98 -29.77
CA PRO B 594 41.60 -19.52 -29.79
C PRO B 594 42.62 -18.82 -28.90
N GLN B 595 43.22 -17.76 -29.42
CA GLN B 595 44.29 -17.05 -28.71
C GLN B 595 43.87 -15.66 -28.29
N GLY B 596 44.39 -15.23 -27.15
CA GLY B 596 44.24 -13.85 -26.71
C GLY B 596 43.51 -13.64 -25.41
N ASN B 597 42.73 -12.57 -25.36
CA ASN B 597 42.03 -12.14 -24.16
C ASN B 597 40.55 -11.79 -24.39
N LEU B 598 39.71 -12.23 -23.47
CA LEU B 598 38.28 -11.93 -23.49
C LEU B 598 37.97 -11.16 -22.22
N SER B 599 37.19 -10.09 -22.34
CA SER B 599 36.65 -9.41 -21.16
C SER B 599 35.13 -9.21 -21.28
N LEU B 600 34.40 -9.95 -20.45
CA LEU B 600 32.96 -9.82 -20.34
C LEU B 600 32.60 -8.79 -19.28
N GLY B 601 32.26 -7.58 -19.72
CA GLY B 601 31.77 -6.54 -18.82
C GLY B 601 30.43 -6.99 -18.27
N TYR B 602 29.56 -7.47 -19.15
CA TYR B 602 28.31 -8.10 -18.76
C TYR B 602 28.58 -9.53 -18.29
N GLY B 603 28.88 -9.66 -17.01
CA GLY B 603 29.22 -10.95 -16.42
C GLY B 603 30.44 -10.89 -15.51
N CYS B 604 31.19 -9.81 -15.63
CA CYS B 604 32.38 -9.54 -14.80
C CYS B 604 33.39 -10.68 -14.86
N VAL B 605 33.74 -11.06 -16.09
CA VAL B 605 34.65 -12.18 -16.36
C VAL B 605 35.74 -11.77 -17.34
N SER B 606 36.96 -12.17 -17.05
CA SER B 606 38.09 -11.96 -17.95
C SER B 606 38.77 -13.31 -18.19
N VAL B 607 39.13 -13.59 -19.45
CA VAL B 607 39.77 -14.86 -19.79
C VAL B 607 41.03 -14.65 -20.66
N GLN B 608 42.14 -15.25 -20.23
CA GLN B 608 43.38 -15.23 -21.01
C GLN B 608 43.63 -16.61 -21.59
N ARG B 609 44.02 -16.64 -22.86
CA ARG B 609 44.25 -17.90 -23.57
C ARG B 609 45.53 -17.90 -24.38
N ARG B 610 46.43 -18.82 -24.03
CA ARG B 610 47.57 -19.16 -24.88
C ARG B 610 47.66 -20.67 -24.99
N GLU B 611 48.20 -21.15 -26.11
CA GLU B 611 48.36 -22.57 -26.38
C GLU B 611 47.00 -23.25 -26.26
N ASN B 612 46.90 -24.30 -25.44
CA ASN B 612 45.63 -24.98 -25.24
C ASN B 612 44.92 -24.62 -23.93
N TRP B 613 45.61 -23.89 -23.06
CA TRP B 613 45.11 -23.57 -21.72
C TRP B 613 44.29 -22.28 -21.66
N SER B 614 43.61 -22.08 -20.53
CA SER B 614 42.90 -20.84 -20.28
C SER B 614 42.97 -20.46 -18.81
N ALA B 615 42.94 -19.16 -18.54
CA ALA B 615 42.84 -18.64 -17.18
C ALA B 615 41.62 -17.75 -17.07
N VAL B 616 40.64 -18.17 -16.29
CA VAL B 616 39.36 -17.46 -16.21
C VAL B 616 39.14 -16.79 -14.86
N ALA B 617 38.96 -15.47 -14.91
CA ALA B 617 38.76 -14.66 -13.72
C ALA B 617 37.30 -14.26 -13.64
N ARG B 618 36.72 -14.34 -12.44
CA ARG B 618 35.36 -13.89 -12.20
C ARG B 618 35.22 -13.13 -10.89
N GLY B 619 34.56 -11.98 -10.94
CA GLY B 619 34.21 -11.22 -9.76
C GLY B 619 32.72 -10.91 -9.74
N HIS B 620 32.33 -9.94 -8.93
CA HIS B 620 30.96 -9.46 -8.90
C HIS B 620 30.88 -8.00 -8.44
N SER B 621 29.77 -7.34 -8.73
CA SER B 621 29.63 -5.92 -8.47
C SER B 621 28.28 -5.60 -7.81
N ARG B 622 27.93 -4.32 -7.77
CA ARG B 622 26.64 -3.87 -7.26
C ARG B 622 25.51 -4.11 -8.28
N TYR B 623 25.89 -4.66 -9.43
CA TYR B 623 24.95 -4.97 -10.50
C TYR B 623 24.85 -6.47 -10.73
N LEU B 624 25.93 -7.19 -10.43
CA LEU B 624 26.02 -8.62 -10.73
C LEU B 624 26.24 -9.46 -9.48
N TRP B 625 25.38 -10.45 -9.28
CA TRP B 625 25.44 -11.31 -8.09
C TRP B 625 26.64 -12.25 -8.13
N ALA B 626 27.09 -12.65 -6.94
CA ALA B 626 28.25 -13.52 -6.79
C ALA B 626 27.95 -14.97 -7.18
N ALA B 627 26.98 -15.57 -6.49
CA ALA B 627 26.62 -16.97 -6.70
C ALA B 627 25.11 -17.20 -6.51
N GLU B 628 24.54 -18.09 -7.32
CA GLU B 628 23.14 -18.49 -7.16
C GLU B 628 23.04 -19.68 -6.20
N HIS B 629 22.23 -19.51 -5.16
CA HIS B 629 21.99 -20.58 -4.18
C HIS B 629 20.51 -20.90 -4.10
N TYR B 630 20.18 -22.16 -4.33
CA TYR B 630 18.82 -22.67 -4.15
C TYR B 630 18.82 -23.71 -3.05
N LEU B 631 17.64 -24.10 -2.58
CA LEU B 631 17.54 -25.26 -1.69
C LEU B 631 18.04 -26.49 -2.43
N GLY B 632 19.01 -27.16 -1.83
CA GLY B 632 19.56 -28.39 -2.37
C GLY B 632 20.36 -28.20 -3.65
N HIS B 633 20.84 -26.98 -3.89
CA HIS B 633 21.69 -26.67 -5.05
C HIS B 633 22.68 -25.58 -4.72
N ASN B 634 23.97 -25.88 -4.90
CA ASN B 634 25.08 -24.97 -4.61
C ASN B 634 25.06 -24.45 -3.16
N LEU B 635 25.26 -25.36 -2.21
CA LEU B 635 25.22 -25.00 -0.80
C LEU B 635 26.42 -24.17 -0.37
N TYR B 636 27.59 -24.47 -0.94
CA TYR B 636 28.85 -23.98 -0.41
C TYR B 636 29.63 -23.02 -1.33
N GLY B 637 28.97 -22.51 -2.37
CA GLY B 637 29.65 -21.69 -3.37
C GLY B 637 29.68 -20.20 -3.09
N ARG B 638 29.66 -19.82 -1.81
CA ARG B 638 29.69 -18.42 -1.41
C ARG B 638 30.83 -17.63 -2.07
N TYR B 639 31.98 -18.29 -2.27
CA TYR B 639 33.19 -17.62 -2.73
C TYR B 639 33.49 -17.73 -4.23
N LEU B 640 32.57 -18.32 -5.00
CA LEU B 640 32.79 -18.55 -6.43
C LEU B 640 33.16 -17.30 -7.22
N ALA B 641 32.77 -16.13 -6.73
CA ALA B 641 33.06 -14.87 -7.40
C ALA B 641 33.86 -13.90 -6.54
N HIS B 642 34.57 -14.44 -5.54
CA HIS B 642 35.43 -13.63 -4.68
C HIS B 642 36.79 -13.40 -5.35
N GLY B 643 36.74 -13.00 -6.62
CA GLY B 643 37.93 -12.85 -7.46
C GLY B 643 38.58 -14.19 -7.74
N SER B 644 37.80 -15.14 -8.24
CA SER B 644 38.30 -16.48 -8.54
C SER B 644 39.16 -16.45 -9.80
N LEU B 645 40.07 -17.42 -9.90
CA LEU B 645 40.95 -17.53 -11.05
C LEU B 645 41.28 -19.00 -11.27
N GLN B 646 40.58 -19.63 -12.21
CA GLN B 646 40.76 -21.03 -12.49
C GLN B 646 41.64 -21.23 -13.73
N ILE B 647 42.60 -22.14 -13.63
CA ILE B 647 43.40 -22.50 -14.80
C ILE B 647 42.94 -23.83 -15.39
N LEU B 648 42.35 -23.75 -16.59
CA LEU B 648 41.90 -24.94 -17.30
C LEU B 648 42.99 -25.37 -18.25
N THR B 649 43.50 -26.59 -18.05
CA THR B 649 44.67 -27.07 -18.80
C THR B 649 44.67 -28.58 -19.06
N ALA B 650 45.58 -29.01 -19.92
CA ALA B 650 45.77 -30.40 -20.30
C ALA B 650 47.11 -30.59 -21.01
N PRO B 651 47.70 -31.80 -20.93
CA PRO B 651 48.85 -32.06 -21.79
C PRO B 651 48.50 -31.84 -23.27
N PRO B 652 49.28 -31.00 -23.98
CA PRO B 652 49.05 -30.73 -25.40
C PRO B 652 48.71 -32.00 -26.20
N GLY B 653 47.59 -31.95 -26.91
CA GLY B 653 47.09 -33.12 -27.64
C GLY B 653 45.84 -33.74 -27.01
N GLN B 654 45.69 -33.59 -25.71
CA GLN B 654 44.50 -34.07 -25.00
C GLN B 654 43.50 -32.94 -24.81
N THR B 655 42.21 -33.29 -24.76
CA THR B 655 41.14 -32.31 -24.62
C THR B 655 41.02 -31.84 -23.16
N VAL B 656 40.90 -30.53 -22.98
CA VAL B 656 40.83 -29.93 -21.66
C VAL B 656 39.49 -30.25 -20.98
N THR B 657 39.58 -30.82 -19.78
CA THR B 657 38.44 -31.20 -18.97
C THR B 657 38.74 -30.74 -17.54
N PRO B 658 37.70 -30.49 -16.71
CA PRO B 658 37.96 -30.22 -15.29
C PRO B 658 38.85 -31.28 -14.64
N THR B 659 38.62 -32.55 -14.96
CA THR B 659 39.47 -33.67 -14.52
C THR B 659 40.94 -33.44 -14.86
N THR B 660 41.19 -32.98 -16.08
CA THR B 660 42.56 -32.70 -16.53
C THR B 660 43.09 -31.42 -15.90
N SER B 661 42.19 -30.50 -15.57
CA SER B 661 42.55 -29.23 -14.97
C SER B 661 42.77 -29.37 -13.47
N GLY B 662 42.59 -30.59 -12.97
CA GLY B 662 42.82 -30.91 -11.57
C GLY B 662 41.65 -30.55 -10.68
N TRP B 663 40.43 -30.71 -11.20
CA TRP B 663 39.22 -30.45 -10.42
C TRP B 663 38.23 -31.61 -10.43
N GLN B 664 37.76 -31.96 -9.23
CA GLN B 664 36.62 -32.84 -9.05
C GLN B 664 35.79 -32.28 -7.90
N GLN B 665 34.56 -32.76 -7.75
CA GLN B 665 33.71 -32.28 -6.67
C GLN B 665 34.07 -32.92 -5.33
N GLU B 666 34.24 -34.24 -5.33
CA GLU B 666 34.51 -34.99 -4.10
C GLU B 666 35.83 -34.61 -3.42
N GLY B 667 35.73 -34.10 -2.20
CA GLY B 667 36.89 -33.73 -1.38
C GLY B 667 37.30 -32.27 -1.49
N PHE B 668 36.64 -31.53 -2.38
CA PHE B 668 37.00 -30.15 -2.70
C PHE B 668 36.69 -29.21 -1.54
N ASP B 669 37.70 -28.50 -1.07
CA ASP B 669 37.51 -27.49 -0.03
C ASP B 669 36.86 -26.26 -0.67
N TRP B 670 35.57 -26.08 -0.39
CA TRP B 670 34.78 -25.02 -0.99
C TRP B 670 35.20 -23.61 -0.55
N ASN B 671 35.93 -23.52 0.57
CA ASN B 671 36.50 -22.26 1.04
C ASN B 671 37.61 -21.78 0.12
N ARG B 672 38.34 -22.74 -0.43
CA ARG B 672 39.57 -22.49 -1.15
C ARG B 672 39.37 -22.53 -2.67
N ILE B 673 38.43 -21.71 -3.15
CA ILE B 673 38.23 -21.54 -4.58
C ILE B 673 39.51 -20.90 -5.13
N PRO B 674 40.12 -21.52 -6.17
CA PRO B 674 41.38 -21.01 -6.71
C PRO B 674 41.33 -19.50 -6.95
N GLY B 675 42.29 -18.79 -6.38
CA GLY B 675 42.44 -17.35 -6.60
C GLY B 675 41.77 -16.42 -5.61
N VAL B 676 40.75 -16.90 -4.91
CA VAL B 676 39.93 -16.04 -4.04
C VAL B 676 40.58 -15.69 -2.71
N THR B 677 40.19 -14.56 -2.15
CA THR B 677 40.54 -14.21 -0.78
C THR B 677 39.27 -14.35 0.06
N SER B 678 39.32 -15.27 1.04
CA SER B 678 38.13 -15.63 1.79
C SER B 678 38.44 -16.19 3.17
N ILE B 679 37.44 -16.14 4.05
CA ILE B 679 37.57 -16.64 5.42
C ILE B 679 37.23 -18.13 5.46
N HIS B 680 38.17 -18.94 5.95
CA HIS B 680 38.02 -20.38 5.95
C HIS B 680 37.04 -20.86 7.01
N LEU B 681 35.86 -21.26 6.56
CA LEU B 681 34.76 -21.65 7.45
C LEU B 681 34.53 -23.15 7.50
N PRO B 682 33.95 -23.65 8.61
CA PRO B 682 33.40 -25.00 8.61
C PRO B 682 32.17 -25.04 7.71
N LEU B 683 31.96 -26.17 7.04
CA LEU B 683 30.94 -26.27 6.00
C LEU B 683 29.51 -25.92 6.45
N ASP B 684 29.19 -26.16 7.71
CA ASP B 684 27.87 -25.80 8.23
C ASP B 684 27.69 -24.29 8.39
N LEU B 685 28.81 -23.57 8.50
CA LEU B 685 28.79 -22.11 8.52
C LEU B 685 28.96 -21.51 7.13
N LEU B 686 29.59 -22.27 6.22
CA LEU B 686 29.76 -21.83 4.84
C LEU B 686 28.50 -22.06 4.01
N LYS B 687 27.71 -23.06 4.41
CA LYS B 687 26.42 -23.34 3.78
C LYS B 687 25.58 -22.05 3.63
N ALA B 688 24.92 -21.91 2.49
CA ALA B 688 24.06 -20.76 2.26
C ALA B 688 22.77 -20.90 3.05
N ASN B 689 22.47 -19.89 3.86
CA ASN B 689 21.23 -19.83 4.61
C ASN B 689 20.14 -19.24 3.71
N VAL B 690 19.53 -20.11 2.92
CA VAL B 690 18.62 -19.71 1.87
C VAL B 690 17.27 -19.27 2.44
N LEU B 691 16.83 -18.07 2.06
CA LEU B 691 15.59 -17.48 2.53
C LEU B 691 14.74 -16.92 1.40
N ASN B 692 13.46 -16.70 1.68
CA ASN B 692 12.60 -15.95 0.79
C ASN B 692 12.52 -14.51 1.27
N VAL B 693 13.37 -13.67 0.67
CA VAL B 693 13.61 -12.33 1.14
C VAL B 693 12.46 -11.35 0.90
N ASP B 694 11.84 -11.43 -0.28
CA ASP B 694 10.78 -10.51 -0.68
C ASP B 694 9.79 -11.16 -1.64
N THR B 695 8.78 -10.39 -2.06
CA THR B 695 7.76 -10.91 -2.97
C THR B 695 8.25 -11.12 -4.41
N PHE B 696 9.44 -10.60 -4.72
CA PHE B 696 10.00 -10.66 -6.07
C PHE B 696 10.81 -11.92 -6.36
N SER B 697 10.92 -12.80 -5.37
CA SER B 697 11.74 -14.00 -5.50
C SER B 697 11.13 -15.21 -4.77
N GLY B 698 11.80 -16.36 -4.89
CA GLY B 698 11.42 -17.57 -4.17
C GLY B 698 12.47 -17.92 -3.12
N MSE B 699 12.67 -19.21 -2.88
CA MSE B 699 13.68 -19.65 -1.93
C MSE B 699 15.05 -19.66 -2.59
O MSE B 699 15.46 -20.66 -3.18
CB MSE B 699 13.33 -21.02 -1.33
CG MSE B 699 12.24 -20.98 -0.26
SE MSE B 699 12.79 -20.15 1.43
CE MSE B 699 13.95 -21.57 2.09
N GLU B 700 15.75 -18.53 -2.47
CA GLU B 700 17.00 -18.33 -3.20
C GLU B 700 17.91 -17.29 -2.55
N GLU B 701 19.21 -17.44 -2.79
CA GLU B 701 20.20 -16.44 -2.36
C GLU B 701 21.11 -16.06 -3.51
N MSE B 702 21.12 -14.77 -3.83
CA MSE B 702 21.97 -14.21 -4.88
C MSE B 702 22.47 -12.85 -4.43
O MSE B 702 21.76 -11.84 -4.54
CB MSE B 702 21.23 -14.11 -6.21
CG MSE B 702 20.63 -15.42 -6.69
SE MSE B 702 19.91 -15.27 -8.47
CE MSE B 702 18.56 -13.90 -8.12
N LEU B 703 23.70 -12.83 -3.91
CA LEU B 703 24.23 -11.65 -3.24
C LEU B 703 25.13 -10.82 -4.15
N TYR B 704 24.70 -9.60 -4.43
CA TYR B 704 25.50 -8.61 -5.13
C TYR B 704 26.10 -7.60 -4.15
N SER B 705 27.27 -7.07 -4.47
CA SER B 705 28.00 -6.18 -3.56
C SER B 705 27.46 -4.75 -3.59
N ASP B 706 28.18 -3.84 -2.93
CA ASP B 706 27.85 -2.42 -2.92
C ASP B 706 28.92 -1.60 -3.65
N GLU B 707 29.86 -2.31 -4.28
CA GLU B 707 30.94 -1.69 -5.04
C GLU B 707 30.66 -1.81 -6.54
N ALA B 708 30.89 -0.72 -7.27
CA ALA B 708 30.69 -0.69 -8.70
C ALA B 708 31.92 -1.12 -9.47
N PHE B 709 33.07 -1.08 -8.79
CA PHE B 709 34.35 -1.31 -9.44
C PHE B 709 34.74 -2.77 -9.47
N ALA B 710 34.34 -3.46 -10.54
CA ALA B 710 34.70 -4.85 -10.77
C ALA B 710 34.59 -5.18 -12.26
N GLY B 711 35.68 -5.61 -12.86
CA GLY B 711 35.70 -5.94 -14.28
C GLY B 711 37.10 -5.97 -14.87
N GLY B 712 37.18 -6.12 -16.19
CA GLY B 712 38.47 -6.18 -16.87
C GLY B 712 38.56 -5.36 -18.13
N LEU B 713 39.79 -5.24 -18.65
CA LEU B 713 40.02 -4.66 -19.97
C LEU B 713 40.74 -5.67 -20.85
N SER B 714 40.51 -5.56 -22.16
CA SER B 714 41.12 -6.44 -23.14
C SER B 714 41.83 -5.61 -24.20
N GLN B 715 43.16 -5.70 -24.23
CA GLN B 715 43.97 -4.97 -25.20
C GLN B 715 44.18 -5.80 -26.47
N GLY B 716 43.74 -5.25 -27.59
CA GLY B 716 43.86 -5.90 -28.91
C GLY B 716 43.42 -7.35 -28.95
N LYS B 717 42.37 -7.67 -28.18
CA LYS B 717 41.86 -9.05 -28.02
C LYS B 717 42.97 -10.05 -27.65
N MSE B 718 44.07 -9.54 -27.10
CA MSE B 718 45.30 -10.31 -26.91
C MSE B 718 45.72 -10.43 -25.46
O MSE B 718 46.00 -11.52 -24.96
CB MSE B 718 46.42 -9.69 -27.74
CG MSE B 718 47.59 -10.61 -28.03
SE MSE B 718 47.01 -12.32 -28.78
CE MSE B 718 46.16 -11.69 -30.43
N ASN B 719 45.78 -9.28 -24.78
CA ASN B 719 46.18 -9.19 -23.37
C ASN B 719 45.15 -8.38 -22.60
N GLY B 720 45.37 -8.22 -21.31
CA GLY B 720 44.51 -7.36 -20.50
C GLY B 720 44.71 -7.47 -19.00
N ASN B 721 43.86 -6.79 -18.25
CA ASN B 721 43.89 -6.85 -16.79
C ASN B 721 42.49 -6.87 -16.17
N PHE B 722 42.44 -7.19 -14.88
CA PHE B 722 41.20 -7.31 -14.13
C PHE B 722 41.41 -6.70 -12.76
N GLY B 723 40.39 -6.04 -12.24
CA GLY B 723 40.45 -5.45 -10.91
C GLY B 723 39.09 -5.41 -10.25
N MSE B 724 39.07 -5.56 -8.92
CA MSE B 724 37.82 -5.48 -8.18
C MSE B 724 37.99 -5.05 -6.73
O MSE B 724 38.97 -5.38 -6.06
CB MSE B 724 37.05 -6.80 -8.25
CG MSE B 724 37.63 -7.91 -7.38
SE MSE B 724 36.36 -9.36 -7.18
CE MSE B 724 34.81 -8.36 -6.54
N LYS B 725 37.00 -4.30 -6.25
CA LYS B 725 36.85 -4.02 -4.83
C LYS B 725 35.92 -5.08 -4.27
N LEU B 726 36.51 -6.11 -3.66
CA LEU B 726 35.73 -7.18 -3.04
C LEU B 726 35.14 -6.71 -1.72
N HIS B 727 33.87 -7.02 -1.49
CA HIS B 727 33.16 -6.67 -0.26
C HIS B 727 32.02 -7.67 -0.03
N GLU B 728 32.25 -8.63 0.87
CA GLU B 728 31.26 -9.66 1.19
C GLU B 728 30.01 -9.04 1.80
N HIS B 729 28.86 -9.63 1.46
CA HIS B 729 27.56 -9.15 1.94
C HIS B 729 27.46 -9.22 3.47
N ASP B 730 26.73 -8.27 4.05
CA ASP B 730 26.57 -8.20 5.51
C ASP B 730 25.83 -9.40 6.12
N LYS B 731 25.17 -10.19 5.27
CA LYS B 731 24.45 -11.39 5.70
C LYS B 731 25.40 -12.37 6.35
N TYR B 732 26.63 -12.44 5.86
CA TYR B 732 27.66 -13.29 6.44
C TYR B 732 28.78 -12.42 7.01
N ASN B 733 29.99 -12.57 6.50
CA ASN B 733 31.10 -11.77 7.01
C ASN B 733 31.26 -10.43 6.26
N GLY B 734 30.47 -9.46 6.71
CA GLY B 734 30.36 -8.19 6.01
C GLY B 734 31.55 -7.25 6.17
N THR B 735 32.41 -7.54 7.14
CA THR B 735 33.59 -6.70 7.33
C THR B 735 34.70 -7.08 6.35
N HIS B 736 34.53 -8.22 5.69
CA HIS B 736 35.54 -8.77 4.79
C HIS B 736 35.57 -8.05 3.46
N ARG B 737 36.63 -7.26 3.26
CA ARG B 737 36.85 -6.59 1.97
C ARG B 737 38.31 -6.69 1.51
N ALA B 738 38.51 -6.56 0.20
CA ALA B 738 39.85 -6.69 -0.41
C ALA B 738 39.92 -6.00 -1.77
N ARG B 739 41.11 -5.51 -2.11
CA ARG B 739 41.39 -5.03 -3.45
C ARG B 739 42.28 -6.04 -4.18
N LYS B 740 41.73 -6.65 -5.23
CA LYS B 740 42.41 -7.71 -5.97
C LYS B 740 42.53 -7.35 -7.43
N SER B 741 43.64 -7.73 -8.05
CA SER B 741 43.85 -7.50 -9.48
C SER B 741 44.55 -8.65 -10.18
N PHE B 742 44.21 -8.85 -11.45
CA PHE B 742 44.90 -9.83 -12.31
C PHE B 742 45.49 -9.10 -13.51
N HIS B 743 46.66 -9.54 -13.93
CA HIS B 743 47.33 -8.94 -15.08
C HIS B 743 47.76 -10.03 -16.05
N PHE B 744 47.07 -10.08 -17.19
CA PHE B 744 47.28 -11.10 -18.20
C PHE B 744 48.22 -10.59 -19.28
N ILE B 745 49.50 -10.98 -19.19
CA ILE B 745 50.45 -10.67 -20.27
C ILE B 745 51.04 -11.95 -20.87
N ASP B 746 50.87 -12.09 -22.18
CA ASP B 746 51.17 -13.33 -22.92
C ASP B 746 50.83 -14.62 -22.17
N GLY B 747 51.85 -15.43 -21.86
CA GLY B 747 51.63 -16.70 -21.17
C GLY B 747 51.83 -16.63 -19.66
N MSE B 748 51.39 -15.53 -19.07
CA MSE B 748 51.68 -15.20 -17.67
C MSE B 748 50.52 -14.44 -17.05
O MSE B 748 50.03 -13.46 -17.62
CB MSE B 748 52.95 -14.34 -17.62
CG MSE B 748 53.41 -13.87 -16.26
SE MSE B 748 54.57 -12.30 -16.45
CE MSE B 748 53.47 -11.00 -15.53
N ILE B 749 50.06 -14.90 -15.89
CA ILE B 749 48.99 -14.23 -15.16
C ILE B 749 49.50 -13.84 -13.77
N VAL B 750 49.69 -12.55 -13.56
CA VAL B 750 50.19 -12.07 -12.27
C VAL B 750 49.05 -11.55 -11.38
N CYS B 751 49.01 -12.10 -10.17
CA CYS B 751 47.94 -11.84 -9.21
C CYS B 751 48.43 -10.92 -8.09
N LEU B 752 47.79 -9.77 -7.96
CA LEU B 752 48.13 -8.78 -6.94
C LEU B 752 46.97 -8.50 -5.99
N GLY B 753 47.29 -8.31 -4.72
CA GLY B 753 46.27 -8.04 -3.70
C GLY B 753 46.73 -7.14 -2.58
N SER B 754 45.82 -6.30 -2.11
CA SER B 754 46.09 -5.37 -1.00
C SER B 754 44.81 -5.05 -0.24
N ASP B 755 44.98 -4.46 0.95
CA ASP B 755 43.88 -3.97 1.77
C ASP B 755 42.89 -5.05 2.16
N ILE B 756 43.42 -6.25 2.40
CA ILE B 756 42.63 -7.39 2.85
C ILE B 756 42.33 -7.23 4.33
N GLU B 757 41.04 -7.28 4.68
CA GLU B 757 40.61 -7.00 6.04
C GLU B 757 39.26 -7.62 6.41
N ASN B 758 39.17 -8.11 7.64
CA ASN B 758 37.90 -8.42 8.31
C ASN B 758 38.08 -8.44 9.83
N THR B 759 36.99 -8.62 10.56
CA THR B 759 37.03 -8.63 12.02
C THR B 759 36.74 -10.02 12.60
N ASN B 760 36.81 -11.04 11.76
CA ASN B 760 36.58 -12.42 12.19
C ASN B 760 37.80 -12.99 12.91
N MSE B 761 37.67 -13.16 14.23
CA MSE B 761 38.76 -13.63 15.07
C MSE B 761 38.69 -15.12 15.38
O MSE B 761 39.50 -15.64 16.16
CB MSE B 761 38.76 -12.84 16.38
CG MSE B 761 39.28 -11.43 16.25
SE MSE B 761 38.72 -10.32 17.75
CE MSE B 761 36.83 -10.06 17.29
N ASP B 762 37.73 -15.81 14.78
CA ASP B 762 37.56 -17.24 15.01
C ASP B 762 38.15 -18.08 13.88
N TYR B 763 38.19 -17.52 12.67
CA TYR B 763 38.62 -18.24 11.48
C TYR B 763 39.55 -17.41 10.60
N PRO B 764 40.60 -18.03 10.05
CA PRO B 764 41.65 -17.33 9.27
C PRO B 764 41.20 -16.88 7.88
N THR B 765 41.84 -15.83 7.38
CA THR B 765 41.62 -15.35 6.01
C THR B 765 42.73 -15.88 5.13
N GLU B 766 42.36 -16.38 3.95
CA GLU B 766 43.30 -17.03 3.05
C GLU B 766 43.04 -16.62 1.61
N THR B 767 44.11 -16.36 0.86
CA THR B 767 44.00 -16.41 -0.60
C THR B 767 44.67 -17.70 -1.04
N THR B 768 44.08 -18.36 -2.01
CA THR B 768 44.54 -19.67 -2.44
C THR B 768 45.22 -19.57 -3.79
N ILE B 769 46.51 -19.89 -3.81
CA ILE B 769 47.29 -19.91 -5.05
C ILE B 769 46.79 -21.03 -5.96
N PHE B 770 46.76 -22.25 -5.43
CA PHE B 770 46.12 -23.37 -6.13
C PHE B 770 45.54 -24.43 -5.20
N GLN B 771 44.46 -25.06 -5.65
CA GLN B 771 43.94 -26.27 -5.05
C GLN B 771 43.66 -27.28 -6.16
N LEU B 772 44.36 -28.41 -6.12
CA LEU B 772 44.30 -29.35 -7.23
C LEU B 772 44.09 -30.79 -6.78
N ALA B 773 43.26 -31.51 -7.54
CA ALA B 773 42.96 -32.90 -7.27
C ALA B 773 44.10 -33.81 -7.73
N VAL B 774 44.37 -34.83 -6.93
CA VAL B 774 45.38 -35.84 -7.24
C VAL B 774 44.65 -37.16 -7.48
N THR B 775 44.58 -37.57 -8.74
CA THR B 775 43.70 -38.67 -9.13
C THR B 775 44.46 -39.93 -9.59
N ASP B 776 45.21 -39.82 -10.69
CA ASP B 776 45.98 -40.94 -11.24
C ASP B 776 47.25 -41.23 -10.45
N LYS B 777 47.89 -42.36 -10.74
CA LYS B 777 49.09 -42.77 -10.03
C LYS B 777 50.27 -41.81 -10.24
N ALA B 778 50.39 -41.29 -11.47
CA ALA B 778 51.46 -40.36 -11.83
C ALA B 778 51.41 -39.06 -11.01
N ALA B 779 50.20 -38.62 -10.68
CA ALA B 779 50.01 -37.43 -9.85
C ALA B 779 50.46 -37.66 -8.41
N HIS B 780 50.21 -38.86 -7.89
CA HIS B 780 50.64 -39.25 -6.55
C HIS B 780 52.16 -39.29 -6.42
N ASP B 781 52.81 -39.86 -7.42
CA ASP B 781 54.28 -40.01 -7.44
C ASP B 781 55.00 -38.66 -7.55
N TYR B 782 54.34 -37.71 -8.22
CA TYR B 782 54.90 -36.37 -8.43
C TYR B 782 55.06 -35.60 -7.12
N TRP B 783 54.15 -35.82 -6.19
CA TRP B 783 54.15 -35.08 -4.92
C TRP B 783 54.89 -35.79 -3.79
N LYS B 784 55.45 -36.96 -4.07
CA LYS B 784 56.13 -37.78 -3.06
C LYS B 784 57.08 -36.98 -2.16
N ASN B 785 57.85 -36.07 -2.77
CA ASN B 785 58.79 -35.21 -2.02
C ASN B 785 59.05 -33.85 -2.69
N ASN B 786 58.17 -33.45 -3.60
CA ASN B 786 58.31 -32.19 -4.33
C ASN B 786 58.10 -30.97 -3.42
N ALA B 787 59.21 -30.28 -3.13
CA ALA B 787 59.25 -29.26 -2.08
C ALA B 787 58.35 -28.02 -2.24
N GLY B 788 58.31 -27.35 -3.40
CA GLY B 788 59.15 -27.60 -4.58
C GLY B 788 60.45 -26.83 -4.49
N GLU B 789 60.37 -25.56 -4.13
CA GLU B 789 61.55 -24.78 -3.70
C GLU B 789 61.24 -24.06 -2.35
N GLY B 790 61.51 -22.76 -2.18
CA GLY B 790 61.94 -21.82 -3.21
C GLY B 790 60.84 -20.81 -3.51
N LYS B 791 61.16 -19.82 -4.35
CA LYS B 791 60.18 -18.84 -4.82
C LYS B 791 59.42 -19.38 -6.03
N VAL B 792 59.66 -20.65 -6.35
CA VAL B 792 59.10 -21.28 -7.55
C VAL B 792 58.43 -22.62 -7.25
N TRP B 793 57.16 -22.72 -7.62
CA TRP B 793 56.39 -23.96 -7.52
C TRP B 793 56.00 -24.46 -8.90
N MSE B 794 55.75 -25.76 -9.01
CA MSE B 794 55.23 -26.35 -10.24
C MSE B 794 54.42 -27.61 -9.91
O MSE B 794 54.93 -28.53 -9.27
CB MSE B 794 56.37 -26.68 -11.20
CG MSE B 794 55.91 -27.03 -12.58
SE MSE B 794 57.28 -26.56 -13.85
CE MSE B 794 56.83 -27.81 -15.28
N ASP B 795 53.17 -27.63 -10.36
CA ASP B 795 52.27 -28.74 -10.06
C ASP B 795 52.41 -29.90 -11.03
N HIS B 796 51.55 -30.91 -10.85
CA HIS B 796 51.57 -32.11 -11.68
C HIS B 796 50.90 -31.92 -13.04
N LEU B 797 50.28 -30.75 -13.23
CA LEU B 797 49.60 -30.43 -14.48
C LEU B 797 50.44 -29.55 -15.40
N GLY B 798 51.70 -29.34 -15.03
CA GLY B 798 52.65 -28.60 -15.85
C GLY B 798 52.59 -27.09 -15.76
N THR B 799 51.79 -26.56 -14.83
CA THR B 799 51.71 -25.10 -14.63
C THR B 799 52.57 -24.62 -13.46
N GLY B 800 53.32 -23.55 -13.71
CA GLY B 800 54.26 -23.01 -12.74
C GLY B 800 53.72 -21.86 -11.93
N TYR B 801 54.25 -21.70 -10.72
CA TYR B 801 53.80 -20.65 -9.80
C TYR B 801 55.00 -19.92 -9.18
N TYR B 802 55.13 -18.63 -9.49
CA TYR B 802 56.15 -17.80 -8.88
C TYR B 802 55.59 -17.12 -7.64
N VAL B 803 56.10 -17.54 -6.48
CA VAL B 803 55.58 -17.10 -5.18
C VAL B 803 56.69 -16.47 -4.32
N PRO B 804 56.86 -15.13 -4.43
CA PRO B 804 57.85 -14.41 -3.62
C PRO B 804 57.43 -14.20 -2.15
N VAL B 805 56.12 -14.13 -1.90
CA VAL B 805 55.58 -13.97 -0.54
C VAL B 805 55.48 -15.31 0.20
N ALA B 806 55.43 -15.25 1.52
CA ALA B 806 55.30 -16.44 2.36
C ALA B 806 53.99 -17.18 2.11
N ALA B 807 54.09 -18.48 1.87
CA ALA B 807 52.92 -19.31 1.55
C ALA B 807 52.99 -20.68 2.21
N ARG B 808 51.82 -21.23 2.55
CA ARG B 808 51.74 -22.53 3.21
C ARG B 808 51.20 -23.62 2.27
N PHE B 809 51.86 -24.78 2.32
CA PHE B 809 51.51 -25.91 1.46
C PHE B 809 50.88 -27.04 2.27
N GLU B 810 49.76 -27.56 1.76
CA GLU B 810 49.06 -28.69 2.39
C GLU B 810 48.94 -29.88 1.45
N LYS B 811 49.31 -31.05 1.95
CA LYS B 811 49.15 -32.30 1.23
C LYS B 811 48.14 -33.16 1.99
N ASN B 812 46.86 -32.99 1.67
CA ASN B 812 45.80 -33.70 2.38
C ASN B 812 45.33 -34.96 1.65
N PHE B 813 45.94 -36.08 1.99
CA PHE B 813 45.51 -37.38 1.47
C PHE B 813 44.92 -38.24 2.58
N PRO B 814 43.58 -38.28 2.69
CA PRO B 814 42.60 -37.59 1.86
C PRO B 814 42.18 -36.22 2.41
N GLN B 815 41.23 -35.58 1.72
CA GLN B 815 40.62 -34.34 2.15
C GLN B 815 39.10 -34.55 2.16
N TYR B 816 38.43 -34.04 3.19
CA TYR B 816 36.99 -34.26 3.33
C TYR B 816 36.16 -33.02 2.98
N SER B 817 35.01 -33.27 2.36
CA SER B 817 34.08 -32.21 1.97
C SER B 817 32.67 -32.77 1.88
N ARG B 818 31.78 -31.99 1.26
CA ARG B 818 30.39 -32.42 1.03
C ARG B 818 29.95 -32.07 -0.39
N MSE B 819 28.93 -32.78 -0.87
CA MSE B 819 28.41 -32.60 -2.21
C MSE B 819 27.68 -31.27 -2.33
O MSE B 819 27.06 -30.82 -1.37
CB MSE B 819 27.46 -33.77 -2.56
CG MSE B 819 27.44 -34.12 -4.03
SE MSE B 819 29.11 -34.94 -4.63
CE MSE B 819 28.62 -36.82 -4.43
N GLN B 820 27.77 -30.65 -3.51
CA GLN B 820 27.21 -29.31 -3.72
C GLN B 820 25.70 -29.24 -3.53
N ASP B 821 25.03 -30.35 -3.80
CA ASP B 821 23.57 -30.40 -3.77
C ASP B 821 23.03 -31.15 -2.55
N THR B 822 23.47 -32.37 -2.35
CA THR B 822 22.91 -33.21 -1.31
C THR B 822 23.58 -32.99 0.07
N GLY B 823 24.81 -32.49 0.05
CA GLY B 823 25.55 -32.23 1.28
C GLY B 823 26.18 -33.48 1.89
N LYS B 824 26.07 -34.61 1.19
CA LYS B 824 26.62 -35.88 1.67
C LYS B 824 28.14 -35.84 1.67
N GLU B 825 28.73 -36.56 2.62
CA GLU B 825 30.18 -36.55 2.83
C GLU B 825 30.94 -37.12 1.65
N THR B 826 31.95 -36.38 1.19
CA THR B 826 32.79 -36.80 0.07
C THR B 826 34.26 -36.63 0.40
N LYS B 827 35.11 -37.44 -0.22
CA LYS B 827 36.56 -37.36 -0.02
C LYS B 827 37.36 -37.48 -1.31
N GLY B 828 38.59 -37.00 -1.27
CA GLY B 828 39.52 -37.09 -2.40
C GLY B 828 40.92 -36.63 -1.99
N ASP B 829 41.91 -37.03 -2.78
CA ASP B 829 43.28 -36.60 -2.53
C ASP B 829 43.53 -35.23 -3.15
N TRP B 830 43.83 -34.26 -2.29
CA TRP B 830 43.99 -32.86 -2.72
C TRP B 830 45.30 -32.23 -2.26
N VAL B 831 45.82 -31.35 -3.10
CA VAL B 831 47.07 -30.63 -2.85
C VAL B 831 46.80 -29.12 -2.93
N SER B 832 47.26 -28.36 -1.95
CA SER B 832 46.94 -26.93 -1.86
C SER B 832 48.11 -26.04 -1.47
N LEU B 833 48.17 -24.86 -2.09
CA LEU B 833 49.12 -23.82 -1.72
C LEU B 833 48.35 -22.55 -1.44
N ILE B 834 48.42 -22.07 -0.21
CA ILE B 834 47.68 -20.86 0.18
C ILE B 834 48.57 -19.80 0.83
N ILE B 835 48.15 -18.54 0.71
CA ILE B 835 48.82 -17.43 1.40
C ILE B 835 48.04 -17.17 2.68
N ASP B 836 48.67 -17.43 3.81
CA ASP B 836 47.98 -17.26 5.08
C ASP B 836 48.07 -15.85 5.62
N HIS B 837 46.98 -15.12 5.46
CA HIS B 837 46.74 -13.92 6.23
C HIS B 837 46.27 -14.40 7.60
N GLY B 838 46.33 -13.53 8.60
CA GLY B 838 45.98 -13.96 9.95
C GLY B 838 44.49 -14.12 10.17
N LYS B 839 44.11 -14.26 11.43
CA LYS B 839 42.73 -14.11 11.85
C LYS B 839 42.48 -12.63 12.01
N ALA B 840 41.39 -12.14 11.44
CA ALA B 840 41.03 -10.72 11.45
C ALA B 840 42.16 -9.79 10.97
N PRO B 841 42.57 -9.93 9.68
CA PRO B 841 43.66 -9.10 9.15
C PRO B 841 43.28 -7.62 9.05
N LYS B 842 44.28 -6.74 9.18
CA LYS B 842 44.04 -5.29 9.11
C LYS B 842 44.35 -4.68 7.75
N ALA B 843 45.45 -5.09 7.13
CA ALA B 843 45.84 -4.59 5.80
C ALA B 843 46.64 -5.62 4.99
N GLY B 844 46.14 -6.86 4.95
CA GLY B 844 46.84 -7.97 4.29
C GLY B 844 47.08 -7.77 2.81
N SER B 845 48.09 -8.45 2.28
CA SER B 845 48.43 -8.35 0.87
C SER B 845 49.06 -9.64 0.31
N TYR B 846 49.11 -9.74 -1.02
CA TYR B 846 49.75 -10.87 -1.69
C TYR B 846 50.30 -10.50 -3.07
N GLU B 847 51.29 -11.27 -3.53
CA GLU B 847 51.84 -11.13 -4.87
C GLU B 847 52.37 -12.48 -5.34
N TYR B 848 51.77 -13.00 -6.40
CA TYR B 848 52.24 -14.23 -7.04
C TYR B 848 51.86 -14.28 -8.53
N ALA B 849 52.59 -15.07 -9.31
CA ALA B 849 52.32 -15.19 -10.75
C ALA B 849 52.16 -16.64 -11.20
N ILE B 850 51.24 -16.86 -12.14
CA ILE B 850 50.95 -18.19 -12.71
C ILE B 850 51.35 -18.27 -14.18
N LEU B 851 52.15 -19.28 -14.49
CA LEU B 851 52.57 -19.56 -15.86
C LEU B 851 52.13 -20.98 -16.23
N PRO B 852 50.99 -21.11 -16.95
CA PRO B 852 50.48 -22.43 -17.32
C PRO B 852 51.25 -23.05 -18.48
N GLY B 853 51.31 -24.37 -18.50
CA GLY B 853 51.97 -25.11 -19.59
C GLY B 853 53.42 -24.71 -19.81
N THR B 854 54.20 -24.76 -18.74
CA THR B 854 55.58 -24.31 -18.77
C THR B 854 56.56 -25.47 -18.50
N ASP B 855 57.84 -25.14 -18.39
CA ASP B 855 58.87 -26.11 -18.00
C ASP B 855 59.72 -25.61 -16.84
N ARG B 856 60.49 -26.52 -16.24
CA ARG B 856 61.33 -26.20 -15.08
C ARG B 856 62.35 -25.10 -15.36
N LYS B 857 62.95 -25.13 -16.55
CA LYS B 857 63.98 -24.16 -16.93
C LYS B 857 63.47 -22.71 -17.00
N THR B 858 62.29 -22.51 -17.59
CA THR B 858 61.68 -21.19 -17.68
C THR B 858 61.36 -20.64 -16.28
N MSE B 859 60.91 -21.53 -15.40
CA MSE B 859 60.54 -21.14 -14.04
C MSE B 859 61.72 -20.72 -13.17
O MSE B 859 61.63 -19.73 -12.43
CB MSE B 859 59.73 -22.25 -13.35
CG MSE B 859 58.28 -22.37 -13.82
SE MSE B 859 57.24 -20.71 -13.79
CE MSE B 859 57.33 -20.30 -11.89
N THR B 860 62.84 -21.45 -13.27
CA THR B 860 64.08 -21.10 -12.55
C THR B 860 64.63 -19.75 -13.04
N ALA B 861 64.56 -19.53 -14.35
CA ALA B 861 65.00 -18.27 -14.95
C ALA B 861 64.07 -17.11 -14.60
N PHE B 862 62.78 -17.43 -14.40
CA PHE B 862 61.79 -16.45 -13.98
C PHE B 862 62.03 -16.02 -12.54
N ALA B 863 62.47 -16.97 -11.70
CA ALA B 863 62.73 -16.69 -10.30
C ALA B 863 63.93 -15.75 -10.13
N LYS B 864 64.96 -15.96 -10.95
CA LYS B 864 66.16 -15.12 -10.92
C LYS B 864 65.87 -13.73 -11.50
N LYS B 865 65.16 -13.69 -12.62
CA LYS B 865 64.76 -12.43 -13.26
C LYS B 865 63.27 -12.47 -13.63
N PRO B 866 62.41 -11.94 -12.73
CA PRO B 866 60.97 -11.88 -13.00
C PRO B 866 60.67 -11.01 -14.22
N ALA B 867 59.73 -11.44 -15.04
CA ALA B 867 59.40 -10.74 -16.28
C ALA B 867 58.58 -9.47 -16.05
N TYR B 868 58.18 -9.26 -14.79
CA TYR B 868 57.43 -8.08 -14.40
C TYR B 868 58.07 -7.35 -13.22
N SER B 869 57.66 -6.09 -13.01
CA SER B 869 58.08 -5.31 -11.87
C SER B 869 56.87 -4.51 -11.36
N VAL B 870 56.61 -4.58 -10.05
CA VAL B 870 55.49 -3.86 -9.45
C VAL B 870 55.81 -2.37 -9.29
N LEU B 871 54.96 -1.51 -9.85
CA LEU B 871 55.16 -0.07 -9.75
C LEU B 871 54.52 0.51 -8.48
N GLN B 872 53.26 0.14 -8.23
CA GLN B 872 52.64 0.37 -6.93
C GLN B 872 51.55 -0.65 -6.63
N GLN B 873 51.25 -0.84 -5.36
CA GLN B 873 50.36 -1.91 -4.90
C GLN B 873 49.68 -1.50 -3.59
N ASP B 874 48.70 -0.61 -3.70
CA ASP B 874 47.96 -0.11 -2.53
C ASP B 874 46.50 0.20 -2.88
N ARG B 875 45.77 0.76 -1.93
CA ARG B 875 44.34 1.04 -2.11
C ARG B 875 44.03 1.91 -3.34
N ASN B 876 44.98 2.76 -3.70
CA ASN B 876 44.81 3.62 -4.87
C ASN B 876 44.94 2.87 -6.19
N ALA B 877 46.00 2.07 -6.32
CA ALA B 877 46.27 1.37 -7.59
C ALA B 877 47.16 0.14 -7.46
N HIS B 878 46.98 -0.77 -8.42
CA HIS B 878 47.89 -1.89 -8.64
C HIS B 878 48.50 -1.70 -10.03
N ILE B 879 49.74 -1.19 -10.07
CA ILE B 879 50.41 -0.90 -11.33
C ILE B 879 51.63 -1.81 -11.54
N LEU B 880 51.82 -2.23 -12.79
CA LEU B 880 52.76 -3.29 -13.12
C LEU B 880 53.26 -3.12 -14.56
N GLU B 881 54.56 -3.36 -14.78
CA GLU B 881 55.14 -3.28 -16.12
C GLU B 881 55.99 -4.51 -16.48
N SER B 882 56.03 -4.82 -17.78
CA SER B 882 56.86 -5.88 -18.31
C SER B 882 57.73 -5.37 -19.46
N PRO B 883 59.03 -5.17 -19.19
CA PRO B 883 59.94 -4.59 -20.18
C PRO B 883 60.10 -5.45 -21.44
N SER B 884 60.08 -6.77 -21.28
CA SER B 884 60.23 -7.70 -22.41
C SER B 884 59.02 -7.68 -23.34
N ASP B 885 57.83 -7.60 -22.75
CA ASP B 885 56.58 -7.53 -23.51
C ASP B 885 56.19 -6.10 -23.89
N ARG B 886 56.94 -5.14 -23.34
CA ARG B 886 56.74 -3.70 -23.59
C ARG B 886 55.37 -3.19 -23.12
N ILE B 887 54.89 -3.74 -22.01
CA ILE B 887 53.53 -3.45 -21.52
C ILE B 887 53.54 -2.84 -20.11
N THR B 888 52.66 -1.85 -19.90
CA THR B 888 52.40 -1.30 -18.57
C THR B 888 50.91 -1.44 -18.23
N SER B 889 50.63 -2.09 -17.10
CA SER B 889 49.26 -2.41 -16.69
C SER B 889 48.79 -1.51 -15.55
N TYR B 890 47.65 -0.85 -15.74
CA TYR B 890 47.09 0.06 -14.74
C TYR B 890 45.72 -0.40 -14.24
N VAL B 891 45.64 -0.76 -12.96
CA VAL B 891 44.37 -0.98 -12.31
C VAL B 891 44.22 0.12 -11.25
N LEU B 892 43.41 1.13 -11.59
CA LEU B 892 43.26 2.31 -10.76
C LEU B 892 41.93 2.32 -10.01
N PHE B 893 42.00 1.96 -8.73
CA PHE B 893 40.81 1.83 -7.88
C PHE B 893 40.20 3.18 -7.51
N GLU B 894 41.04 4.20 -7.37
CA GLU B 894 40.59 5.56 -7.06
C GLU B 894 41.22 6.59 -7.99
N THR B 895 40.64 7.78 -8.04
CA THR B 895 41.23 8.91 -8.75
C THR B 895 42.60 9.18 -8.15
N PRO B 896 43.66 9.12 -8.99
CA PRO B 896 45.01 9.14 -8.45
C PRO B 896 45.63 10.53 -8.36
N GLN B 897 45.53 11.19 -7.20
CA GLN B 897 46.34 12.40 -6.98
C GLN B 897 47.65 11.95 -6.34
N SER B 898 48.81 12.01 -6.99
CA SER B 898 49.12 12.72 -8.21
C SER B 898 49.85 11.85 -9.25
N LEU B 899 51.11 12.17 -9.55
CA LEU B 899 51.81 11.63 -10.72
C LEU B 899 51.96 10.12 -10.73
N LEU B 900 51.28 9.46 -11.68
CA LEU B 900 51.33 8.02 -11.86
C LEU B 900 52.68 7.54 -12.38
N PRO B 901 53.17 6.40 -11.85
CA PRO B 901 54.40 5.79 -12.34
C PRO B 901 54.19 5.16 -13.71
N GLY B 902 55.28 4.93 -14.43
CA GLY B 902 55.21 4.32 -15.76
C GLY B 902 55.97 5.10 -16.82
N GLY B 903 55.89 6.43 -16.74
CA GLY B 903 56.62 7.30 -17.66
C GLY B 903 55.76 7.95 -18.73
N LEU B 904 54.68 7.27 -19.11
CA LEU B 904 53.80 7.76 -20.17
C LEU B 904 52.45 8.25 -19.64
N LEU B 905 51.73 7.36 -18.95
CA LEU B 905 50.46 7.73 -18.31
C LEU B 905 50.75 8.52 -17.03
N GLN B 906 50.29 9.77 -17.02
CA GLN B 906 50.58 10.69 -15.92
C GLN B 906 49.44 10.81 -14.90
N ARG B 907 48.25 11.16 -15.38
CA ARG B 907 47.09 11.33 -14.51
C ARG B 907 45.82 10.71 -15.09
N THR B 908 44.82 10.54 -14.23
CA THR B 908 43.54 9.96 -14.60
C THR B 908 42.38 10.74 -13.98
N ASP B 909 41.31 10.90 -14.75
CA ASP B 909 40.13 11.64 -14.31
C ASP B 909 39.37 10.94 -13.18
N THR B 910 39.14 9.64 -13.34
CA THR B 910 38.37 8.84 -12.39
C THR B 910 38.81 7.38 -12.40
N SER B 911 38.55 6.66 -11.31
CA SER B 911 38.91 5.24 -11.19
C SER B 911 38.60 4.45 -12.45
N CYS B 912 39.61 3.73 -12.96
CA CYS B 912 39.47 3.03 -14.24
C CYS B 912 40.55 1.98 -14.47
N LEU B 913 40.49 1.35 -15.64
CA LEU B 913 41.49 0.38 -16.08
C LEU B 913 42.17 0.89 -17.33
N VAL B 914 43.50 0.86 -17.33
CA VAL B 914 44.32 1.32 -18.46
C VAL B 914 45.44 0.32 -18.76
N MSE B 915 45.80 0.20 -20.03
CA MSE B 915 46.98 -0.58 -20.43
C MSE B 915 47.73 0.09 -21.58
O MSE B 915 47.12 0.57 -22.53
CB MSE B 915 46.57 -2.00 -20.81
CG MSE B 915 47.64 -3.02 -20.49
SE MSE B 915 47.39 -4.64 -21.49
CE MSE B 915 47.94 -5.92 -20.12
N VAL B 916 49.06 0.12 -21.46
CA VAL B 916 49.92 0.78 -22.43
C VAL B 916 50.88 -0.23 -23.05
N ARG B 917 50.86 -0.33 -24.39
CA ARG B 917 51.83 -1.16 -25.10
C ARG B 917 52.68 -0.31 -26.04
N LYS B 918 54.00 -0.46 -25.92
CA LYS B 918 54.95 0.30 -26.71
C LYS B 918 55.46 -0.51 -27.90
N GLU B 919 55.04 -0.12 -29.11
CA GLU B 919 55.52 -0.72 -30.35
C GLU B 919 56.96 -0.28 -30.61
N SER B 920 57.20 1.02 -30.45
CA SER B 920 58.53 1.62 -30.53
C SER B 920 58.49 2.96 -29.78
N ALA B 921 59.58 3.73 -29.84
CA ALA B 921 59.63 5.06 -29.24
C ALA B 921 58.62 6.02 -29.87
N ASP B 922 58.12 5.66 -31.06
CA ASP B 922 57.22 6.51 -31.82
C ASP B 922 55.76 6.06 -31.79
N LYS B 923 55.53 4.74 -31.68
CA LYS B 923 54.19 4.16 -31.79
C LYS B 923 53.74 3.46 -30.50
N VAL B 924 52.58 3.86 -29.98
CA VAL B 924 52.05 3.34 -28.73
C VAL B 924 50.57 2.95 -28.88
N LEU B 925 50.19 1.83 -28.27
CA LEU B 925 48.80 1.41 -28.23
C LEU B 925 48.21 1.66 -26.84
N LEU B 926 47.24 2.55 -26.79
CA LEU B 926 46.59 2.93 -25.52
C LEU B 926 45.19 2.35 -25.47
N THR B 927 44.85 1.73 -24.35
CA THR B 927 43.54 1.11 -24.16
C THR B 927 42.96 1.38 -22.76
N VAL B 928 41.70 1.78 -22.73
CA VAL B 928 41.04 2.19 -21.49
C VAL B 928 39.68 1.50 -21.34
N ALA B 929 39.35 1.11 -20.11
CA ALA B 929 38.05 0.54 -19.79
C ALA B 929 37.51 1.11 -18.49
N GLN B 930 36.19 1.25 -18.40
CA GLN B 930 35.53 1.65 -17.16
C GLN B 930 34.63 0.52 -16.66
N PRO B 931 35.13 -0.29 -15.70
CA PRO B 931 34.41 -1.44 -15.12
C PRO B 931 33.01 -1.11 -14.58
N ASP B 932 32.80 0.14 -14.18
CA ASP B 932 31.49 0.59 -13.71
C ASP B 932 30.49 0.56 -14.86
N LEU B 933 29.65 -0.48 -14.89
CA LEU B 933 28.58 -0.63 -15.87
C LEU B 933 27.59 0.54 -15.88
N ALA B 934 27.44 1.17 -14.70
CA ALA B 934 26.65 2.38 -14.52
C ALA B 934 25.17 2.26 -14.93
N LEU B 935 24.51 1.24 -14.41
CA LEU B 935 23.08 1.06 -14.64
C LEU B 935 22.29 2.07 -13.79
N TYR B 936 22.87 2.48 -12.66
CA TYR B 936 22.43 3.66 -11.92
C TYR B 936 23.63 4.50 -11.51
N ARG B 937 23.40 5.80 -11.31
CA ARG B 937 24.50 6.76 -11.23
C ARG B 937 25.06 7.11 -9.84
N GLY B 938 24.20 7.18 -8.83
CA GLY B 938 24.62 7.67 -7.52
C GLY B 938 25.39 6.67 -6.66
N PRO B 939 25.36 6.89 -5.32
CA PRO B 939 25.88 5.92 -4.35
C PRO B 939 25.06 4.63 -4.37
N SER B 940 25.68 3.54 -3.89
CA SER B 940 25.07 2.21 -3.93
C SER B 940 23.63 2.16 -3.43
N ASP B 941 22.77 1.47 -4.20
CA ASP B 941 21.36 1.33 -3.86
C ASP B 941 21.21 0.34 -2.72
N GLU B 942 20.88 0.85 -1.53
CA GLU B 942 20.89 0.02 -0.34
C GLU B 942 19.73 0.30 0.60
N ALA B 943 19.28 -0.73 1.29
CA ALA B 943 18.31 -0.62 2.36
C ALA B 943 19.02 -0.99 3.65
N PHE B 944 19.09 -0.04 4.59
CA PHE B 944 19.90 -0.21 5.79
C PHE B 944 19.13 -0.70 7.01
N ASP B 945 19.88 -1.37 7.89
CA ASP B 945 19.37 -1.90 9.15
C ASP B 945 19.25 -0.81 10.21
N LYS B 946 18.69 -1.18 11.36
CA LYS B 946 18.68 -0.34 12.56
C LYS B 946 20.13 -0.09 13.01
N ASP B 947 20.99 -1.10 12.79
CA ASP B 947 22.40 -1.06 13.17
C ASP B 947 23.31 -0.56 12.05
N GLY B 948 22.78 -0.53 10.82
CA GLY B 948 23.53 -0.01 9.68
C GLY B 948 24.06 -1.08 8.75
N LYS B 949 23.56 -2.31 8.92
CA LYS B 949 23.93 -3.43 8.06
C LYS B 949 23.10 -3.44 6.78
N ARG B 950 23.71 -3.89 5.70
CA ARG B 950 23.03 -4.01 4.41
C ARG B 950 21.99 -5.12 4.48
N MSE B 951 20.78 -4.82 4.01
CA MSE B 951 19.70 -5.80 4.03
C MSE B 951 19.64 -6.56 2.71
O MSE B 951 19.77 -5.98 1.64
CB MSE B 951 18.36 -5.14 4.31
CG MSE B 951 18.23 -4.64 5.73
SE MSE B 951 16.38 -4.23 6.16
CE MSE B 951 16.17 -2.46 5.35
N GLU B 952 19.45 -7.88 2.82
CA GLU B 952 19.32 -8.75 1.66
C GLU B 952 18.04 -8.42 0.91
N ARG B 953 18.21 -8.03 -0.35
CA ARG B 953 17.09 -7.79 -1.26
C ARG B 953 17.43 -8.46 -2.59
N SER B 954 16.49 -9.25 -3.11
CA SER B 954 16.73 -9.97 -4.36
C SER B 954 16.90 -8.99 -5.51
N ILE B 955 17.75 -9.35 -6.46
CA ILE B 955 18.02 -8.51 -7.63
C ILE B 955 16.74 -8.18 -8.41
N TYR B 956 15.78 -9.11 -8.42
CA TYR B 956 14.53 -8.95 -9.17
C TYR B 956 13.71 -7.75 -8.68
N SER B 957 13.97 -7.34 -7.44
CA SER B 957 13.21 -6.27 -6.79
C SER B 957 13.70 -4.88 -7.16
N ARG B 958 14.86 -4.79 -7.78
CA ARG B 958 15.48 -3.50 -8.10
C ARG B 958 14.90 -2.89 -9.37
N PRO B 959 14.62 -1.58 -9.35
CA PRO B 959 13.95 -0.92 -10.49
C PRO B 959 14.87 -0.59 -11.66
N TRP B 960 16.18 -0.76 -11.47
CA TRP B 960 17.18 -0.33 -12.45
C TRP B 960 17.74 -1.47 -13.32
N ILE B 961 17.20 -2.66 -13.14
CA ILE B 961 17.77 -3.87 -13.76
C ILE B 961 17.65 -3.94 -15.30
N ASP B 962 16.88 -3.03 -15.89
CA ASP B 962 16.71 -2.99 -17.34
C ASP B 962 17.34 -1.73 -17.95
N ASN B 963 18.09 -0.99 -17.14
CA ASN B 963 18.66 0.29 -17.57
C ASN B 963 19.79 0.14 -18.57
N GLU B 964 19.83 1.07 -19.53
CA GLU B 964 20.96 1.20 -20.45
C GLU B 964 22.21 1.47 -19.63
N SER B 965 23.33 0.86 -20.02
CA SER B 965 24.61 1.16 -19.40
C SER B 965 24.92 2.64 -19.59
N GLY B 966 25.19 3.34 -18.49
CA GLY B 966 25.45 4.78 -18.52
C GLY B 966 26.82 5.11 -19.05
N GLU B 967 26.90 6.20 -19.81
CA GLU B 967 28.16 6.65 -20.37
C GLU B 967 29.00 7.37 -19.31
N ILE B 968 30.26 6.95 -19.16
CA ILE B 968 31.17 7.58 -18.23
C ILE B 968 32.38 8.16 -18.97
N PRO B 969 32.57 9.49 -18.88
CA PRO B 969 33.75 10.12 -19.48
C PRO B 969 35.00 9.81 -18.65
N VAL B 970 36.05 9.35 -19.32
CA VAL B 970 37.35 9.10 -18.68
C VAL B 970 38.44 9.88 -19.41
N THR B 971 39.09 10.78 -18.68
CA THR B 971 40.15 11.63 -19.24
C THR B 971 41.54 11.16 -18.80
N VAL B 972 42.40 10.90 -19.77
CA VAL B 972 43.77 10.44 -19.51
C VAL B 972 44.81 11.50 -19.87
N THR B 973 45.82 11.63 -19.02
CA THR B 973 46.91 12.59 -19.23
C THR B 973 48.20 11.86 -19.62
N LEU B 974 48.77 12.23 -20.76
CA LEU B 974 49.94 11.56 -21.30
C LEU B 974 51.11 12.52 -21.50
N LYS B 975 52.32 12.05 -21.19
CA LYS B 975 53.52 12.87 -21.35
C LYS B 975 53.95 13.00 -22.81
N GLY B 976 54.21 14.24 -23.24
CA GLY B 976 54.71 14.51 -24.59
C GLY B 976 53.61 14.73 -25.61
N ARG B 977 54.02 15.11 -26.83
CA ARG B 977 53.09 15.33 -27.94
C ARG B 977 52.71 14.01 -28.60
N TRP B 978 51.40 13.78 -28.73
CA TRP B 978 50.88 12.57 -29.37
C TRP B 978 49.74 12.89 -30.35
N LYS B 979 49.79 12.25 -31.52
CA LYS B 979 48.75 12.40 -32.53
C LYS B 979 47.88 11.16 -32.58
N VAL B 980 46.57 11.36 -32.58
CA VAL B 980 45.60 10.26 -32.57
C VAL B 980 44.52 10.50 -33.63
N VAL B 981 44.03 9.41 -34.23
CA VAL B 981 42.89 9.48 -35.14
C VAL B 981 41.62 9.50 -34.30
N GLU B 982 40.85 10.58 -34.42
CA GLU B 982 39.65 10.79 -33.61
C GLU B 982 38.49 9.86 -33.99
N THR B 983 37.83 9.33 -32.96
CA THR B 983 36.68 8.44 -33.13
C THR B 983 35.52 9.00 -32.30
N PRO B 984 34.28 8.52 -32.56
CA PRO B 984 33.14 8.95 -31.73
C PRO B 984 33.34 8.72 -30.23
N TYR B 985 34.24 7.81 -29.87
CA TYR B 985 34.49 7.45 -28.47
C TYR B 985 35.81 8.01 -27.89
N CYS B 986 36.64 8.61 -28.74
CA CYS B 986 37.91 9.19 -28.29
C CYS B 986 38.21 10.52 -28.96
N LYS B 987 38.41 11.55 -28.14
CA LYS B 987 38.71 12.90 -28.61
C LYS B 987 39.87 13.51 -27.84
N VAL B 988 40.75 14.22 -28.55
CA VAL B 988 41.82 14.99 -27.93
C VAL B 988 41.24 16.28 -27.33
N VAL B 989 41.48 16.49 -26.04
CA VAL B 989 40.89 17.61 -25.31
C VAL B 989 41.83 18.80 -25.20
N SER B 990 43.03 18.56 -24.67
CA SER B 990 44.03 19.60 -24.51
C SER B 990 45.39 19.11 -25.01
N GLU B 991 46.18 20.05 -25.53
CA GLU B 991 47.46 19.71 -26.15
C GLU B 991 48.48 20.86 -26.04
N ASP B 992 49.69 20.50 -25.62
CA ASP B 992 50.83 21.40 -25.62
C ASP B 992 52.12 20.62 -25.84
N LYS B 993 53.26 21.28 -25.63
CA LYS B 993 54.58 20.68 -25.84
C LYS B 993 54.87 19.56 -24.84
N LYS B 994 54.31 19.68 -23.64
CA LYS B 994 54.62 18.78 -22.53
C LYS B 994 53.61 17.66 -22.36
N GLN B 995 52.34 17.94 -22.66
CA GLN B 995 51.25 16.98 -22.38
C GLN B 995 50.27 16.79 -23.54
N THR B 996 49.53 15.68 -23.47
CA THR B 996 48.42 15.41 -24.37
C THR B 996 47.32 14.68 -23.59
N VAL B 997 46.15 15.30 -23.46
CA VAL B 997 45.03 14.66 -22.76
C VAL B 997 43.89 14.25 -23.70
N LEU B 998 43.36 13.06 -23.46
CA LEU B 998 42.30 12.49 -24.30
C LEU B 998 41.07 12.14 -23.46
N ARG B 999 39.88 12.29 -24.06
CA ARG B 999 38.63 11.94 -23.40
C ARG B 999 37.99 10.70 -24.03
N PHE B 1000 37.83 9.66 -23.22
CA PHE B 1000 37.19 8.43 -23.65
C PHE B 1000 35.74 8.39 -23.19
N LEU B 1001 34.83 8.11 -24.12
CA LEU B 1001 33.41 7.97 -23.80
C LEU B 1001 33.08 6.49 -23.62
N CYS B 1002 33.04 6.06 -22.36
CA CYS B 1002 32.94 4.62 -22.04
C CYS B 1002 31.53 4.13 -21.71
N LYS B 1003 31.26 2.90 -22.12
CA LYS B 1003 29.99 2.22 -21.88
C LYS B 1003 30.20 0.72 -21.73
N ASP B 1004 29.22 0.04 -21.15
CA ASP B 1004 29.13 -1.43 -21.12
C ASP B 1004 30.33 -2.14 -20.48
N GLY B 1005 31.20 -1.37 -19.83
CA GLY B 1005 32.44 -1.91 -19.28
C GLY B 1005 33.36 -2.43 -20.37
N ALA B 1006 33.17 -1.94 -21.58
CA ALA B 1006 33.94 -2.38 -22.74
C ALA B 1006 35.32 -1.74 -22.78
N SER B 1007 36.20 -2.29 -23.60
CA SER B 1007 37.55 -1.77 -23.77
C SER B 1007 37.63 -0.94 -25.04
N TYR B 1008 38.02 0.33 -24.88
CA TYR B 1008 38.21 1.23 -25.99
C TYR B 1008 39.70 1.50 -26.18
N GLU B 1009 40.20 1.32 -27.40
CA GLU B 1009 41.63 1.51 -27.68
C GLU B 1009 41.92 2.38 -28.89
N VAL B 1010 43.03 3.11 -28.81
CA VAL B 1010 43.48 3.99 -29.88
C VAL B 1010 44.97 3.80 -30.18
N GLU B 1011 45.36 4.09 -31.41
CA GLU B 1011 46.75 4.04 -31.83
C GLU B 1011 47.37 5.44 -31.70
N LEU B 1012 48.49 5.51 -30.99
CA LEU B 1012 49.21 6.77 -30.75
C LEU B 1012 50.49 6.87 -31.57
N GLU B 1013 50.77 8.06 -32.08
CA GLU B 1013 52.01 8.32 -32.80
C GLU B 1013 52.62 9.67 -32.38
N LYS B 1014 53.92 9.66 -32.09
CA LYS B 1014 54.63 10.86 -31.65
C LYS B 1014 54.83 11.85 -32.79
CA CA C . -55.24 15.47 37.49
P PO4 D . -24.53 9.71 47.20
O1 PO4 D . -25.82 8.90 47.19
O2 PO4 D . -23.77 9.46 45.91
O3 PO4 D . -23.70 9.30 48.39
O4 PO4 D . -24.87 11.18 47.31
P PO4 E . -30.13 39.01 53.82
O1 PO4 E . -30.53 37.72 53.14
O2 PO4 E . -28.93 39.61 53.14
O3 PO4 E . -29.79 38.72 55.26
O4 PO4 E . -31.28 39.99 53.76
P PO4 F . -37.40 39.50 29.29
O1 PO4 F . -36.21 38.61 29.03
O2 PO4 F . -37.70 40.35 28.07
O3 PO4 F . -37.09 40.42 30.45
O4 PO4 F . -38.62 38.66 29.61
P PO4 G . 10.93 36.02 -1.42
O1 PO4 G . 12.32 36.43 -0.98
O2 PO4 G . 10.87 34.51 -1.51
O3 PO4 G . 10.65 36.61 -2.79
O4 PO4 G . 9.92 36.51 -0.43
P PO4 H . 9.09 16.75 17.36
O1 PO4 H . 9.01 15.48 18.18
O2 PO4 H . 10.54 17.03 17.00
O3 PO4 H . 8.55 17.91 18.16
O4 PO4 H . 8.29 16.60 16.09
P PO4 I . -43.29 30.49 52.77
O1 PO4 I . -42.53 29.60 53.73
O2 PO4 I . -42.63 30.45 51.39
O3 PO4 I . -43.29 31.92 53.29
O4 PO4 I . -44.71 30.01 52.66
P PO4 J . -27.47 13.19 20.98
O1 PO4 J . -27.75 13.34 19.50
O2 PO4 J . -26.34 12.21 21.20
O3 PO4 J . -27.07 14.53 21.56
O4 PO4 J . -28.70 12.67 21.68
P PO4 K . -35.81 17.12 17.44
O1 PO4 K . -36.90 16.07 17.38
O2 PO4 K . -36.04 18.03 18.62
O3 PO4 K . -34.47 16.44 17.58
O4 PO4 K . -35.84 17.94 16.16
CA CA L . -18.21 -41.70 -15.00
P PO4 M . -7.76 -17.49 -35.84
O1 PO4 M . -8.54 -16.23 -36.11
O2 PO4 M . -7.22 -18.05 -37.15
O3 PO4 M . -8.65 -18.52 -35.18
O4 PO4 M . -6.60 -17.17 -34.93
P PO4 N . 1.01 -44.48 -48.12
O1 PO4 N . 1.35 -45.88 -47.70
O2 PO4 N . 0.19 -43.81 -47.04
O3 PO4 N . 0.21 -44.53 -49.41
O4 PO4 N . 2.27 -43.68 -48.36
P PO4 O . 10.70 -47.25 -24.52
O1 PO4 O . 11.25 -48.16 -23.43
O2 PO4 O . 9.23 -46.99 -24.27
O3 PO4 O . 10.87 -47.92 -25.86
O4 PO4 O . 11.44 -45.93 -24.52
P PO4 P . 12.76 -21.11 -6.58
O1 PO4 P . 11.79 -20.87 -5.43
O2 PO4 P . 12.07 -20.88 -7.90
O3 PO4 P . 13.26 -22.53 -6.51
O4 PO4 P . 13.91 -20.13 -6.45
P PO4 Q . 5.90 -27.69 -8.31
O1 PO4 Q . 4.78 -27.77 -7.29
O2 PO4 Q . 5.73 -28.81 -9.33
O3 PO4 Q . 7.23 -27.84 -7.60
O4 PO4 Q . 5.85 -26.35 -9.04
P PO4 R . 6.94 -20.15 -14.10
O1 PO4 R . 7.60 -21.04 -15.15
O2 PO4 R . 5.60 -20.73 -13.72
O3 PO4 R . 7.82 -20.09 -12.88
O4 PO4 R . 6.75 -18.77 -14.67
P PO4 S . 19.27 -25.42 -14.93
O1 PO4 S . 19.87 -26.79 -14.74
O2 PO4 S . 18.44 -25.07 -13.70
O3 PO4 S . 20.37 -24.40 -15.10
O4 PO4 S . 18.37 -25.42 -16.15
P PO4 T . 13.80 -20.95 -14.33
O1 PO4 T . 12.30 -20.92 -14.31
O2 PO4 T . 14.35 -20.65 -12.95
O3 PO4 T . 14.28 -22.33 -14.73
O4 PO4 T . 14.30 -19.92 -15.31
#